data_7FAI
#
_entry.id   7FAI
#
_cell.length_a   74.819
_cell.length_b   98.600
_cell.length_c   205.969
_cell.angle_alpha   90.000
_cell.angle_beta   90.000
_cell.angle_gamma   90.000
#
_symmetry.space_group_name_H-M   'P 21 21 2'
#
loop_
_entity.id
_entity.type
_entity.pdbx_description
1 polymer 'Histone-arginine methyltransferase CARM1'
2 non-polymer "N'-[[3-[4-(3,5-dimethyl-1,2-oxazol-4-yl)-5-methyl-6-(oxan-4-ylamino)pyrimidin-2-yl]phenyl]methyl]-N-methyl-ethane-1,2-diamine"
3 water water
#
_entity_poly.entity_id   1
_entity_poly.type   'polypeptide(L)'
_entity_poly.pdbx_seq_one_letter_code
;EESSAVQYFQFYGYLSQQQNMMQDYVRTGTYQRAILQNHTDFKDKIVLDVGCGSGILSFFAAQAGARKIYAVEASTMAQH
AEVLVKSNNLTDRIVVIPGKVEEVSLPEQVDIIISEPMGYMLFNERMLESYLHAKKYLKPSGNMFPTIGDVHLAPFTDEQ
LYMEQFTKANFWYQPSFHGVDLSALRGAAVDEYFRQPVVDTFDIRILMAKSVKYTVNFLEAKEGDLHRIEIPFKFHMLHS
GLVHGLAFWFDVAFIGSIMTVWLSTAPTEPLTHWYQVRCLFQSPLFAKAGDTLSGTCLLIANKRQSYDISIVAQVDQTGS
KSSNLLDLKNPFFRYT
;
_entity_poly.pdbx_strand_id   A,B,C,D
#
# COMPACT_ATOMS: atom_id res chain seq x y z
N SER A 4 -37.87 2.73 -2.76
CA SER A 4 -36.94 3.85 -2.85
C SER A 4 -36.18 4.07 -1.53
N ALA A 5 -36.90 3.95 -0.42
CA ALA A 5 -36.28 4.13 0.89
C ALA A 5 -35.31 3.01 1.20
N VAL A 6 -35.62 1.79 0.73
CA VAL A 6 -34.69 0.70 0.92
C VAL A 6 -33.33 1.04 0.32
N GLN A 7 -33.34 1.55 -0.93
CA GLN A 7 -32.08 1.92 -1.58
C GLN A 7 -31.39 3.04 -0.84
N TYR A 8 -32.17 4.02 -0.37
CA TYR A 8 -31.59 5.15 0.34
C TYR A 8 -30.76 4.69 1.54
N PHE A 9 -31.33 3.81 2.38
CA PHE A 9 -30.57 3.38 3.55
C PHE A 9 -29.47 2.40 3.19
N GLN A 10 -29.66 1.61 2.13
CA GLN A 10 -28.56 0.76 1.64
C GLN A 10 -27.35 1.60 1.27
N PHE A 11 -27.59 2.73 0.60
CA PHE A 11 -26.49 3.61 0.19
C PHE A 11 -25.62 3.99 1.38
N TYR A 12 -26.23 4.22 2.53
CA TYR A 12 -25.46 4.66 3.69
C TYR A 12 -24.85 3.50 4.47
N GLY A 13 -25.17 2.25 4.12
CA GLY A 13 -24.44 1.12 4.68
C GLY A 13 -22.99 0.97 4.22
N TYR A 14 -22.52 1.76 3.25
CA TYR A 14 -21.16 1.59 2.74
C TYR A 14 -20.15 2.46 3.46
N LEU A 15 -19.08 1.83 3.97
CA LEU A 15 -17.99 2.61 4.55
C LEU A 15 -17.40 3.59 3.54
N SER A 16 -17.45 3.26 2.24
CA SER A 16 -16.91 4.19 1.26
C SER A 16 -17.74 5.47 1.21
N GLN A 17 -19.04 5.38 1.48
CA GLN A 17 -19.85 6.59 1.51
C GLN A 17 -19.56 7.41 2.76
N GLN A 18 -19.46 6.75 3.92
CA GLN A 18 -19.01 7.43 5.13
C GLN A 18 -17.68 8.12 4.92
N GLN A 19 -16.79 7.46 4.20
CA GLN A 19 -15.44 7.98 4.00
C GLN A 19 -15.47 9.23 3.14
N ASN A 20 -16.30 9.24 2.10
CA ASN A 20 -16.40 10.43 1.25
C ASN A 20 -16.82 11.64 2.06
N MET A 21 -17.76 11.45 3.00
CA MET A 21 -18.18 12.57 3.84
C MET A 21 -17.09 12.94 4.84
N MET A 22 -16.53 11.93 5.52
CA MET A 22 -15.52 12.20 6.54
C MET A 22 -14.30 12.88 5.94
N GLN A 23 -13.93 12.53 4.70
CA GLN A 23 -12.74 13.13 4.08
C GLN A 23 -12.97 14.57 3.62
N ASP A 24 -14.22 15.04 3.61
CA ASP A 24 -14.49 16.46 3.41
C ASP A 24 -14.03 17.17 4.67
N TYR A 25 -12.86 17.82 4.60
CA TYR A 25 -12.26 18.43 5.78
C TYR A 25 -13.02 19.68 6.21
N VAL A 26 -13.51 20.45 5.25
CA VAL A 26 -14.31 21.61 5.61
C VAL A 26 -15.52 21.18 6.42
N ARG A 27 -16.20 20.11 5.99
CA ARG A 27 -17.37 19.63 6.72
C ARG A 27 -17.00 19.08 8.09
N THR A 28 -16.06 18.15 8.15
CA THR A 28 -15.79 17.41 9.37
C THR A 28 -15.06 18.27 10.40
N GLY A 29 -14.08 19.05 9.93
CA GLY A 29 -13.40 19.99 10.81
C GLY A 29 -14.30 21.10 11.34
N THR A 30 -15.24 21.58 10.51
CA THR A 30 -16.16 22.61 11.00
C THR A 30 -17.14 22.06 12.02
N TYR A 31 -17.66 20.84 11.83
CA TYR A 31 -18.45 20.22 12.88
C TYR A 31 -17.63 20.08 14.17
N GLN A 32 -16.38 19.62 14.07
CA GLN A 32 -15.58 19.43 15.29
C GLN A 32 -15.34 20.76 16.00
N ARG A 33 -14.99 21.80 15.24
CA ARG A 33 -14.81 23.15 15.77
C ARG A 33 -16.08 23.67 16.45
N ALA A 34 -17.23 23.54 15.79
CA ALA A 34 -18.46 24.08 16.38
C ALA A 34 -18.79 23.39 17.71
N ILE A 35 -18.53 22.10 17.81
CA ILE A 35 -18.86 21.35 19.01
C ILE A 35 -17.85 21.62 20.11
N LEU A 36 -16.56 21.53 19.78
CA LEU A 36 -15.51 21.73 20.79
C LEU A 36 -15.43 23.18 21.26
N GLN A 37 -15.59 24.16 20.38
CA GLN A 37 -15.53 25.54 20.85
C GLN A 37 -16.82 25.99 21.54
N ASN A 38 -17.87 25.17 21.52
CA ASN A 38 -19.03 25.45 22.35
C ASN A 38 -19.16 24.37 23.42
N HIS A 39 -18.04 24.06 24.09
CA HIS A 39 -17.97 22.90 24.97
C HIS A 39 -18.97 22.96 26.11
N THR A 40 -19.40 24.18 26.49
CA THR A 40 -20.39 24.31 27.56
C THR A 40 -21.78 23.90 27.11
N ASP A 41 -22.02 23.83 25.81
CA ASP A 41 -23.29 23.26 25.37
C ASP A 41 -23.30 21.75 25.45
N PHE A 42 -22.16 21.12 25.69
CA PHE A 42 -22.07 19.67 25.69
C PHE A 42 -21.59 19.08 27.01
N LYS A 43 -20.84 19.84 27.79
CA LYS A 43 -20.24 19.32 29.02
C LYS A 43 -21.31 18.78 29.96
N ASP A 44 -21.24 17.48 30.25
CA ASP A 44 -22.15 16.78 31.15
C ASP A 44 -23.60 16.80 30.66
N LYS A 45 -23.83 17.06 29.37
CA LYS A 45 -25.17 17.12 28.82
C LYS A 45 -25.57 15.79 28.19
N ILE A 46 -26.85 15.70 27.83
CA ILE A 46 -27.41 14.55 27.13
C ILE A 46 -27.63 14.96 25.67
N VAL A 47 -27.15 14.16 24.74
CA VAL A 47 -27.19 14.59 23.34
C VAL A 47 -27.80 13.49 22.48
N LEU A 48 -28.45 13.91 21.39
CA LEU A 48 -28.98 13.00 20.38
C LEU A 48 -28.30 13.29 19.06
N ASP A 49 -27.73 12.25 18.44
CA ASP A 49 -27.04 12.33 17.14
C ASP A 49 -27.93 11.64 16.11
N VAL A 50 -28.52 12.41 15.20
CA VAL A 50 -29.53 11.88 14.27
C VAL A 50 -28.84 11.42 12.99
N GLY A 51 -28.99 10.14 12.66
CA GLY A 51 -28.33 9.63 11.47
C GLY A 51 -26.82 9.68 11.64
N CYS A 52 -26.31 9.00 12.66
CA CYS A 52 -24.90 9.16 13.04
C CYS A 52 -23.91 8.51 12.08
N GLY A 53 -24.36 7.65 11.17
CA GLY A 53 -23.41 6.98 10.29
C GLY A 53 -22.35 6.25 11.11
N SER A 54 -21.08 6.52 10.83
CA SER A 54 -19.97 5.87 11.54
C SER A 54 -19.81 6.38 12.96
N GLY A 55 -20.48 7.48 13.32
CA GLY A 55 -20.50 7.93 14.69
C GLY A 55 -19.60 9.11 14.97
N ILE A 56 -18.97 9.69 13.95
CA ILE A 56 -17.95 10.71 14.15
C ILE A 56 -18.46 11.87 15.01
N LEU A 57 -19.69 12.35 14.73
CA LEU A 57 -20.19 13.50 15.48
C LEU A 57 -20.45 13.13 16.94
N SER A 58 -20.88 11.90 17.20
CA SER A 58 -21.02 11.46 18.57
C SER A 58 -19.68 11.41 19.29
N PHE A 59 -18.60 11.05 18.59
CA PHE A 59 -17.29 11.09 19.23
C PHE A 59 -16.86 12.53 19.52
N PHE A 60 -17.22 13.47 18.65
CA PHE A 60 -16.90 14.88 18.92
C PHE A 60 -17.66 15.39 20.14
N ALA A 61 -18.94 15.03 20.26
CA ALA A 61 -19.70 15.39 21.45
C ALA A 61 -19.07 14.80 22.71
N ALA A 62 -18.51 13.60 22.59
CA ALA A 62 -17.81 12.97 23.72
C ALA A 62 -16.50 13.69 24.01
N GLN A 63 -15.78 14.13 22.97
CA GLN A 63 -14.59 14.94 23.18
C GLN A 63 -14.91 16.23 23.89
N ALA A 64 -16.11 16.78 23.66
CA ALA A 64 -16.53 17.99 24.36
C ALA A 64 -17.10 17.71 25.76
N GLY A 65 -17.08 16.46 26.22
CA GLY A 65 -17.49 16.17 27.59
C GLY A 65 -18.93 15.79 27.82
N ALA A 66 -19.69 15.43 26.79
CA ALA A 66 -21.08 15.05 27.01
C ALA A 66 -21.18 13.83 27.93
N ARG A 67 -22.23 13.82 28.76
CA ARG A 67 -22.42 12.72 29.70
C ARG A 67 -22.99 11.48 29.02
N LYS A 68 -23.92 11.68 28.09
CA LYS A 68 -24.58 10.57 27.41
C LYS A 68 -24.94 11.01 25.99
N ILE A 69 -24.65 10.16 25.02
CA ILE A 69 -24.93 10.42 23.61
C ILE A 69 -25.75 9.26 23.06
N TYR A 70 -26.95 9.55 22.57
CA TYR A 70 -27.75 8.58 21.85
C TYR A 70 -27.52 8.80 20.36
N ALA A 71 -26.96 7.81 19.68
CA ALA A 71 -26.61 7.90 18.27
C ALA A 71 -27.55 6.98 17.49
N VAL A 72 -28.44 7.58 16.70
CA VAL A 72 -29.48 6.83 16.00
C VAL A 72 -29.04 6.65 14.55
N GLU A 73 -29.06 5.40 14.08
CA GLU A 73 -28.66 5.10 12.70
C GLU A 73 -29.52 3.97 12.16
N ALA A 74 -30.16 4.22 11.00
CA ALA A 74 -31.09 3.28 10.40
C ALA A 74 -30.46 2.33 9.39
N SER A 75 -29.29 2.67 8.86
CA SER A 75 -28.62 1.76 7.94
C SER A 75 -27.80 0.73 8.71
N THR A 76 -27.25 -0.22 7.98
CA THR A 76 -26.37 -1.23 8.58
C THR A 76 -25.04 -0.66 9.04
N MET A 77 -24.77 0.62 8.77
CA MET A 77 -23.65 1.34 9.38
C MET A 77 -23.75 1.37 10.92
N ALA A 78 -24.96 1.22 11.47
CA ALA A 78 -25.12 1.16 12.92
C ALA A 78 -24.20 0.10 13.54
N GLN A 79 -24.04 -1.04 12.86
CA GLN A 79 -23.19 -2.10 13.41
C GLN A 79 -21.73 -1.67 13.41
N HIS A 80 -21.29 -0.90 12.42
CA HIS A 80 -19.90 -0.44 12.44
C HIS A 80 -19.70 0.64 13.50
N ALA A 81 -20.71 1.50 13.72
CA ALA A 81 -20.59 2.51 14.76
C ALA A 81 -20.44 1.86 16.13
N GLU A 82 -21.18 0.79 16.41
CA GLU A 82 -21.05 0.14 17.70
C GLU A 82 -19.65 -0.44 17.88
N VAL A 83 -19.03 -0.92 16.81
CA VAL A 83 -17.67 -1.45 16.88
C VAL A 83 -16.69 -0.33 17.25
N LEU A 84 -16.84 0.84 16.64
CA LEU A 84 -16.00 1.98 16.99
C LEU A 84 -16.25 2.45 18.42
N VAL A 85 -17.50 2.44 18.88
CA VAL A 85 -17.75 2.91 20.24
C VAL A 85 -17.03 2.00 21.25
N LYS A 86 -17.15 0.67 21.07
CA LYS A 86 -16.44 -0.30 21.92
C LYS A 86 -14.92 -0.14 21.83
N SER A 87 -14.39 -0.07 20.60
CA SER A 87 -12.95 0.01 20.42
C SER A 87 -12.37 1.33 20.94
N ASN A 88 -13.18 2.38 21.01
CA ASN A 88 -12.74 3.66 21.56
C ASN A 88 -13.09 3.80 23.04
N ASN A 89 -13.55 2.73 23.68
CA ASN A 89 -13.76 2.67 25.13
C ASN A 89 -14.79 3.69 25.61
N LEU A 90 -15.90 3.79 24.86
CA LEU A 90 -16.95 4.77 25.13
C LEU A 90 -18.33 4.15 25.31
N THR A 91 -18.41 2.84 25.58
CA THR A 91 -19.73 2.22 25.71
C THR A 91 -20.51 2.78 26.90
N ASP A 92 -19.84 3.40 27.87
CA ASP A 92 -20.53 4.02 28.99
C ASP A 92 -21.17 5.36 28.62
N ARG A 93 -20.84 5.94 27.47
CA ARG A 93 -21.28 7.30 27.14
C ARG A 93 -21.96 7.44 25.77
N ILE A 94 -21.74 6.53 24.83
CA ILE A 94 -22.42 6.58 23.54
C ILE A 94 -23.23 5.31 23.38
N VAL A 95 -24.52 5.45 23.15
CA VAL A 95 -25.41 4.31 22.96
C VAL A 95 -25.94 4.39 21.55
N VAL A 96 -25.52 3.45 20.70
CA VAL A 96 -26.05 3.38 19.35
C VAL A 96 -27.44 2.76 19.40
N ILE A 97 -28.40 3.41 18.78
CA ILE A 97 -29.78 2.96 18.70
C ILE A 97 -30.11 2.72 17.24
N PRO A 98 -30.08 1.46 16.78
CA PRO A 98 -30.40 1.17 15.38
C PRO A 98 -31.87 1.45 15.06
N GLY A 99 -32.10 2.22 14.01
CA GLY A 99 -33.45 2.43 13.52
C GLY A 99 -33.61 3.85 13.01
N LYS A 100 -34.82 4.12 12.51
CA LYS A 100 -35.16 5.47 12.05
C LYS A 100 -35.54 6.32 13.24
N VAL A 101 -35.13 7.59 13.21
CA VAL A 101 -35.40 8.45 14.35
C VAL A 101 -36.89 8.60 14.59
N GLU A 102 -37.71 8.38 13.56
CA GLU A 102 -39.15 8.41 13.73
C GLU A 102 -39.70 7.17 14.41
N GLU A 103 -38.88 6.12 14.57
CA GLU A 103 -39.41 4.84 15.04
C GLU A 103 -38.76 4.29 16.31
N VAL A 104 -37.58 4.78 16.68
CA VAL A 104 -36.90 4.28 17.87
C VAL A 104 -37.55 4.87 19.12
N SER A 105 -37.18 4.34 20.29
CA SER A 105 -37.51 4.96 21.57
C SER A 105 -36.21 5.41 22.22
N LEU A 106 -36.13 6.75 22.55
CA LEU A 106 -35.04 7.13 23.44
C LEU A 106 -35.48 6.94 24.88
N PRO A 107 -34.56 6.61 25.80
CA PRO A 107 -34.94 6.45 27.20
C PRO A 107 -35.15 7.75 27.96
N GLU A 108 -34.76 8.90 27.42
CA GLU A 108 -34.90 10.18 28.13
C GLU A 108 -34.88 11.30 27.10
N GLN A 109 -35.23 12.50 27.55
CA GLN A 109 -35.12 13.71 26.75
C GLN A 109 -33.67 14.19 26.74
N VAL A 110 -33.32 14.99 25.72
CA VAL A 110 -31.93 15.40 25.51
C VAL A 110 -31.84 16.92 25.57
N ASP A 111 -30.62 17.40 25.85
CA ASP A 111 -30.30 18.83 25.88
C ASP A 111 -29.97 19.39 24.51
N ILE A 112 -29.44 18.58 23.60
CA ILE A 112 -29.05 19.11 22.29
C ILE A 112 -29.15 17.99 21.26
N ILE A 113 -29.55 18.36 20.04
CA ILE A 113 -29.55 17.45 18.91
C ILE A 113 -28.44 17.89 17.96
N ILE A 114 -27.61 16.95 17.52
CA ILE A 114 -26.60 17.19 16.50
C ILE A 114 -26.92 16.31 15.31
N SER A 115 -26.65 16.83 14.11
CA SER A 115 -26.92 16.06 12.91
C SER A 115 -26.15 16.69 11.76
N GLU A 116 -25.95 15.90 10.72
CA GLU A 116 -25.49 16.40 9.42
C GLU A 116 -26.56 15.93 8.45
N PRO A 117 -27.68 16.66 8.37
CA PRO A 117 -28.81 16.23 7.53
C PRO A 117 -28.89 16.91 6.17
N MET A 118 -27.83 17.58 5.73
CA MET A 118 -27.87 18.35 4.49
C MET A 118 -27.62 17.45 3.29
N GLY A 119 -28.57 17.39 2.36
CA GLY A 119 -28.33 16.77 1.06
C GLY A 119 -27.66 17.76 0.10
N TYR A 120 -27.34 17.28 -1.11
CA TYR A 120 -26.94 18.27 -2.09
C TYR A 120 -28.16 19.16 -2.36
N MET A 121 -27.89 20.42 -2.70
CA MET A 121 -28.90 21.48 -2.72
C MET A 121 -29.62 21.62 -1.39
N LEU A 122 -28.99 21.14 -0.31
CA LEU A 122 -29.52 21.17 1.06
C LEU A 122 -30.67 20.19 1.26
N PHE A 123 -31.69 20.28 0.41
CA PHE A 123 -32.96 19.61 0.63
C PHE A 123 -33.04 18.17 0.15
N ASN A 124 -32.18 17.74 -0.79
CA ASN A 124 -32.23 16.33 -1.17
C ASN A 124 -32.07 15.44 0.06
N GLU A 125 -32.76 14.28 0.02
CA GLU A 125 -32.74 13.18 1.00
C GLU A 125 -33.87 13.31 2.02
N ARG A 126 -34.46 14.51 2.14
CA ARG A 126 -35.52 14.80 3.11
C ARG A 126 -35.11 14.42 4.54
N MET A 127 -33.83 14.49 4.84
CA MET A 127 -33.38 14.19 6.19
C MET A 127 -33.56 15.37 7.15
N LEU A 128 -33.71 16.60 6.64
CA LEU A 128 -34.06 17.72 7.50
C LEU A 128 -35.36 17.46 8.26
N GLU A 129 -36.31 16.76 7.63
CA GLU A 129 -37.54 16.41 8.31
C GLU A 129 -37.30 15.42 9.44
N SER A 130 -36.41 14.45 9.23
CA SER A 130 -36.05 13.52 10.31
C SER A 130 -35.40 14.29 11.46
N TYR A 131 -34.52 15.23 11.13
CA TYR A 131 -33.89 16.11 12.12
C TYR A 131 -34.92 16.91 12.91
N LEU A 132 -35.86 17.55 12.22
CA LEU A 132 -36.93 18.29 12.90
C LEU A 132 -37.82 17.35 13.70
N HIS A 133 -38.15 16.18 13.13
CA HIS A 133 -38.96 15.22 13.86
C HIS A 133 -38.33 14.88 15.20
N ALA A 134 -37.00 14.82 15.25
CA ALA A 134 -36.31 14.41 16.46
C ALA A 134 -36.52 15.38 17.62
N LYS A 135 -37.02 16.59 17.35
CA LYS A 135 -37.23 17.58 18.41
C LYS A 135 -38.28 17.14 19.43
N LYS A 136 -39.06 16.09 19.13
CA LYS A 136 -39.90 15.51 20.16
C LYS A 136 -39.09 15.01 21.35
N TYR A 137 -37.79 14.77 21.19
CA TYR A 137 -36.92 14.39 22.28
C TYR A 137 -36.16 15.54 22.90
N LEU A 138 -36.35 16.76 22.40
CA LEU A 138 -35.58 17.92 22.85
C LEU A 138 -36.25 18.56 24.06
N LYS A 139 -35.48 18.77 25.13
CA LYS A 139 -35.97 19.53 26.27
C LYS A 139 -36.26 20.98 25.87
N PRO A 140 -37.20 21.64 26.55
CA PRO A 140 -37.44 23.07 26.31
C PRO A 140 -36.15 23.86 26.44
N SER A 141 -35.96 24.83 25.55
CA SER A 141 -34.68 25.53 25.41
C SER A 141 -33.49 24.57 25.26
N GLY A 142 -33.72 23.35 24.75
CA GLY A 142 -32.63 22.61 24.15
C GLY A 142 -32.13 23.31 22.90
N ASN A 143 -30.97 22.90 22.39
CA ASN A 143 -30.38 23.51 21.21
C ASN A 143 -30.32 22.52 20.04
N MET A 144 -30.09 23.04 18.83
CA MET A 144 -29.93 22.25 17.60
C MET A 144 -28.64 22.65 16.93
N PHE A 145 -27.81 21.66 16.60
CA PHE A 145 -26.52 21.87 15.92
C PHE A 145 -26.54 21.03 14.64
N PRO A 146 -26.80 21.61 13.47
CA PRO A 146 -26.91 23.06 13.20
C PRO A 146 -28.23 23.67 13.66
N THR A 147 -28.23 24.99 13.86
CA THR A 147 -29.38 25.73 14.38
C THR A 147 -30.24 26.31 13.29
N ILE A 148 -29.61 26.82 12.23
CA ILE A 148 -30.33 27.42 11.12
C ILE A 148 -29.64 26.99 9.82
N GLY A 149 -30.38 27.08 8.72
CA GLY A 149 -29.86 26.79 7.41
C GLY A 149 -30.32 27.83 6.41
N ASP A 150 -29.39 28.40 5.64
CA ASP A 150 -29.65 29.41 4.62
C ASP A 150 -29.40 28.79 3.25
N VAL A 151 -30.42 28.77 2.41
CA VAL A 151 -30.25 28.47 0.99
C VAL A 151 -30.07 29.78 0.25
N HIS A 152 -29.09 29.83 -0.65
CA HIS A 152 -28.92 30.95 -1.55
C HIS A 152 -29.24 30.54 -2.97
N LEU A 153 -29.95 31.43 -3.69
CA LEU A 153 -30.22 31.26 -5.11
C LEU A 153 -29.79 32.52 -5.84
N ALA A 154 -29.16 32.36 -7.00
CA ALA A 154 -28.73 33.49 -7.83
C ALA A 154 -28.82 33.11 -9.30
N PRO A 155 -29.24 34.04 -10.17
CA PRO A 155 -29.23 33.76 -11.61
C PRO A 155 -27.81 33.74 -12.17
N PHE A 156 -27.59 32.88 -13.15
CA PHE A 156 -26.26 32.76 -13.76
C PHE A 156 -26.38 32.78 -15.29
N THR A 157 -25.28 33.12 -15.93
CA THR A 157 -25.12 32.92 -17.36
C THR A 157 -23.95 31.97 -17.60
N ASP A 158 -24.20 30.92 -18.39
CA ASP A 158 -23.16 29.93 -18.68
C ASP A 158 -23.54 29.28 -20.01
N GLU A 159 -23.18 29.97 -21.09
CA GLU A 159 -23.60 29.52 -22.42
C GLU A 159 -23.03 28.14 -22.72
N GLN A 160 -21.78 27.88 -22.30
CA GLN A 160 -21.16 26.59 -22.60
C GLN A 160 -21.80 25.44 -21.81
N LEU A 161 -22.24 25.68 -20.58
CA LEU A 161 -23.00 24.64 -19.88
C LEU A 161 -24.32 24.38 -20.58
N TYR A 162 -25.02 25.43 -20.98
CA TYR A 162 -26.29 25.28 -21.67
C TYR A 162 -26.13 24.45 -22.93
N MET A 163 -25.09 24.73 -23.71
CA MET A 163 -24.91 24.10 -25.02
C MET A 163 -24.51 22.63 -24.88
N GLU A 164 -23.78 22.28 -23.82
CA GLU A 164 -23.54 20.90 -23.42
C GLU A 164 -24.80 20.05 -23.54
N GLN A 165 -25.96 20.63 -23.23
CA GLN A 165 -27.23 19.90 -23.21
C GLN A 165 -27.65 19.45 -24.60
N PHE A 166 -27.72 20.39 -25.53
CA PHE A 166 -28.16 20.06 -26.87
C PHE A 166 -27.13 19.24 -27.61
N THR A 167 -25.85 19.43 -27.28
CA THR A 167 -24.84 18.53 -27.76
C THR A 167 -25.22 17.09 -27.44
N LYS A 168 -25.56 16.83 -26.18
CA LYS A 168 -25.90 15.46 -25.80
C LYS A 168 -27.22 15.03 -26.42
N ALA A 169 -28.19 15.92 -26.48
CA ALA A 169 -29.49 15.50 -26.96
C ALA A 169 -29.52 15.36 -28.48
N ASN A 170 -28.63 16.05 -29.20
CA ASN A 170 -28.65 15.97 -30.65
C ASN A 170 -28.19 14.62 -31.18
N PHE A 171 -27.68 13.75 -30.31
CA PHE A 171 -27.58 12.33 -30.67
C PHE A 171 -28.88 11.82 -31.29
N TRP A 172 -30.01 12.26 -30.76
CA TRP A 172 -31.28 11.75 -31.25
C TRP A 172 -31.73 12.44 -32.55
N TYR A 173 -31.12 13.56 -32.93
CA TYR A 173 -31.47 14.19 -34.21
C TYR A 173 -30.69 13.57 -35.37
N GLN A 174 -30.89 12.28 -35.57
CA GLN A 174 -30.21 11.54 -36.63
C GLN A 174 -31.29 10.87 -37.47
N PRO A 175 -31.51 11.31 -38.70
CA PRO A 175 -32.52 10.65 -39.54
C PRO A 175 -32.12 9.27 -39.99
N SER A 176 -30.85 8.91 -39.88
CA SER A 176 -30.39 7.59 -40.32
C SER A 176 -29.27 7.10 -39.40
N PHE A 177 -29.61 6.83 -38.15
CA PHE A 177 -28.72 6.12 -37.23
C PHE A 177 -28.85 4.63 -37.54
N HIS A 178 -27.85 4.06 -38.23
CA HIS A 178 -27.95 2.68 -38.73
C HIS A 178 -29.24 2.45 -39.52
N GLY A 179 -29.70 3.48 -40.23
CA GLY A 179 -30.90 3.41 -41.03
C GLY A 179 -32.20 3.74 -40.29
N VAL A 180 -32.12 4.10 -39.00
CA VAL A 180 -33.29 4.39 -38.18
C VAL A 180 -33.35 5.89 -37.96
N ASP A 181 -34.53 6.48 -38.14
CA ASP A 181 -34.73 7.90 -37.87
C ASP A 181 -35.05 8.06 -36.39
N LEU A 182 -34.13 8.67 -35.64
CA LEU A 182 -34.31 8.88 -34.21
C LEU A 182 -35.02 10.18 -33.88
N SER A 183 -35.25 11.04 -34.88
CA SER A 183 -35.38 12.46 -34.58
C SER A 183 -36.63 12.77 -33.79
N ALA A 184 -37.65 11.89 -33.84
CA ALA A 184 -38.88 12.14 -33.11
C ALA A 184 -38.67 12.15 -31.59
N LEU A 185 -37.57 11.60 -31.08
CA LEU A 185 -37.31 11.58 -29.65
C LEU A 185 -36.41 12.72 -29.19
N ARG A 186 -36.07 13.64 -30.10
CA ARG A 186 -35.12 14.70 -29.76
C ARG A 186 -35.66 15.62 -28.66
N GLY A 187 -36.93 16.00 -28.77
CA GLY A 187 -37.55 16.83 -27.74
C GLY A 187 -37.55 16.15 -26.38
N ALA A 188 -37.88 14.86 -26.35
CA ALA A 188 -37.86 14.13 -25.09
C ALA A 188 -36.45 14.03 -24.52
N ALA A 189 -35.43 13.88 -25.39
CA ALA A 189 -34.07 13.80 -24.87
C ALA A 189 -33.63 15.14 -24.27
N VAL A 190 -33.99 16.24 -24.95
CA VAL A 190 -33.70 17.57 -24.41
C VAL A 190 -34.35 17.72 -23.03
N ASP A 191 -35.65 17.42 -22.93
CA ASP A 191 -36.37 17.52 -21.66
C ASP A 191 -35.67 16.72 -20.59
N GLU A 192 -35.19 15.52 -20.94
CA GLU A 192 -34.57 14.66 -19.95
C GLU A 192 -33.32 15.33 -19.38
N TYR A 193 -32.49 15.93 -20.24
CA TYR A 193 -31.27 16.53 -19.74
C TYR A 193 -31.56 17.77 -18.89
N PHE A 194 -32.49 18.61 -19.34
CA PHE A 194 -32.83 19.82 -18.59
C PHE A 194 -33.58 19.52 -17.29
N ARG A 195 -34.19 18.36 -17.15
CA ARG A 195 -34.78 18.07 -15.85
C ARG A 195 -33.76 17.74 -14.77
N GLN A 196 -32.46 17.63 -15.09
CA GLN A 196 -31.47 17.21 -14.10
C GLN A 196 -30.76 18.42 -13.54
N PRO A 197 -30.83 18.68 -12.23
CA PRO A 197 -29.94 19.68 -11.64
C PRO A 197 -28.49 19.28 -11.85
N VAL A 198 -27.64 20.27 -12.08
CA VAL A 198 -26.22 20.04 -12.37
C VAL A 198 -25.44 20.26 -11.09
N VAL A 199 -24.92 19.18 -10.53
CA VAL A 199 -24.13 19.23 -9.30
C VAL A 199 -22.67 19.35 -9.69
N ASP A 200 -22.07 20.49 -9.37
CA ASP A 200 -20.70 20.81 -9.75
C ASP A 200 -20.41 22.20 -9.22
N THR A 201 -19.14 22.50 -9.09
CA THR A 201 -18.76 23.85 -8.73
C THR A 201 -18.66 24.68 -10.01
N PHE A 202 -18.39 25.97 -9.86
CA PHE A 202 -18.35 26.87 -10.99
C PHE A 202 -17.60 28.13 -10.59
N ASP A 203 -17.20 28.89 -11.61
CA ASP A 203 -16.61 30.20 -11.44
C ASP A 203 -17.67 31.23 -11.08
N ILE A 204 -17.42 32.05 -10.06
CA ILE A 204 -18.43 32.98 -9.59
C ILE A 204 -18.73 34.07 -10.61
N ARG A 205 -17.89 34.21 -11.63
CA ARG A 205 -18.18 35.22 -12.63
C ARG A 205 -19.39 34.87 -13.49
N ILE A 206 -19.93 33.64 -13.39
CA ILE A 206 -21.20 33.38 -14.07
C ILE A 206 -22.38 34.05 -13.37
N LEU A 207 -22.22 34.49 -12.12
CA LEU A 207 -23.36 34.97 -11.34
C LEU A 207 -23.70 36.38 -11.77
N MET A 208 -25.01 36.66 -11.93
CA MET A 208 -25.47 37.90 -12.53
C MET A 208 -26.17 38.85 -11.56
N ALA A 209 -26.33 38.45 -10.30
CA ALA A 209 -27.06 39.28 -9.34
C ALA A 209 -26.74 38.75 -7.96
N LYS A 210 -26.99 39.60 -6.96
CA LYS A 210 -26.82 39.19 -5.57
C LYS A 210 -27.85 38.13 -5.22
N SER A 211 -27.43 37.15 -4.42
CA SER A 211 -28.29 36.00 -4.16
C SER A 211 -29.48 36.38 -3.27
N VAL A 212 -30.58 35.67 -3.44
CA VAL A 212 -31.68 35.66 -2.49
C VAL A 212 -31.40 34.58 -1.45
N LYS A 213 -31.77 34.85 -0.22
CA LYS A 213 -31.53 33.96 0.92
C LYS A 213 -32.86 33.46 1.45
N TYR A 214 -32.98 32.15 1.64
CA TYR A 214 -34.15 31.56 2.28
C TYR A 214 -33.67 30.76 3.49
N THR A 215 -34.26 31.04 4.66
CA THR A 215 -33.72 30.54 5.94
C THR A 215 -34.69 29.55 6.57
N VAL A 216 -34.18 28.38 6.95
CA VAL A 216 -34.92 27.47 7.82
C VAL A 216 -34.31 27.57 9.22
N ASN A 217 -35.14 27.92 10.19
CA ASN A 217 -34.70 27.94 11.58
C ASN A 217 -35.08 26.59 12.18
N PHE A 218 -34.08 25.73 12.43
CA PHE A 218 -34.33 24.37 12.89
C PHE A 218 -34.87 24.33 14.31
N LEU A 219 -34.61 25.35 15.12
CA LEU A 219 -35.25 25.44 16.43
C LEU A 219 -36.73 25.70 16.32
N GLU A 220 -37.14 26.43 15.29
CA GLU A 220 -38.53 26.86 15.21
C GLU A 220 -39.36 26.07 14.21
N ALA A 221 -38.74 25.48 13.18
CA ALA A 221 -39.53 24.88 12.11
C ALA A 221 -40.18 23.57 12.54
N LYS A 222 -41.31 23.26 11.93
CA LYS A 222 -41.98 21.99 12.11
C LYS A 222 -41.73 21.12 10.89
N GLU A 223 -41.78 19.80 11.12
CA GLU A 223 -41.53 18.83 10.06
C GLU A 223 -42.35 19.15 8.81
N GLY A 224 -43.64 19.46 9.01
CA GLY A 224 -44.51 19.71 7.87
C GLY A 224 -44.16 20.96 7.09
N ASP A 225 -43.40 21.88 7.67
CA ASP A 225 -42.97 23.08 6.96
C ASP A 225 -42.08 22.74 5.77
N LEU A 226 -41.49 21.55 5.76
CA LEU A 226 -40.59 21.21 4.67
C LEU A 226 -41.26 20.43 3.56
N HIS A 227 -42.57 20.17 3.65
CA HIS A 227 -43.24 19.45 2.58
C HIS A 227 -43.42 20.33 1.35
N ARG A 228 -43.53 21.65 1.55
CA ARG A 228 -43.79 22.60 0.47
C ARG A 228 -42.91 23.81 0.75
N ILE A 229 -41.92 24.05 -0.08
CA ILE A 229 -40.96 25.12 0.15
C ILE A 229 -41.09 26.10 -1.00
N GLU A 230 -41.66 27.27 -0.73
CA GLU A 230 -41.91 28.29 -1.74
C GLU A 230 -40.90 29.40 -1.55
N ILE A 231 -40.05 29.62 -2.54
CA ILE A 231 -39.00 30.62 -2.41
C ILE A 231 -39.22 31.71 -3.44
N PRO A 232 -39.89 32.81 -3.09
CA PRO A 232 -40.03 33.91 -4.05
C PRO A 232 -38.68 34.57 -4.27
N PHE A 233 -38.53 35.19 -5.43
CA PHE A 233 -37.31 35.95 -5.65
C PHE A 233 -37.58 37.11 -6.59
N LYS A 234 -36.90 38.22 -6.34
CA LYS A 234 -36.79 39.34 -7.27
C LYS A 234 -35.31 39.70 -7.31
N PHE A 235 -34.64 39.37 -8.41
CA PHE A 235 -33.23 39.71 -8.55
C PHE A 235 -33.11 41.04 -9.28
N HIS A 236 -32.23 41.89 -8.80
CA HIS A 236 -31.88 43.11 -9.53
C HIS A 236 -30.59 42.81 -10.28
N MET A 237 -30.71 42.69 -11.61
CA MET A 237 -29.59 42.22 -12.41
C MET A 237 -28.43 43.22 -12.36
N LEU A 238 -27.25 42.76 -11.93
CA LEU A 238 -26.04 43.58 -11.99
C LEU A 238 -25.32 43.50 -13.33
N HIS A 239 -25.60 42.48 -14.14
CA HIS A 239 -24.96 42.32 -15.43
C HIS A 239 -26.03 42.03 -16.46
N SER A 240 -25.75 42.41 -17.69
CA SER A 240 -26.59 42.01 -18.81
C SER A 240 -26.14 40.66 -19.31
N GLY A 241 -27.07 39.91 -19.90
CA GLY A 241 -26.70 38.67 -20.53
C GLY A 241 -27.89 37.76 -20.63
N LEU A 242 -27.61 36.56 -21.10
CA LEU A 242 -28.60 35.50 -21.19
C LEU A 242 -28.60 34.73 -19.88
N VAL A 243 -29.71 34.79 -19.14
CA VAL A 243 -29.88 34.02 -17.91
C VAL A 243 -30.20 32.58 -18.29
N HIS A 244 -29.28 31.66 -17.99
CA HIS A 244 -29.46 30.26 -18.31
C HIS A 244 -30.00 29.43 -17.14
N GLY A 245 -30.15 30.01 -15.96
CA GLY A 245 -30.77 29.28 -14.87
C GLY A 245 -30.44 29.90 -13.53
N LEU A 246 -30.69 29.11 -12.48
CA LEU A 246 -30.46 29.53 -11.11
C LEU A 246 -29.43 28.62 -10.47
N ALA A 247 -28.46 29.23 -9.77
CA ALA A 247 -27.44 28.52 -9.02
C ALA A 247 -27.84 28.51 -7.55
N PHE A 248 -27.51 27.41 -6.87
CA PHE A 248 -27.92 27.17 -5.49
C PHE A 248 -26.71 26.75 -4.68
N TRP A 249 -26.61 27.31 -3.47
CA TRP A 249 -25.69 26.79 -2.47
C TRP A 249 -26.34 26.99 -1.10
N PHE A 250 -25.69 26.49 -0.05
CA PHE A 250 -26.24 26.68 1.28
C PHE A 250 -25.16 26.88 2.34
N ASP A 251 -25.57 27.51 3.44
CA ASP A 251 -24.77 27.63 4.65
C ASP A 251 -25.59 27.13 5.82
N VAL A 252 -24.91 26.59 6.84
CA VAL A 252 -25.56 26.36 8.12
C VAL A 252 -24.73 26.98 9.23
N ALA A 253 -25.41 27.38 10.30
CA ALA A 253 -24.80 28.04 11.45
C ALA A 253 -25.04 27.19 12.69
N PHE A 254 -23.98 27.00 13.49
CA PHE A 254 -24.08 26.37 14.80
C PHE A 254 -24.06 27.51 15.82
N ILE A 255 -25.21 27.84 16.37
CA ILE A 255 -25.35 29.01 17.24
C ILE A 255 -25.22 28.49 18.68
N GLY A 256 -23.96 28.42 19.17
CA GLY A 256 -23.68 27.92 20.49
C GLY A 256 -23.69 29.05 21.52
N SER A 257 -23.56 28.67 22.81
CA SER A 257 -23.51 29.69 23.87
C SER A 257 -22.22 30.49 23.83
N ILE A 258 -21.12 29.90 23.39
CA ILE A 258 -19.85 30.62 23.31
C ILE A 258 -19.71 31.35 21.98
N MET A 259 -20.02 30.68 20.87
CA MET A 259 -19.87 31.37 19.59
C MET A 259 -20.74 30.70 18.53
N THR A 260 -20.91 31.41 17.42
CA THR A 260 -21.59 30.87 16.26
C THR A 260 -20.53 30.46 15.25
N VAL A 261 -20.62 29.23 14.76
CA VAL A 261 -19.71 28.70 13.74
C VAL A 261 -20.53 28.43 12.48
N TRP A 262 -19.98 28.83 11.33
CA TRP A 262 -20.66 28.70 10.04
C TRP A 262 -19.98 27.63 9.19
N LEU A 263 -20.80 26.80 8.55
CA LEU A 263 -20.37 25.88 7.51
C LEU A 263 -21.00 26.33 6.19
N SER A 264 -20.18 26.75 5.24
CA SER A 264 -20.66 27.28 3.97
C SER A 264 -20.28 26.38 2.80
N THR A 265 -21.20 26.22 1.85
CA THR A 265 -20.89 25.55 0.59
C THR A 265 -20.94 26.54 -0.57
N ALA A 266 -20.77 27.83 -0.26
CA ALA A 266 -20.84 28.86 -1.28
C ALA A 266 -19.68 28.74 -2.26
N PRO A 267 -19.89 29.18 -3.52
CA PRO A 267 -18.81 29.09 -4.53
C PRO A 267 -17.68 30.08 -4.29
N THR A 268 -17.87 31.04 -3.41
CA THR A 268 -16.80 31.91 -2.92
C THR A 268 -15.98 31.28 -1.80
N GLU A 269 -16.36 30.11 -1.33
CA GLU A 269 -15.69 29.44 -0.23
C GLU A 269 -15.01 28.18 -0.73
N PRO A 270 -14.03 27.66 0.01
CA PRO A 270 -13.37 26.42 -0.42
C PRO A 270 -14.38 25.31 -0.68
N LEU A 271 -14.03 24.47 -1.65
CA LEU A 271 -14.95 23.45 -2.13
C LEU A 271 -15.22 22.41 -1.05
N THR A 272 -16.46 21.96 -0.98
CA THR A 272 -16.88 20.87 -0.11
C THR A 272 -17.41 19.73 -0.97
N HIS A 273 -17.63 18.58 -0.35
CA HIS A 273 -18.18 17.47 -1.13
C HIS A 273 -19.62 17.70 -1.60
N TRP A 274 -20.27 18.81 -1.20
CA TRP A 274 -21.57 19.17 -1.71
C TRP A 274 -21.49 19.94 -3.03
N TYR A 275 -20.33 20.48 -3.36
CA TYR A 275 -20.16 21.33 -4.55
C TYR A 275 -21.22 22.44 -4.50
N GLN A 276 -21.86 22.75 -5.61
CA GLN A 276 -22.97 23.68 -5.72
C GLN A 276 -23.92 23.05 -6.72
N VAL A 277 -25.11 23.65 -6.89
CA VAL A 277 -26.10 23.09 -7.82
C VAL A 277 -26.60 24.17 -8.76
N ARG A 278 -26.76 23.83 -10.03
CA ARG A 278 -27.40 24.73 -10.99
C ARG A 278 -28.59 24.04 -11.66
N CYS A 279 -29.71 24.75 -11.71
CA CYS A 279 -30.89 24.31 -12.43
C CYS A 279 -31.01 25.11 -13.71
N LEU A 280 -30.86 24.46 -14.86
CA LEU A 280 -30.88 25.18 -16.13
C LEU A 280 -32.30 25.52 -16.56
N PHE A 281 -32.41 26.58 -17.37
CA PHE A 281 -33.66 26.95 -18.04
C PHE A 281 -33.60 26.45 -19.47
N GLN A 282 -34.53 25.57 -19.84
CA GLN A 282 -34.52 25.11 -21.23
C GLN A 282 -34.72 26.28 -22.20
N SER A 283 -35.50 27.28 -21.79
CA SER A 283 -35.67 28.54 -22.51
C SER A 283 -35.04 29.68 -21.71
N PRO A 284 -33.83 30.11 -22.05
CA PRO A 284 -33.17 31.15 -21.26
C PRO A 284 -33.80 32.52 -21.48
N LEU A 285 -33.52 33.43 -20.55
CA LEU A 285 -34.10 34.76 -20.56
C LEU A 285 -33.03 35.81 -20.75
N PHE A 286 -33.30 36.79 -21.62
CA PHE A 286 -32.42 37.94 -21.78
C PHE A 286 -32.78 39.00 -20.75
N ALA A 287 -31.77 39.47 -20.03
CA ALA A 287 -31.94 40.57 -19.09
C ALA A 287 -30.83 41.56 -19.32
N LYS A 288 -31.14 42.84 -19.19
CA LYS A 288 -30.08 43.84 -19.19
C LYS A 288 -29.81 44.23 -17.76
N ALA A 289 -28.58 44.65 -17.49
CA ALA A 289 -28.24 45.24 -16.20
C ALA A 289 -29.30 46.27 -15.82
N GLY A 290 -29.78 46.21 -14.57
CA GLY A 290 -30.85 47.07 -14.09
C GLY A 290 -32.25 46.47 -14.16
N ASP A 291 -32.47 45.46 -15.00
CA ASP A 291 -33.74 44.76 -15.08
C ASP A 291 -34.02 43.99 -13.79
N THR A 292 -35.27 43.58 -13.62
CA THR A 292 -35.69 42.77 -12.48
C THR A 292 -36.10 41.39 -12.99
N LEU A 293 -35.51 40.35 -12.42
CA LEU A 293 -35.85 38.97 -12.74
C LEU A 293 -36.63 38.43 -11.54
N SER A 294 -37.92 38.19 -11.71
CA SER A 294 -38.72 37.80 -10.56
C SER A 294 -39.42 36.46 -10.80
N GLY A 295 -39.71 35.79 -9.70
CA GLY A 295 -40.50 34.59 -9.81
C GLY A 295 -40.44 33.79 -8.53
N THR A 296 -40.62 32.48 -8.67
CA THR A 296 -40.71 31.57 -7.55
C THR A 296 -40.00 30.27 -7.87
N CYS A 297 -39.27 29.76 -6.88
CA CYS A 297 -38.76 28.41 -6.88
C CYS A 297 -39.62 27.65 -5.88
N LEU A 298 -40.42 26.69 -6.35
CA LEU A 298 -41.25 25.89 -5.48
C LEU A 298 -40.69 24.47 -5.38
N LEU A 299 -40.44 24.00 -4.16
CA LEU A 299 -39.98 22.64 -3.94
C LEU A 299 -41.09 21.86 -3.28
N ILE A 300 -41.49 20.75 -3.91
CA ILE A 300 -42.59 19.92 -3.47
C ILE A 300 -42.03 18.56 -3.11
N ALA A 301 -42.17 18.15 -1.85
CA ALA A 301 -41.63 16.87 -1.41
C ALA A 301 -42.31 15.71 -2.13
N ASN A 302 -41.53 14.69 -2.46
CA ASN A 302 -42.09 13.54 -3.19
C ASN A 302 -41.74 12.26 -2.45
N LYS A 303 -42.17 11.14 -3.02
CA LYS A 303 -42.03 9.85 -2.35
C LYS A 303 -40.72 9.13 -2.71
N ARG A 304 -39.73 9.86 -3.22
CA ARG A 304 -38.41 9.31 -3.49
C ARG A 304 -37.34 10.02 -2.66
N GLN A 305 -37.70 10.40 -1.42
CA GLN A 305 -36.76 11.06 -0.52
C GLN A 305 -36.22 12.37 -1.09
N SER A 306 -37.02 13.09 -1.87
CA SER A 306 -36.48 14.27 -2.54
C SER A 306 -37.61 15.24 -2.83
N TYR A 307 -37.38 16.13 -3.79
CA TYR A 307 -38.32 17.17 -4.15
C TYR A 307 -38.50 17.25 -5.66
N ASP A 308 -39.72 17.55 -6.10
CA ASP A 308 -39.92 18.08 -7.44
C ASP A 308 -39.70 19.59 -7.39
N ILE A 309 -38.90 20.11 -8.31
CA ILE A 309 -38.52 21.52 -8.32
C ILE A 309 -39.28 22.21 -9.44
N SER A 310 -40.04 23.24 -9.12
CA SER A 310 -40.65 24.09 -10.14
C SER A 310 -40.01 25.47 -10.03
N ILE A 311 -39.40 25.94 -11.12
CA ILE A 311 -38.85 27.30 -11.16
C ILE A 311 -39.52 28.05 -12.30
N VAL A 312 -40.26 29.11 -11.96
CA VAL A 312 -40.85 30.01 -12.95
C VAL A 312 -40.21 31.38 -12.76
N ALA A 313 -39.71 31.97 -13.84
CA ALA A 313 -39.03 33.25 -13.76
C ALA A 313 -39.45 34.14 -14.92
N GLN A 314 -39.45 35.44 -14.68
CA GLN A 314 -39.72 36.39 -15.74
C GLN A 314 -38.89 37.66 -15.53
N VAL A 315 -38.53 38.30 -16.63
CA VAL A 315 -37.90 39.61 -16.59
C VAL A 315 -39.01 40.64 -16.64
N ASP A 316 -39.10 41.49 -15.62
CA ASP A 316 -40.29 42.32 -15.48
C ASP A 316 -40.38 43.33 -16.61
N GLN A 317 -39.27 43.96 -16.97
CA GLN A 317 -39.29 44.99 -18.01
C GLN A 317 -39.72 44.43 -19.36
N THR A 318 -39.61 43.11 -19.57
CA THR A 318 -39.87 42.54 -20.88
C THR A 318 -41.09 41.61 -20.93
N GLY A 319 -41.51 41.03 -19.82
CA GLY A 319 -42.59 40.08 -19.82
C GLY A 319 -42.21 38.69 -20.27
N SER A 320 -41.01 38.53 -20.82
CA SER A 320 -40.54 37.21 -21.25
C SER A 320 -40.33 36.31 -20.04
N LYS A 321 -40.81 35.06 -20.13
CA LYS A 321 -40.85 34.17 -18.99
C LYS A 321 -40.33 32.79 -19.34
N SER A 322 -39.92 32.06 -18.30
CA SER A 322 -39.40 30.70 -18.43
C SER A 322 -39.93 29.88 -17.25
N SER A 323 -40.45 28.68 -17.54
CA SER A 323 -40.96 27.77 -16.52
C SER A 323 -40.30 26.42 -16.68
N ASN A 324 -39.82 25.86 -15.56
CA ASN A 324 -38.94 24.70 -15.58
C ASN A 324 -39.29 23.74 -14.47
N LEU A 325 -39.21 22.44 -14.76
CA LEU A 325 -39.44 21.36 -13.81
C LEU A 325 -38.18 20.52 -13.73
N LEU A 326 -37.68 20.31 -12.52
CA LEU A 326 -36.50 19.49 -12.33
C LEU A 326 -36.78 18.43 -11.28
N ASP A 327 -36.05 17.31 -11.40
CA ASP A 327 -36.17 16.13 -10.54
C ASP A 327 -34.87 16.06 -9.74
N LEU A 328 -34.91 16.57 -8.50
CA LEU A 328 -33.73 16.66 -7.67
C LEU A 328 -33.11 15.31 -7.36
N LYS A 329 -33.93 14.26 -7.28
CA LYS A 329 -33.43 12.93 -6.94
C LYS A 329 -32.49 12.40 -8.00
N ASN A 330 -32.55 12.89 -9.23
CA ASN A 330 -31.80 12.30 -10.34
C ASN A 330 -31.01 13.41 -11.05
N PRO A 331 -29.95 13.89 -10.42
CA PRO A 331 -29.22 15.02 -10.99
C PRO A 331 -28.09 14.54 -11.90
N PHE A 332 -27.42 15.48 -12.52
CA PHE A 332 -26.20 15.21 -13.28
C PHE A 332 -25.03 15.53 -12.37
N PHE A 333 -24.35 14.48 -11.87
CA PHE A 333 -23.17 14.64 -11.02
C PHE A 333 -21.96 14.99 -11.91
N ARG A 334 -21.99 16.22 -12.40
CA ARG A 334 -21.04 16.66 -13.43
C ARG A 334 -19.61 16.64 -12.92
N TYR A 335 -19.40 16.76 -11.61
CA TYR A 335 -18.05 16.74 -11.09
C TYR A 335 -17.36 15.38 -11.24
N THR A 336 -18.06 14.32 -11.63
CA THR A 336 -17.41 13.03 -11.74
C THR A 336 -16.76 12.79 -13.12
N SER B 3 29.00 -14.07 23.59
CA SER B 3 29.11 -12.63 23.32
C SER B 3 28.84 -12.34 21.85
N SER B 4 29.71 -12.91 21.01
CA SER B 4 29.40 -12.98 19.58
C SER B 4 28.19 -13.86 19.32
N ALA B 5 27.89 -14.81 20.23
CA ALA B 5 26.65 -15.58 20.13
C ALA B 5 25.43 -14.73 20.44
N VAL B 6 25.57 -13.77 21.35
CA VAL B 6 24.50 -12.81 21.63
C VAL B 6 24.04 -12.15 20.34
N GLN B 7 25.00 -11.58 19.60
CA GLN B 7 24.66 -10.90 18.36
C GLN B 7 24.13 -11.87 17.31
N TYR B 8 24.59 -13.12 17.32
CA TYR B 8 24.10 -14.08 16.32
C TYR B 8 22.61 -14.33 16.51
N PHE B 9 22.18 -14.59 17.75
CA PHE B 9 20.77 -14.87 17.98
C PHE B 9 19.91 -13.61 17.88
N GLN B 10 20.49 -12.44 18.17
CA GLN B 10 19.77 -11.19 17.97
C GLN B 10 19.43 -10.98 16.50
N PHE B 11 20.37 -11.34 15.61
CA PHE B 11 20.16 -11.21 14.17
C PHE B 11 18.92 -11.98 13.71
N TYR B 12 18.64 -13.12 14.32
CA TYR B 12 17.52 -13.94 13.91
C TYR B 12 16.21 -13.58 14.59
N GLY B 13 16.22 -12.58 15.48
CA GLY B 13 15.01 -12.10 16.12
C GLY B 13 14.20 -11.12 15.30
N TYR B 14 14.67 -10.79 14.08
CA TYR B 14 14.02 -9.80 13.23
C TYR B 14 13.14 -10.50 12.19
N LEU B 15 11.85 -10.11 12.15
CA LEU B 15 10.94 -10.66 11.15
C LEU B 15 11.45 -10.41 9.73
N SER B 16 12.10 -9.27 9.51
CA SER B 16 12.68 -8.98 8.20
C SER B 16 13.70 -10.04 7.80
N GLN B 17 14.45 -10.58 8.77
CA GLN B 17 15.42 -11.60 8.41
C GLN B 17 14.73 -12.94 8.09
N GLN B 18 13.68 -13.30 8.83
CA GLN B 18 12.87 -14.46 8.43
C GLN B 18 12.28 -14.26 7.04
N GLN B 19 11.78 -13.05 6.78
CA GLN B 19 11.20 -12.72 5.47
C GLN B 19 12.21 -12.94 4.36
N ASN B 20 13.45 -12.50 4.55
CA ASN B 20 14.46 -12.65 3.50
C ASN B 20 14.66 -14.12 3.14
N MET B 21 14.65 -15.00 4.13
CA MET B 21 14.78 -16.43 3.87
C MET B 21 13.49 -17.02 3.31
N MET B 22 12.33 -16.64 3.88
CA MET B 22 11.07 -17.20 3.44
C MET B 22 10.77 -16.85 1.99
N GLN B 23 11.15 -15.63 1.55
CA GLN B 23 10.89 -15.15 0.20
C GLN B 23 11.80 -15.79 -0.84
N ASP B 24 12.81 -16.52 -0.41
CA ASP B 24 13.62 -17.31 -1.32
C ASP B 24 12.77 -18.50 -1.74
N TYR B 25 12.15 -18.39 -2.93
CA TYR B 25 11.21 -19.43 -3.35
C TYR B 25 11.92 -20.75 -3.58
N VAL B 26 13.14 -20.70 -4.12
CA VAL B 26 13.91 -21.93 -4.32
C VAL B 26 14.03 -22.68 -3.00
N ARG B 27 14.38 -21.96 -1.93
CA ARG B 27 14.58 -22.58 -0.62
C ARG B 27 13.27 -23.06 -0.02
N THR B 28 12.29 -22.15 0.09
CA THR B 28 11.05 -22.49 0.77
C THR B 28 10.23 -23.50 -0.02
N GLY B 29 10.14 -23.32 -1.34
CA GLY B 29 9.43 -24.28 -2.17
C GLY B 29 10.04 -25.67 -2.18
N THR B 30 11.38 -25.74 -2.27
CA THR B 30 12.05 -27.04 -2.28
C THR B 30 11.84 -27.77 -0.95
N TYR B 31 12.01 -27.06 0.17
CA TYR B 31 11.74 -27.69 1.46
C TYR B 31 10.32 -28.23 1.51
N GLN B 32 9.34 -27.47 1.01
CA GLN B 32 7.95 -27.92 1.09
C GLN B 32 7.73 -29.15 0.23
N ARG B 33 8.24 -29.13 -0.99
CA ARG B 33 8.15 -30.29 -1.87
C ARG B 33 8.82 -31.51 -1.24
N ALA B 34 10.03 -31.34 -0.68
CA ALA B 34 10.76 -32.45 -0.07
C ALA B 34 9.93 -33.12 1.02
N ILE B 35 9.29 -32.30 1.86
CA ILE B 35 8.51 -32.85 2.96
C ILE B 35 7.18 -33.43 2.47
N LEU B 36 6.52 -32.74 1.53
CA LEU B 36 5.20 -33.20 1.07
C LEU B 36 5.32 -34.37 0.10
N GLN B 37 6.30 -34.35 -0.81
CA GLN B 37 6.47 -35.48 -1.70
C GLN B 37 6.96 -36.74 -0.98
N ASN B 38 7.33 -36.62 0.30
CA ASN B 38 7.74 -37.78 1.09
C ASN B 38 6.81 -37.94 2.28
N HIS B 39 5.50 -37.93 2.04
CA HIS B 39 4.55 -37.82 3.15
C HIS B 39 4.64 -39.01 4.10
N THR B 40 4.99 -40.20 3.60
CA THR B 40 5.03 -41.38 4.45
C THR B 40 6.18 -41.32 5.47
N ASP B 41 7.20 -40.50 5.22
CA ASP B 41 8.21 -40.25 6.24
C ASP B 41 7.72 -39.29 7.32
N PHE B 42 6.58 -38.65 7.11
CA PHE B 42 6.05 -37.70 8.08
C PHE B 42 4.71 -38.10 8.66
N LYS B 43 3.87 -38.82 7.91
CA LYS B 43 2.51 -39.10 8.34
C LYS B 43 2.50 -39.86 9.67
N ASP B 44 1.91 -39.22 10.70
CA ASP B 44 1.79 -39.81 12.04
C ASP B 44 3.15 -40.05 12.70
N LYS B 45 4.15 -39.28 12.31
CA LYS B 45 5.48 -39.39 12.89
C LYS B 45 5.72 -38.30 13.93
N ILE B 46 6.83 -38.44 14.66
CA ILE B 46 7.33 -37.41 15.56
C ILE B 46 8.55 -36.78 14.90
N VAL B 47 8.55 -35.46 14.81
CA VAL B 47 9.63 -34.76 14.11
C VAL B 47 10.20 -33.68 15.00
N LEU B 48 11.48 -33.39 14.78
CA LEU B 48 12.16 -32.27 15.45
C LEU B 48 12.61 -31.26 14.40
N ASP B 49 12.35 -29.97 14.65
CA ASP B 49 12.73 -28.89 13.76
C ASP B 49 13.79 -28.02 14.46
N VAL B 50 15.02 -28.09 13.99
CA VAL B 50 16.15 -27.43 14.66
C VAL B 50 16.29 -26.02 14.11
N GLY B 51 16.06 -25.02 14.95
CA GLY B 51 16.19 -23.64 14.53
C GLY B 51 15.04 -23.24 13.62
N CYS B 52 13.81 -23.44 14.11
CA CYS B 52 12.61 -23.35 13.28
C CYS B 52 12.31 -21.93 12.83
N GLY B 53 12.90 -20.92 13.46
CA GLY B 53 12.61 -19.57 13.03
C GLY B 53 11.15 -19.27 13.21
N SER B 54 10.53 -18.75 12.14
CA SER B 54 9.10 -18.44 12.16
C SER B 54 8.24 -19.69 12.31
N GLY B 55 8.80 -20.88 12.10
CA GLY B 55 8.06 -22.11 12.22
C GLY B 55 7.69 -22.77 10.91
N ILE B 56 8.09 -22.18 9.77
CA ILE B 56 7.57 -22.58 8.46
C ILE B 56 7.77 -24.07 8.19
N LEU B 57 8.95 -24.60 8.53
CA LEU B 57 9.23 -26.01 8.26
C LEU B 57 8.33 -26.92 9.09
N SER B 58 8.06 -26.53 10.34
CA SER B 58 7.13 -27.29 11.18
C SER B 58 5.73 -27.30 10.59
N PHE B 59 5.28 -26.18 10.02
CA PHE B 59 3.98 -26.17 9.35
C PHE B 59 3.97 -27.09 8.15
N PHE B 60 5.10 -27.17 7.43
CA PHE B 60 5.20 -28.13 6.35
C PHE B 60 5.10 -29.56 6.87
N ALA B 61 5.75 -29.84 8.00
CA ALA B 61 5.66 -31.18 8.57
C ALA B 61 4.24 -31.50 9.00
N ALA B 62 3.51 -30.49 9.49
CA ALA B 62 2.10 -30.66 9.81
C ALA B 62 1.27 -30.83 8.54
N GLN B 63 1.58 -30.07 7.49
CA GLN B 63 0.92 -30.29 6.21
C GLN B 63 1.09 -31.72 5.74
N ALA B 64 2.22 -32.36 6.06
CA ALA B 64 2.50 -33.73 5.62
C ALA B 64 1.89 -34.79 6.53
N GLY B 65 1.26 -34.41 7.63
CA GLY B 65 0.58 -35.35 8.48
C GLY B 65 1.30 -35.73 9.76
N ALA B 66 2.34 -34.99 10.15
CA ALA B 66 3.11 -35.33 11.34
C ALA B 66 2.21 -35.39 12.57
N ARG B 67 2.53 -36.32 13.47
CA ARG B 67 1.77 -36.50 14.71
C ARG B 67 2.12 -35.42 15.73
N LYS B 68 3.41 -35.17 15.93
CA LYS B 68 3.85 -34.15 16.87
C LYS B 68 5.17 -33.57 16.36
N ILE B 69 5.34 -32.26 16.54
CA ILE B 69 6.46 -31.50 15.99
C ILE B 69 7.01 -30.64 17.10
N TYR B 70 8.19 -30.99 17.61
CA TYR B 70 8.93 -30.11 18.49
C TYR B 70 9.73 -29.16 17.61
N ALA B 71 9.52 -27.86 17.81
CA ALA B 71 10.20 -26.82 17.04
C ALA B 71 11.04 -26.01 18.02
N VAL B 72 12.36 -26.17 17.95
CA VAL B 72 13.28 -25.52 18.87
C VAL B 72 13.83 -24.26 18.21
N GLU B 73 13.88 -23.17 18.98
CA GLU B 73 14.30 -21.88 18.45
C GLU B 73 14.89 -21.08 19.60
N ALA B 74 16.14 -20.61 19.45
CA ALA B 74 16.85 -19.95 20.55
C ALA B 74 16.67 -18.44 20.57
N SER B 75 16.42 -17.81 19.43
CA SER B 75 16.19 -16.37 19.38
C SER B 75 14.77 -16.03 19.85
N THR B 76 14.51 -14.72 20.02
CA THR B 76 13.18 -14.23 20.34
C THR B 76 12.16 -14.50 19.24
N MET B 77 12.59 -14.98 18.08
CA MET B 77 11.65 -15.40 17.06
C MET B 77 10.73 -16.51 17.57
N ALA B 78 11.16 -17.24 18.61
CA ALA B 78 10.35 -18.31 19.17
C ALA B 78 8.99 -17.82 19.64
N GLN B 79 8.91 -16.57 20.11
CA GLN B 79 7.64 -16.04 20.56
C GLN B 79 6.70 -15.78 19.38
N HIS B 80 7.24 -15.37 18.22
CA HIS B 80 6.40 -15.21 17.03
C HIS B 80 5.97 -16.56 16.48
N ALA B 81 6.83 -17.58 16.58
CA ALA B 81 6.46 -18.92 16.16
C ALA B 81 5.26 -19.44 16.96
N GLU B 82 5.27 -19.25 18.28
CA GLU B 82 4.12 -19.65 19.10
C GLU B 82 2.83 -18.98 18.64
N VAL B 83 2.89 -17.69 18.31
CA VAL B 83 1.70 -16.97 17.85
C VAL B 83 1.14 -17.64 16.61
N LEU B 84 2.01 -17.95 15.65
CA LEU B 84 1.57 -18.59 14.42
C LEU B 84 1.02 -19.99 14.67
N VAL B 85 1.55 -20.71 15.65
CA VAL B 85 1.03 -22.05 15.94
C VAL B 85 -0.41 -21.94 16.45
N LYS B 86 -0.66 -21.01 17.36
CA LYS B 86 -2.02 -20.81 17.86
C LYS B 86 -2.96 -20.31 16.76
N SER B 87 -2.53 -19.28 16.01
CA SER B 87 -3.38 -18.73 14.96
C SER B 87 -3.69 -19.74 13.87
N ASN B 88 -2.85 -20.75 13.69
CA ASN B 88 -3.08 -21.79 12.69
C ASN B 88 -3.70 -23.06 13.29
N ASN B 89 -4.15 -22.99 14.56
CA ASN B 89 -4.88 -24.10 15.21
C ASN B 89 -4.07 -25.39 15.26
N LEU B 90 -2.79 -25.29 15.61
CA LEU B 90 -1.90 -26.45 15.62
C LEU B 90 -1.25 -26.69 16.97
N THR B 91 -1.86 -26.18 18.05
CA THR B 91 -1.24 -26.27 19.37
C THR B 91 -1.19 -27.71 19.89
N ASP B 92 -2.08 -28.58 19.41
CA ASP B 92 -1.99 -29.98 19.77
C ASP B 92 -0.82 -30.69 19.11
N ARG B 93 -0.28 -30.12 18.01
CA ARG B 93 0.66 -30.82 17.16
C ARG B 93 2.04 -30.20 17.07
N ILE B 94 2.19 -28.91 17.28
CA ILE B 94 3.47 -28.23 17.25
C ILE B 94 3.73 -27.68 18.64
N VAL B 95 4.81 -28.15 19.28
CA VAL B 95 5.29 -27.60 20.55
C VAL B 95 6.51 -26.75 20.25
N VAL B 96 6.43 -25.47 20.59
CA VAL B 96 7.56 -24.56 20.44
C VAL B 96 8.38 -24.63 21.71
N ILE B 97 9.67 -24.94 21.57
CA ILE B 97 10.57 -25.08 22.71
C ILE B 97 11.63 -24.00 22.58
N PRO B 98 11.59 -22.94 23.38
CA PRO B 98 12.59 -21.87 23.26
C PRO B 98 13.91 -22.35 23.85
N GLY B 99 14.99 -22.17 23.07
CA GLY B 99 16.32 -22.47 23.57
C GLY B 99 17.22 -23.06 22.51
N LYS B 100 18.49 -23.29 22.85
CA LYS B 100 19.43 -23.95 21.96
C LYS B 100 19.20 -25.45 21.99
N VAL B 101 19.38 -26.10 20.84
CA VAL B 101 19.08 -27.53 20.74
C VAL B 101 19.98 -28.33 21.69
N GLU B 102 21.15 -27.79 22.04
CA GLU B 102 22.07 -28.46 22.93
C GLU B 102 21.67 -28.36 24.40
N GLU B 103 20.76 -27.45 24.74
CA GLU B 103 20.41 -27.21 26.14
C GLU B 103 18.97 -27.56 26.51
N VAL B 104 18.04 -27.58 25.55
CA VAL B 104 16.66 -27.87 25.89
C VAL B 104 16.47 -29.34 26.20
N SER B 105 15.35 -29.66 26.86
CA SER B 105 14.92 -31.02 27.09
C SER B 105 13.76 -31.33 26.17
N LEU B 106 13.94 -32.34 25.32
CA LEU B 106 12.84 -32.91 24.55
C LEU B 106 12.27 -34.12 25.29
N PRO B 107 10.95 -34.28 25.28
CA PRO B 107 10.37 -35.36 26.09
C PRO B 107 10.50 -36.74 25.49
N GLU B 108 10.73 -36.87 24.18
CA GLU B 108 10.80 -38.19 23.56
C GLU B 108 11.69 -38.15 22.33
N GLN B 109 12.07 -39.34 21.87
CA GLN B 109 12.86 -39.47 20.66
C GLN B 109 11.98 -39.31 19.42
N VAL B 110 12.58 -38.83 18.34
CA VAL B 110 11.83 -38.47 17.15
C VAL B 110 12.20 -39.43 16.03
N ASP B 111 11.32 -39.49 15.02
CA ASP B 111 11.56 -40.30 13.83
C ASP B 111 12.36 -39.56 12.75
N ILE B 112 12.33 -38.23 12.73
CA ILE B 112 13.02 -37.51 11.67
C ILE B 112 13.30 -36.10 12.17
N ILE B 113 14.47 -35.58 11.79
CA ILE B 113 14.85 -34.22 12.13
C ILE B 113 14.82 -33.41 10.84
N ILE B 114 14.24 -32.23 10.92
CA ILE B 114 14.23 -31.31 9.80
C ILE B 114 14.88 -30.03 10.24
N SER B 115 15.60 -29.38 9.33
CA SER B 115 16.26 -28.14 9.67
C SER B 115 16.76 -27.48 8.39
N GLU B 116 16.93 -26.17 8.45
CA GLU B 116 17.63 -25.41 7.40
C GLU B 116 18.85 -24.81 8.08
N PRO B 117 19.97 -25.56 8.15
CA PRO B 117 21.12 -25.07 8.90
C PRO B 117 22.26 -24.53 8.04
N MET B 118 22.03 -24.18 6.78
CA MET B 118 23.11 -23.76 5.89
C MET B 118 23.34 -22.25 6.01
N GLY B 119 24.55 -21.84 6.40
CA GLY B 119 25.00 -20.48 6.22
C GLY B 119 25.45 -20.23 4.79
N TYR B 120 25.82 -18.99 4.48
CA TYR B 120 26.52 -18.77 3.20
C TYR B 120 27.81 -19.57 3.20
N MET B 121 28.21 -20.03 2.00
CA MET B 121 29.29 -21.00 1.84
C MET B 121 29.04 -22.26 2.66
N LEU B 122 27.76 -22.54 2.93
CA LEU B 122 27.28 -23.69 3.71
C LEU B 122 27.65 -23.58 5.20
N PHE B 123 28.93 -23.40 5.51
CA PHE B 123 29.44 -23.64 6.86
C PHE B 123 29.35 -22.43 7.78
N ASN B 124 29.04 -21.22 7.27
CA ASN B 124 29.33 -20.01 8.03
C ASN B 124 28.86 -20.07 9.49
N GLU B 125 27.60 -20.37 9.72
CA GLU B 125 27.05 -20.11 11.07
C GLU B 125 27.33 -21.23 12.08
N ARG B 126 28.02 -22.31 11.68
CA ARG B 126 28.24 -23.49 12.53
C ARG B 126 26.93 -24.09 13.04
N MET B 127 25.83 -23.83 12.33
CA MET B 127 24.56 -24.45 12.67
C MET B 127 24.50 -25.91 12.23
N LEU B 128 25.38 -26.32 11.30
CA LEU B 128 25.46 -27.73 10.97
C LEU B 128 25.75 -28.58 12.19
N GLU B 129 26.55 -28.05 13.12
CA GLU B 129 26.89 -28.81 14.33
C GLU B 129 25.70 -28.93 15.29
N SER B 130 24.84 -27.92 15.34
CA SER B 130 23.61 -28.06 16.13
C SER B 130 22.69 -29.10 15.50
N TYR B 131 22.57 -29.06 14.18
CA TYR B 131 21.84 -30.09 13.46
C TYR B 131 22.33 -31.49 13.83
N LEU B 132 23.66 -31.70 13.78
CA LEU B 132 24.20 -33.02 14.09
C LEU B 132 24.03 -33.35 15.57
N HIS B 133 24.23 -32.37 16.45
CA HIS B 133 24.05 -32.59 17.87
C HIS B 133 22.66 -33.13 18.19
N ALA B 134 21.64 -32.68 17.43
CA ALA B 134 20.27 -33.04 17.73
C ALA B 134 20.01 -34.52 17.49
N LYS B 135 20.88 -35.22 16.75
CA LYS B 135 20.75 -36.66 16.56
C LYS B 135 20.72 -37.43 17.88
N LYS B 136 21.06 -36.80 19.01
CA LYS B 136 20.86 -37.47 20.29
C LYS B 136 19.39 -37.74 20.56
N TYR B 137 18.48 -37.01 19.92
CA TYR B 137 17.05 -37.24 20.05
C TYR B 137 16.49 -38.10 18.93
N LEU B 138 17.34 -38.60 18.03
CA LEU B 138 16.86 -39.30 16.85
C LEU B 138 16.80 -40.79 17.09
N LYS B 139 15.71 -41.41 16.66
CA LYS B 139 15.55 -42.84 16.79
C LYS B 139 16.56 -43.57 15.90
N PRO B 140 17.01 -44.75 16.32
CA PRO B 140 17.77 -45.61 15.41
C PRO B 140 16.95 -45.87 14.15
N SER B 141 17.60 -45.72 13.00
CA SER B 141 16.95 -45.76 11.69
C SER B 141 15.97 -44.61 11.49
N GLY B 142 16.13 -43.50 12.24
CA GLY B 142 15.45 -42.27 11.88
C GLY B 142 16.12 -41.62 10.68
N ASN B 143 15.52 -40.54 10.19
CA ASN B 143 16.04 -39.86 9.02
C ASN B 143 16.37 -38.41 9.34
N MET B 144 17.15 -37.79 8.45
CA MET B 144 17.58 -36.39 8.54
C MET B 144 17.20 -35.70 7.24
N PHE B 145 16.63 -34.50 7.36
CA PHE B 145 16.09 -33.73 6.23
C PHE B 145 16.57 -32.29 6.38
N PRO B 146 17.68 -31.89 5.70
CA PRO B 146 18.37 -32.64 4.65
C PRO B 146 19.22 -33.82 5.14
N THR B 147 19.42 -34.79 4.24
CA THR B 147 20.15 -36.01 4.54
C THR B 147 21.64 -35.85 4.30
N ILE B 148 22.02 -35.13 3.25
CA ILE B 148 23.42 -34.90 2.92
C ILE B 148 23.59 -33.48 2.41
N GLY B 149 24.78 -32.94 2.60
CA GLY B 149 25.15 -31.68 1.97
C GLY B 149 26.45 -31.83 1.23
N ASP B 150 26.51 -31.25 0.03
CA ASP B 150 27.69 -31.25 -0.83
C ASP B 150 28.22 -29.83 -0.97
N VAL B 151 29.51 -29.62 -0.66
CA VAL B 151 30.20 -28.36 -0.98
C VAL B 151 30.93 -28.53 -2.30
N HIS B 152 30.80 -27.55 -3.18
CA HIS B 152 31.52 -27.54 -4.45
C HIS B 152 32.55 -26.42 -4.44
N LEU B 153 33.76 -26.74 -4.92
CA LEU B 153 34.80 -25.75 -5.16
C LEU B 153 35.26 -25.85 -6.60
N ALA B 154 35.52 -24.70 -7.22
CA ALA B 154 36.00 -24.63 -8.59
C ALA B 154 36.92 -23.44 -8.73
N PRO B 155 38.02 -23.57 -9.45
CA PRO B 155 38.85 -22.40 -9.73
C PRO B 155 38.14 -21.48 -10.70
N PHE B 156 38.32 -20.17 -10.52
CA PHE B 156 37.74 -19.21 -11.44
C PHE B 156 38.81 -18.24 -11.91
N THR B 157 38.53 -17.60 -13.04
CA THR B 157 39.30 -16.46 -13.50
C THR B 157 38.37 -15.26 -13.55
N ASP B 158 38.80 -14.16 -12.92
CA ASP B 158 38.00 -12.94 -12.92
C ASP B 158 38.91 -11.73 -12.72
N GLU B 159 39.51 -11.29 -13.83
CA GLU B 159 40.53 -10.25 -13.80
C GLU B 159 39.99 -8.98 -13.19
N GLN B 160 38.75 -8.62 -13.51
CA GLN B 160 38.20 -7.36 -13.02
C GLN B 160 37.87 -7.43 -11.53
N LEU B 161 37.43 -8.59 -11.03
CA LEU B 161 37.25 -8.72 -9.59
C LEU B 161 38.57 -8.59 -8.86
N TYR B 162 39.61 -9.24 -9.39
CA TYR B 162 40.92 -9.19 -8.75
C TYR B 162 41.50 -7.78 -8.77
N MET B 163 41.38 -7.07 -9.90
CA MET B 163 41.95 -5.74 -9.95
C MET B 163 41.17 -4.74 -9.11
N GLU B 164 39.88 -5.01 -8.85
CA GLU B 164 39.06 -4.10 -8.05
C GLU B 164 39.57 -3.99 -6.61
N GLN B 165 40.21 -5.04 -6.09
CA GLN B 165 40.82 -4.96 -4.77
C GLN B 165 41.87 -3.85 -4.69
N PHE B 166 42.74 -3.76 -5.71
CA PHE B 166 43.82 -2.77 -5.64
C PHE B 166 43.33 -1.38 -5.98
N THR B 167 42.31 -1.26 -6.84
CA THR B 167 41.70 0.05 -7.06
C THR B 167 41.09 0.61 -5.79
N LYS B 168 40.45 -0.24 -4.97
CA LYS B 168 39.94 0.24 -3.69
C LYS B 168 41.08 0.52 -2.72
N ALA B 169 42.08 -0.37 -2.67
CA ALA B 169 43.20 -0.18 -1.76
C ALA B 169 44.09 0.99 -2.16
N ASN B 170 44.07 1.39 -3.45
CA ASN B 170 44.95 2.48 -3.89
C ASN B 170 44.46 3.85 -3.46
N PHE B 171 43.25 3.95 -2.87
CA PHE B 171 42.92 5.17 -2.14
C PHE B 171 44.03 5.55 -1.16
N TRP B 172 44.63 4.56 -0.51
CA TRP B 172 45.67 4.85 0.48
C TRP B 172 47.00 5.23 -0.16
N TYR B 173 47.15 5.05 -1.47
CA TYR B 173 48.43 5.33 -2.13
C TYR B 173 48.42 6.75 -2.69
N GLN B 174 48.36 7.72 -1.76
CA GLN B 174 48.32 9.14 -2.07
C GLN B 174 49.35 9.83 -1.17
N PRO B 175 50.33 10.54 -1.74
CA PRO B 175 51.35 11.17 -0.90
C PRO B 175 50.88 12.44 -0.24
N SER B 176 49.75 13.01 -0.66
CA SER B 176 49.27 14.25 -0.06
C SER B 176 47.74 14.26 -0.09
N PHE B 177 47.14 13.39 0.71
CA PHE B 177 45.70 13.43 0.94
C PHE B 177 45.46 14.52 1.97
N HIS B 178 44.93 15.67 1.51
CA HIS B 178 44.81 16.86 2.37
C HIS B 178 46.11 17.17 3.10
N GLY B 179 47.23 16.97 2.39
CA GLY B 179 48.54 17.21 2.97
C GLY B 179 49.12 16.05 3.73
N VAL B 180 48.46 14.89 3.75
CA VAL B 180 48.94 13.75 4.53
C VAL B 180 49.36 12.62 3.60
N ASP B 181 50.51 12.03 3.89
CA ASP B 181 50.99 10.87 3.13
C ASP B 181 50.35 9.60 3.71
N LEU B 182 49.46 8.98 2.93
CA LEU B 182 48.73 7.80 3.39
C LEU B 182 49.37 6.50 2.94
N SER B 183 50.48 6.55 2.18
CA SER B 183 50.88 5.39 1.40
C SER B 183 51.32 4.21 2.26
N ALA B 184 51.81 4.48 3.48
CA ALA B 184 52.27 3.39 4.35
C ALA B 184 51.17 2.41 4.71
N LEU B 185 49.89 2.79 4.55
CA LEU B 185 48.78 1.91 4.89
C LEU B 185 48.23 1.13 3.69
N ARG B 186 48.81 1.30 2.50
CA ARG B 186 48.23 0.66 1.32
C ARG B 186 48.32 -0.86 1.42
N GLY B 187 49.44 -1.39 1.89
CA GLY B 187 49.57 -2.84 2.02
C GLY B 187 48.56 -3.43 2.99
N ALA B 188 48.27 -2.72 4.07
CA ALA B 188 47.29 -3.21 5.05
C ALA B 188 45.88 -3.19 4.47
N ALA B 189 45.56 -2.20 3.63
CA ALA B 189 44.26 -2.17 2.97
C ALA B 189 44.12 -3.32 1.97
N VAL B 190 45.18 -3.60 1.22
CA VAL B 190 45.17 -4.77 0.32
C VAL B 190 44.87 -6.04 1.11
N ASP B 191 45.62 -6.27 2.19
CA ASP B 191 45.41 -7.47 3.01
C ASP B 191 43.98 -7.55 3.51
N GLU B 192 43.43 -6.42 3.97
CA GLU B 192 42.09 -6.42 4.55
C GLU B 192 41.05 -6.88 3.54
N TYR B 193 41.15 -6.42 2.29
CA TYR B 193 40.19 -6.83 1.27
C TYR B 193 40.38 -8.29 0.86
N PHE B 194 41.63 -8.74 0.74
CA PHE B 194 41.89 -10.12 0.34
C PHE B 194 41.46 -11.12 1.40
N ARG B 195 41.37 -10.71 2.66
CA ARG B 195 40.92 -11.60 3.73
C ARG B 195 39.41 -11.85 3.70
N GLN B 196 38.65 -11.16 2.82
CA GLN B 196 37.19 -11.22 2.83
C GLN B 196 36.66 -12.08 1.70
N PRO B 197 36.05 -13.23 1.99
CA PRO B 197 35.32 -13.94 0.94
C PRO B 197 34.29 -13.00 0.32
N VAL B 198 34.06 -13.18 -0.96
CA VAL B 198 33.19 -12.30 -1.73
C VAL B 198 31.87 -13.03 -1.93
N VAL B 199 30.84 -12.56 -1.25
CA VAL B 199 29.50 -13.14 -1.35
C VAL B 199 28.75 -12.35 -2.42
N ASP B 200 28.44 -13.03 -3.53
CA ASP B 200 27.83 -12.44 -4.72
C ASP B 200 27.72 -13.56 -5.75
N THR B 201 26.79 -13.43 -6.69
CA THR B 201 26.70 -14.39 -7.76
C THR B 201 27.69 -14.02 -8.87
N PHE B 202 27.77 -14.85 -9.90
CA PHE B 202 28.70 -14.59 -11.00
C PHE B 202 28.28 -15.38 -12.23
N ASP B 203 28.85 -14.98 -13.37
CA ASP B 203 28.65 -15.67 -14.63
C ASP B 203 29.43 -16.99 -14.64
N ILE B 204 28.76 -18.08 -15.02
CA ILE B 204 29.42 -19.39 -14.97
C ILE B 204 30.61 -19.48 -15.91
N ARG B 205 30.78 -18.52 -16.83
CA ARG B 205 31.91 -18.56 -17.73
C ARG B 205 33.24 -18.21 -17.04
N ILE B 206 33.21 -17.74 -15.79
CA ILE B 206 34.46 -17.55 -15.07
C ILE B 206 35.05 -18.87 -14.60
N LEU B 207 34.27 -19.96 -14.60
CA LEU B 207 34.75 -21.21 -14.04
C LEU B 207 35.67 -21.92 -15.03
N MET B 208 36.79 -22.43 -14.52
CA MET B 208 37.87 -22.97 -15.35
C MET B 208 38.02 -24.47 -15.23
N ALA B 209 37.26 -25.13 -14.36
CA ALA B 209 37.37 -26.56 -14.18
C ALA B 209 36.09 -27.05 -13.52
N LYS B 210 35.79 -28.31 -13.76
CA LYS B 210 34.69 -28.96 -13.05
C LYS B 210 34.95 -28.87 -11.55
N SER B 211 33.86 -28.72 -10.79
CA SER B 211 34.01 -28.54 -9.36
C SER B 211 34.45 -29.84 -8.69
N VAL B 212 35.09 -29.69 -7.54
CA VAL B 212 35.34 -30.81 -6.64
C VAL B 212 34.30 -30.74 -5.52
N LYS B 213 33.76 -31.90 -5.15
CA LYS B 213 32.61 -32.01 -4.29
C LYS B 213 33.05 -32.68 -2.99
N TYR B 214 32.78 -32.03 -1.86
CA TYR B 214 33.04 -32.57 -0.53
C TYR B 214 31.70 -32.81 0.15
N THR B 215 31.40 -34.08 0.46
CA THR B 215 30.09 -34.47 0.96
C THR B 215 30.10 -34.63 2.48
N VAL B 216 29.11 -34.04 3.14
CA VAL B 216 28.85 -34.26 4.55
C VAL B 216 27.58 -35.09 4.65
N ASN B 217 27.68 -36.30 5.16
CA ASN B 217 26.53 -37.16 5.34
C ASN B 217 25.94 -36.90 6.72
N PHE B 218 24.77 -36.25 6.77
CA PHE B 218 24.24 -35.83 8.06
C PHE B 218 23.76 -37.01 8.90
N LEU B 219 23.38 -38.12 8.26
CA LEU B 219 22.97 -39.29 9.03
C LEU B 219 24.14 -40.05 9.62
N GLU B 220 25.32 -39.96 8.98
CA GLU B 220 26.52 -40.67 9.44
C GLU B 220 27.48 -39.79 10.24
N ALA B 221 27.47 -38.48 10.02
CA ALA B 221 28.53 -37.63 10.57
C ALA B 221 28.36 -37.41 12.07
N LYS B 222 29.48 -37.12 12.72
CA LYS B 222 29.52 -36.69 14.10
C LYS B 222 29.72 -35.19 14.13
N GLU B 223 29.24 -34.57 15.21
CA GLU B 223 29.37 -33.12 15.36
C GLU B 223 30.83 -32.68 15.23
N GLY B 224 31.76 -33.46 15.79
CA GLY B 224 33.16 -33.12 15.76
C GLY B 224 33.81 -33.24 14.40
N ASP B 225 33.16 -33.93 13.45
CA ASP B 225 33.67 -33.95 12.09
C ASP B 225 33.69 -32.58 11.44
N LEU B 226 33.00 -31.59 12.03
CA LEU B 226 32.90 -30.26 11.43
C LEU B 226 33.80 -29.24 12.09
N HIS B 227 34.62 -29.65 13.06
CA HIS B 227 35.55 -28.71 13.68
C HIS B 227 36.71 -28.38 12.75
N ARG B 228 37.08 -29.33 11.89
CA ARG B 228 38.20 -29.18 10.98
C ARG B 228 37.80 -29.90 9.71
N ILE B 229 37.52 -29.13 8.67
CA ILE B 229 37.09 -29.66 7.39
C ILE B 229 38.25 -29.49 6.43
N GLU B 230 38.92 -30.59 6.10
CA GLU B 230 40.01 -30.57 5.15
C GLU B 230 39.46 -31.02 3.81
N ILE B 231 39.52 -30.12 2.82
CA ILE B 231 39.01 -30.42 1.49
C ILE B 231 40.19 -30.46 0.53
N PRO B 232 40.73 -31.63 0.21
CA PRO B 232 41.72 -31.71 -0.85
C PRO B 232 41.06 -31.48 -2.18
N PHE B 233 41.79 -30.87 -3.11
CA PHE B 233 41.27 -30.73 -4.45
C PHE B 233 42.39 -30.97 -5.46
N LYS B 234 41.99 -31.52 -6.60
CA LYS B 234 42.88 -31.71 -7.76
C LYS B 234 42.05 -31.35 -8.98
N PHE B 235 42.19 -30.13 -9.46
CA PHE B 235 41.36 -29.65 -10.57
C PHE B 235 42.03 -29.99 -11.89
N HIS B 236 41.27 -30.61 -12.78
CA HIS B 236 41.72 -30.84 -14.14
C HIS B 236 41.26 -29.64 -14.97
N MET B 237 42.19 -28.76 -15.30
CA MET B 237 41.84 -27.48 -15.90
C MET B 237 41.23 -27.71 -17.28
N LEU B 238 40.06 -27.11 -17.50
CA LEU B 238 39.35 -27.20 -18.77
C LEU B 238 39.61 -26.01 -19.66
N HIS B 239 40.26 -24.95 -19.14
CA HIS B 239 40.61 -23.77 -19.90
C HIS B 239 41.96 -23.27 -19.44
N SER B 240 42.70 -22.65 -20.36
CA SER B 240 43.97 -22.03 -20.03
C SER B 240 43.70 -20.58 -19.60
N GLY B 241 44.35 -20.15 -18.52
CA GLY B 241 44.20 -18.78 -18.08
C GLY B 241 44.74 -18.59 -16.68
N LEU B 242 44.62 -17.35 -16.21
CA LEU B 242 45.03 -16.99 -14.85
C LEU B 242 43.93 -17.39 -13.86
N VAL B 243 44.26 -18.27 -12.93
CA VAL B 243 43.35 -18.64 -11.85
C VAL B 243 43.47 -17.60 -10.74
N HIS B 244 42.36 -16.90 -10.45
CA HIS B 244 42.38 -15.84 -9.45
C HIS B 244 41.86 -16.28 -8.08
N GLY B 245 41.16 -17.41 -8.00
CA GLY B 245 40.70 -17.87 -6.71
C GLY B 245 39.83 -19.10 -6.86
N LEU B 246 39.12 -19.43 -5.77
CA LEU B 246 38.19 -20.55 -5.72
C LEU B 246 36.79 -20.03 -5.48
N ALA B 247 35.82 -20.62 -6.19
CA ALA B 247 34.40 -20.31 -6.06
C ALA B 247 33.70 -21.45 -5.31
N PHE B 248 32.77 -21.09 -4.45
CA PHE B 248 32.12 -22.05 -3.57
C PHE B 248 30.61 -21.96 -3.72
N TRP B 249 29.96 -23.13 -3.77
CA TRP B 249 28.52 -23.21 -3.62
C TRP B 249 28.22 -24.55 -2.99
N PHE B 250 26.94 -24.84 -2.78
CA PHE B 250 26.59 -26.07 -2.10
C PHE B 250 25.23 -26.55 -2.56
N ASP B 251 25.02 -27.86 -2.40
CA ASP B 251 23.75 -28.54 -2.58
C ASP B 251 23.43 -29.33 -1.34
N VAL B 252 22.13 -29.53 -1.07
CA VAL B 252 21.66 -30.46 -0.05
C VAL B 252 20.64 -31.38 -0.71
N ALA B 253 20.57 -32.61 -0.20
CA ALA B 253 19.62 -33.58 -0.72
C ALA B 253 18.72 -34.07 0.40
N PHE B 254 17.43 -34.18 0.10
CA PHE B 254 16.44 -34.74 1.00
C PHE B 254 16.12 -36.16 0.52
N ILE B 255 16.75 -37.15 1.14
CA ILE B 255 16.66 -38.54 0.67
C ILE B 255 15.53 -39.21 1.45
N GLY B 256 14.33 -39.19 0.84
CA GLY B 256 13.15 -39.75 1.47
C GLY B 256 12.83 -41.14 0.96
N SER B 257 11.83 -41.77 1.61
CA SER B 257 11.40 -43.12 1.24
C SER B 257 10.75 -43.17 -0.13
N ILE B 258 10.25 -42.04 -0.62
CA ILE B 258 9.58 -41.99 -1.91
C ILE B 258 10.48 -41.39 -2.99
N MET B 259 11.18 -40.31 -2.66
CA MET B 259 12.05 -39.71 -3.66
C MET B 259 13.10 -38.86 -2.98
N THR B 260 14.15 -38.58 -3.74
CA THR B 260 15.21 -37.69 -3.30
C THR B 260 14.99 -36.35 -3.99
N VAL B 261 14.95 -35.28 -3.20
CA VAL B 261 14.77 -33.92 -3.71
C VAL B 261 16.03 -33.12 -3.43
N TRP B 262 16.48 -32.35 -4.42
CA TRP B 262 17.71 -31.57 -4.32
C TRP B 262 17.41 -30.08 -4.21
N LEU B 263 18.14 -29.42 -3.31
CA LEU B 263 18.20 -27.96 -3.24
C LEU B 263 19.63 -27.53 -3.60
N SER B 264 19.76 -26.80 -4.70
CA SER B 264 21.07 -26.37 -5.19
C SER B 264 21.23 -24.86 -5.15
N THR B 265 22.41 -24.40 -4.73
CA THR B 265 22.79 -22.99 -4.81
C THR B 265 23.85 -22.76 -5.88
N ALA B 266 23.96 -23.66 -6.85
CA ALA B 266 24.99 -23.59 -7.86
C ALA B 266 24.77 -22.41 -8.80
N PRO B 267 25.85 -21.82 -9.34
CA PRO B 267 25.69 -20.68 -10.26
C PRO B 267 25.08 -21.07 -11.60
N THR B 268 24.97 -22.36 -11.89
CA THR B 268 24.20 -22.85 -13.03
C THR B 268 22.72 -22.96 -12.71
N GLU B 269 22.32 -22.77 -11.46
CA GLU B 269 20.95 -22.86 -11.01
C GLU B 269 20.37 -21.47 -10.78
N PRO B 270 19.04 -21.34 -10.70
CA PRO B 270 18.44 -20.06 -10.32
C PRO B 270 19.02 -19.52 -9.01
N LEU B 271 19.20 -18.20 -8.96
CA LEU B 271 19.81 -17.55 -7.82
C LEU B 271 18.98 -17.77 -6.55
N THR B 272 19.67 -18.02 -5.44
CA THR B 272 19.05 -18.10 -4.13
C THR B 272 19.59 -17.00 -3.25
N HIS B 273 19.00 -16.86 -2.06
CA HIS B 273 19.45 -15.82 -1.14
C HIS B 273 20.83 -16.13 -0.56
N TRP B 274 21.36 -17.34 -0.79
CA TRP B 274 22.74 -17.69 -0.43
C TRP B 274 23.76 -17.17 -1.43
N TYR B 275 23.34 -16.84 -2.66
CA TYR B 275 24.24 -16.48 -3.74
C TYR B 275 25.33 -17.54 -3.90
N GLN B 276 26.56 -17.11 -4.13
CA GLN B 276 27.73 -17.98 -4.12
C GLN B 276 28.84 -17.22 -3.41
N VAL B 277 29.99 -17.87 -3.23
CA VAL B 277 31.10 -17.24 -2.51
C VAL B 277 32.37 -17.43 -3.34
N ARG B 278 33.22 -16.40 -3.35
CA ARG B 278 34.51 -16.49 -4.02
C ARG B 278 35.61 -16.03 -3.07
N CYS B 279 36.67 -16.83 -2.95
CA CYS B 279 37.86 -16.52 -2.17
C CYS B 279 39.03 -16.30 -3.11
N LEU B 280 39.68 -15.14 -2.99
CA LEU B 280 40.80 -14.81 -3.86
C LEU B 280 42.10 -15.50 -3.41
N PHE B 281 42.92 -15.87 -4.39
CA PHE B 281 44.33 -16.16 -4.14
C PHE B 281 45.09 -14.84 -4.04
N GLN B 282 46.12 -14.84 -3.18
CA GLN B 282 46.95 -13.65 -3.05
C GLN B 282 47.63 -13.29 -4.37
N SER B 283 47.97 -14.30 -5.17
CA SER B 283 48.56 -14.08 -6.46
C SER B 283 47.96 -15.07 -7.45
N PRO B 284 47.62 -14.62 -8.64
CA PRO B 284 47.03 -15.54 -9.63
C PRO B 284 48.05 -16.58 -10.07
N LEU B 285 47.52 -17.67 -10.62
CA LEU B 285 48.33 -18.79 -11.10
C LEU B 285 47.97 -19.06 -12.55
N PHE B 286 48.97 -19.06 -13.44
CA PHE B 286 48.69 -19.43 -14.82
C PHE B 286 48.62 -20.94 -14.94
N ALA B 287 47.55 -21.43 -15.55
CA ALA B 287 47.37 -22.86 -15.78
C ALA B 287 46.82 -23.08 -17.17
N LYS B 288 47.32 -24.11 -17.82
CA LYS B 288 46.85 -24.51 -19.13
C LYS B 288 45.72 -25.52 -19.01
N ALA B 289 44.88 -25.59 -20.04
CA ALA B 289 43.95 -26.71 -20.17
C ALA B 289 44.72 -28.02 -20.11
N GLY B 290 44.26 -28.94 -19.25
CA GLY B 290 44.95 -30.19 -19.04
C GLY B 290 45.98 -30.18 -17.92
N ASP B 291 46.38 -29.01 -17.44
CA ASP B 291 47.14 -28.94 -16.20
C ASP B 291 46.26 -29.34 -15.02
N THR B 292 46.90 -29.72 -13.92
CA THR B 292 46.19 -29.99 -12.68
C THR B 292 46.58 -28.92 -11.67
N LEU B 293 45.57 -28.33 -11.04
CA LEU B 293 45.75 -27.36 -9.97
C LEU B 293 45.35 -28.06 -8.68
N SER B 294 46.31 -28.30 -7.79
CA SER B 294 46.03 -29.09 -6.61
C SER B 294 46.34 -28.31 -5.34
N GLY B 295 45.72 -28.73 -4.26
CA GLY B 295 45.97 -28.11 -2.98
C GLY B 295 44.87 -28.50 -2.01
N THR B 296 44.75 -27.68 -0.96
CA THR B 296 43.83 -27.96 0.13
C THR B 296 43.09 -26.70 0.51
N CYS B 297 41.78 -26.82 0.67
CA CYS B 297 40.96 -25.84 1.37
C CYS B 297 40.68 -26.41 2.75
N LEU B 298 41.18 -25.74 3.78
CA LEU B 298 41.03 -26.20 5.16
C LEU B 298 40.19 -25.18 5.92
N LEU B 299 39.06 -25.63 6.46
CA LEU B 299 38.19 -24.78 7.27
C LEU B 299 38.37 -25.18 8.72
N ILE B 300 38.78 -24.22 9.54
CA ILE B 300 39.05 -24.43 10.95
C ILE B 300 38.00 -23.67 11.73
N ALA B 301 37.14 -24.39 12.44
CA ALA B 301 36.07 -23.75 13.19
C ALA B 301 36.67 -22.81 14.24
N ASN B 302 36.04 -21.66 14.41
CA ASN B 302 36.49 -20.68 15.39
C ASN B 302 35.36 -20.38 16.38
N LYS B 303 35.66 -19.46 17.29
CA LYS B 303 34.76 -19.09 18.37
C LYS B 303 33.84 -17.94 18.01
N ARG B 304 33.89 -17.45 16.78
CA ARG B 304 32.93 -16.47 16.28
C ARG B 304 31.85 -17.11 15.43
N GLN B 305 31.38 -18.30 15.85
CA GLN B 305 30.47 -19.18 15.13
C GLN B 305 30.74 -19.20 13.63
N SER B 306 32.01 -19.26 13.24
CA SER B 306 32.34 -19.36 11.83
C SER B 306 33.63 -20.15 11.64
N TYR B 307 34.33 -19.91 10.53
CA TYR B 307 35.48 -20.69 10.14
C TYR B 307 36.59 -19.77 9.65
N ASP B 308 37.83 -20.15 9.95
CA ASP B 308 38.98 -19.59 9.26
C ASP B 308 39.22 -20.45 8.02
N ILE B 309 39.38 -19.80 6.87
CA ILE B 309 39.59 -20.49 5.60
C ILE B 309 41.06 -20.35 5.23
N SER B 310 41.76 -21.48 5.15
CA SER B 310 43.10 -21.52 4.59
C SER B 310 43.01 -22.24 3.26
N ILE B 311 43.49 -21.60 2.20
CA ILE B 311 43.51 -22.19 0.87
C ILE B 311 44.95 -22.17 0.37
N VAL B 312 45.46 -23.31 -0.04
CA VAL B 312 46.77 -23.44 -0.67
C VAL B 312 46.56 -24.15 -2.00
N ALA B 313 47.15 -23.62 -3.07
CA ALA B 313 46.98 -24.25 -4.37
C ALA B 313 48.29 -24.19 -5.13
N GLN B 314 48.44 -25.13 -6.07
CA GLN B 314 49.66 -25.22 -6.85
C GLN B 314 49.31 -25.80 -8.22
N VAL B 315 49.94 -25.27 -9.26
CA VAL B 315 49.84 -25.83 -10.60
C VAL B 315 50.86 -26.96 -10.70
N ASP B 316 50.39 -28.20 -10.76
CA ASP B 316 51.30 -29.34 -10.65
C ASP B 316 52.38 -29.28 -11.73
N GLN B 317 52.01 -28.95 -12.97
CA GLN B 317 52.93 -29.02 -14.09
C GLN B 317 54.00 -27.95 -14.06
N THR B 318 53.79 -26.86 -13.29
CA THR B 318 54.71 -25.72 -13.30
C THR B 318 55.34 -25.40 -11.95
N GLY B 319 54.81 -25.93 -10.85
CA GLY B 319 55.30 -25.61 -9.54
C GLY B 319 54.82 -24.29 -8.96
N SER B 320 54.11 -23.47 -9.76
CA SER B 320 53.65 -22.19 -9.26
C SER B 320 52.59 -22.37 -8.19
N LYS B 321 52.65 -21.55 -7.14
CA LYS B 321 51.80 -21.78 -5.99
C LYS B 321 51.35 -20.48 -5.36
N SER B 322 50.19 -20.52 -4.70
CA SER B 322 49.66 -19.36 -4.01
C SER B 322 48.79 -19.86 -2.86
N SER B 323 48.41 -18.92 -2.00
CA SER B 323 47.63 -19.25 -0.83
C SER B 323 46.77 -18.05 -0.45
N ASN B 324 45.85 -18.27 0.48
CA ASN B 324 45.22 -17.16 1.18
C ASN B 324 44.66 -17.67 2.49
N LEU B 325 44.41 -16.74 3.39
CA LEU B 325 43.77 -17.01 4.67
C LEU B 325 42.61 -16.03 4.81
N LEU B 326 41.40 -16.56 4.96
CA LEU B 326 40.20 -15.73 4.87
C LEU B 326 39.33 -15.86 6.11
N ASP B 327 38.64 -14.77 6.46
CA ASP B 327 37.79 -14.71 7.64
C ASP B 327 36.33 -14.79 7.19
N LEU B 328 35.77 -16.00 7.28
CA LEU B 328 34.42 -16.23 6.75
C LEU B 328 33.35 -15.42 7.46
N LYS B 329 33.51 -15.17 8.77
CA LYS B 329 32.52 -14.41 9.53
C LYS B 329 32.40 -12.97 9.05
N ASN B 330 33.40 -12.43 8.37
CA ASN B 330 33.42 -11.03 7.96
C ASN B 330 33.68 -10.95 6.46
N PRO B 331 32.71 -11.34 5.65
CA PRO B 331 32.93 -11.32 4.20
C PRO B 331 32.49 -9.99 3.60
N PHE B 332 32.71 -9.83 2.30
CA PHE B 332 32.23 -8.68 1.56
C PHE B 332 30.93 -9.10 0.89
N PHE B 333 29.80 -8.51 1.35
CA PHE B 333 28.49 -8.79 0.77
C PHE B 333 28.34 -7.90 -0.46
N ARG B 334 28.99 -8.35 -1.55
CA ARG B 334 29.11 -7.53 -2.75
C ARG B 334 27.75 -7.30 -3.43
N TYR B 335 26.82 -8.26 -3.32
CA TYR B 335 25.52 -8.08 -3.97
C TYR B 335 24.70 -6.92 -3.42
N THR B 336 25.11 -6.29 -2.32
CA THR B 336 24.32 -5.22 -1.70
C THR B 336 24.36 -3.90 -2.47
N GLU C 1 26.16 -2.37 26.87
CA GLU C 1 26.49 -3.78 27.02
C GLU C 1 27.67 -4.17 26.11
N GLU C 2 28.58 -4.97 26.67
CA GLU C 2 29.90 -5.15 26.08
C GLU C 2 29.85 -5.92 24.77
N SER C 3 28.94 -6.89 24.63
CA SER C 3 28.86 -7.59 23.34
C SER C 3 28.53 -6.62 22.22
N SER C 4 27.75 -5.58 22.53
CA SER C 4 27.47 -4.52 21.56
C SER C 4 28.67 -3.59 21.40
N ALA C 5 29.36 -3.26 22.49
CA ALA C 5 30.52 -2.36 22.40
C ALA C 5 31.68 -3.02 21.67
N VAL C 6 31.82 -4.34 21.81
CA VAL C 6 32.85 -5.07 21.06
C VAL C 6 32.63 -4.89 19.57
N GLN C 7 31.42 -5.18 19.10
CA GLN C 7 31.10 -5.03 17.68
C GLN C 7 31.31 -3.59 17.22
N TYR C 8 31.01 -2.62 18.08
CA TYR C 8 31.16 -1.23 17.71
C TYR C 8 32.60 -0.91 17.33
N PHE C 9 33.54 -1.19 18.23
CA PHE C 9 34.93 -0.88 17.96
C PHE C 9 35.52 -1.78 16.90
N GLN C 10 35.03 -3.01 16.78
CA GLN C 10 35.44 -3.86 15.67
C GLN C 10 35.08 -3.22 14.34
N PHE C 11 33.86 -2.67 14.23
CA PHE C 11 33.44 -1.98 13.01
C PHE C 11 34.47 -0.94 12.59
N TYR C 12 34.97 -0.16 13.54
CA TYR C 12 35.93 0.89 13.25
C TYR C 12 37.36 0.39 13.06
N GLY C 13 37.60 -0.91 13.14
CA GLY C 13 38.94 -1.40 12.88
C GLY C 13 39.26 -1.59 11.42
N TYR C 14 38.30 -1.35 10.53
CA TYR C 14 38.50 -1.59 9.11
C TYR C 14 38.93 -0.31 8.42
N LEU C 15 39.98 -0.42 7.59
CA LEU C 15 40.43 0.72 6.81
C LEU C 15 39.38 1.19 5.81
N SER C 16 38.55 0.27 5.28
CA SER C 16 37.48 0.67 4.36
C SER C 16 36.50 1.61 5.06
N GLN C 17 36.28 1.40 6.35
CA GLN C 17 35.41 2.32 7.08
C GLN C 17 36.07 3.68 7.24
N GLN C 18 37.38 3.71 7.44
CA GLN C 18 38.10 4.98 7.44
C GLN C 18 38.03 5.66 6.07
N GLN C 19 38.19 4.89 5.00
CA GLN C 19 38.11 5.48 3.66
C GLN C 19 36.72 6.07 3.42
N ASN C 20 35.66 5.38 3.86
CA ASN C 20 34.30 5.89 3.64
C ASN C 20 34.14 7.27 4.24
N MET C 21 34.64 7.48 5.46
CA MET C 21 34.54 8.80 6.09
C MET C 21 35.51 9.80 5.48
N MET C 22 36.74 9.38 5.18
CA MET C 22 37.76 10.30 4.70
C MET C 22 37.44 10.83 3.31
N GLN C 23 36.87 9.98 2.46
CA GLN C 23 36.57 10.38 1.08
C GLN C 23 35.36 11.30 0.99
N ASP C 24 34.57 11.42 2.05
CA ASP C 24 33.55 12.47 2.16
C ASP C 24 34.27 13.82 2.14
N TYR C 25 34.31 14.47 0.98
CA TYR C 25 35.10 15.68 0.86
C TYR C 25 34.47 16.84 1.63
N VAL C 26 33.13 16.89 1.69
CA VAL C 26 32.48 17.92 2.49
C VAL C 26 32.89 17.79 3.94
N ARG C 27 32.91 16.57 4.46
CA ARG C 27 33.30 16.38 5.86
C ARG C 27 34.76 16.72 6.07
N THR C 28 35.63 16.06 5.31
CA THR C 28 37.06 16.16 5.61
C THR C 28 37.59 17.53 5.22
N GLY C 29 37.11 18.07 4.10
CA GLY C 29 37.53 19.42 3.71
C GLY C 29 37.09 20.48 4.69
N THR C 30 35.88 20.34 5.25
CA THR C 30 35.39 21.37 6.16
C THR C 30 36.12 21.31 7.49
N TYR C 31 36.40 20.10 7.97
CA TYR C 31 37.24 19.97 9.15
C TYR C 31 38.62 20.60 8.93
N GLN C 32 39.23 20.35 7.78
CA GLN C 32 40.53 20.97 7.52
C GLN C 32 40.41 22.49 7.46
N ARG C 33 39.38 22.99 6.80
CA ARG C 33 39.20 24.44 6.72
C ARG C 33 38.95 25.03 8.11
N ALA C 34 38.17 24.34 8.94
CA ALA C 34 37.90 24.84 10.29
C ALA C 34 39.19 24.95 11.10
N ILE C 35 40.08 23.98 10.97
CA ILE C 35 41.28 23.96 11.79
C ILE C 35 42.34 24.89 11.23
N LEU C 36 42.55 24.85 9.90
CA LEU C 36 43.59 25.66 9.29
C LEU C 36 43.25 27.14 9.34
N GLN C 37 42.00 27.51 9.07
CA GLN C 37 41.66 28.92 9.07
C GLN C 37 41.59 29.49 10.49
N ASN C 38 41.46 28.62 11.49
CA ASN C 38 41.55 29.01 12.89
C ASN C 38 42.88 28.53 13.48
N HIS C 39 43.96 28.75 12.71
CA HIS C 39 45.27 28.23 13.08
C HIS C 39 45.78 28.80 14.40
N THR C 40 45.31 30.00 14.77
CA THR C 40 45.78 30.60 16.03
C THR C 40 45.26 29.84 17.24
N ASP C 41 44.15 29.12 17.09
CA ASP C 41 43.65 28.26 18.17
C ASP C 41 44.47 26.99 18.33
N PHE C 42 45.39 26.73 17.41
CA PHE C 42 46.21 25.53 17.47
C PHE C 42 47.69 25.83 17.60
N LYS C 43 48.14 27.03 17.21
CA LYS C 43 49.55 27.40 17.22
C LYS C 43 50.18 27.20 18.59
N ASP C 44 51.09 26.22 18.68
CA ASP C 44 51.82 25.92 19.91
C ASP C 44 50.90 25.54 21.05
N LYS C 45 49.74 24.97 20.74
CA LYS C 45 48.79 24.53 21.74
C LYS C 45 48.89 23.02 21.95
N ILE C 46 48.32 22.58 23.06
CA ILE C 46 48.19 21.16 23.39
C ILE C 46 46.80 20.71 22.98
N VAL C 47 46.71 19.62 22.24
CA VAL C 47 45.46 19.21 21.58
C VAL C 47 45.11 17.80 22.00
N LEU C 48 43.80 17.54 22.18
CA LEU C 48 43.27 16.19 22.34
C LEU C 48 42.33 15.88 21.18
N ASP C 49 42.54 14.74 20.51
CA ASP C 49 41.68 14.27 19.43
C ASP C 49 40.97 13.00 19.91
N VAL C 50 39.66 13.08 20.10
CA VAL C 50 38.89 11.96 20.65
C VAL C 50 38.42 11.08 19.50
N GLY C 51 38.79 9.80 19.54
CA GLY C 51 38.42 8.89 18.47
C GLY C 51 39.06 9.25 17.15
N CYS C 52 40.39 9.35 17.12
CA CYS C 52 41.11 9.89 15.96
C CYS C 52 41.10 8.96 14.74
N GLY C 53 40.77 7.68 14.91
CA GLY C 53 40.74 6.78 13.77
C GLY C 53 42.11 6.66 13.13
N SER C 54 42.15 6.85 11.80
CA SER C 54 43.41 6.89 11.06
C SER C 54 44.29 8.07 11.45
N GLY C 55 43.72 9.10 12.08
CA GLY C 55 44.50 10.20 12.62
C GLY C 55 44.39 11.51 11.85
N ILE C 56 43.52 11.58 10.85
CA ILE C 56 43.56 12.69 9.89
C ILE C 56 43.39 14.04 10.59
N LEU C 57 42.51 14.09 11.61
CA LEU C 57 42.28 15.36 12.32
C LEU C 57 43.52 15.81 13.08
N SER C 58 44.25 14.88 13.68
CA SER C 58 45.48 15.25 14.36
C SER C 58 46.51 15.79 13.37
N PHE C 59 46.57 15.20 12.17
CA PHE C 59 47.43 15.76 11.14
C PHE C 59 47.02 17.19 10.81
N PHE C 60 45.71 17.46 10.76
CA PHE C 60 45.27 18.83 10.51
C PHE C 60 45.71 19.76 11.65
N ALA C 61 45.57 19.30 12.90
CA ALA C 61 46.02 20.11 14.04
C ALA C 61 47.52 20.36 13.95
N ALA C 62 48.28 19.34 13.54
CA ALA C 62 49.72 19.49 13.36
C ALA C 62 50.04 20.51 12.27
N GLN C 63 49.32 20.45 11.14
CA GLN C 63 49.54 21.43 10.08
C GLN C 63 49.27 22.85 10.58
N ALA C 64 48.30 23.01 11.47
CA ALA C 64 47.99 24.32 12.00
C ALA C 64 49.01 24.80 13.03
N GLY C 65 49.95 23.95 13.43
CA GLY C 65 51.02 24.34 14.31
C GLY C 65 50.94 23.87 15.76
N ALA C 66 50.12 22.85 16.07
CA ALA C 66 50.00 22.39 17.45
C ALA C 66 51.33 21.87 17.97
N ARG C 67 51.61 22.16 19.24
CA ARG C 67 52.83 21.65 19.86
C ARG C 67 52.74 20.16 20.12
N LYS C 68 51.66 19.71 20.79
CA LYS C 68 51.47 18.28 20.99
C LYS C 68 50.00 17.94 20.85
N ILE C 69 49.74 16.79 20.24
CA ILE C 69 48.38 16.30 20.01
C ILE C 69 48.27 14.90 20.59
N TYR C 70 47.44 14.74 21.60
CA TYR C 70 47.07 13.41 22.08
C TYR C 70 45.90 12.91 21.26
N ALA C 71 46.13 11.85 20.50
CA ALA C 71 45.13 11.26 19.62
C ALA C 71 44.69 9.95 20.26
N VAL C 72 43.50 9.94 20.85
CA VAL C 72 43.00 8.76 21.56
C VAL C 72 42.16 7.93 20.60
N GLU C 73 42.40 6.62 20.59
CA GLU C 73 41.64 5.73 19.72
C GLU C 73 41.56 4.36 20.37
N ALA C 74 40.34 3.84 20.53
CA ALA C 74 40.13 2.57 21.23
C ALA C 74 40.19 1.36 20.30
N SER C 75 39.94 1.54 19.01
CA SER C 75 39.92 0.39 18.12
C SER C 75 41.33 0.01 17.69
N THR C 76 41.43 -1.07 16.91
CA THR C 76 42.70 -1.50 16.36
C THR C 76 43.26 -0.52 15.34
N MET C 77 42.46 0.47 14.94
CA MET C 77 42.94 1.52 14.03
C MET C 77 44.08 2.34 14.65
N ALA C 78 44.23 2.31 15.98
CA ALA C 78 45.29 3.08 16.62
C ALA C 78 46.67 2.70 16.09
N GLN C 79 46.86 1.41 15.76
CA GLN C 79 48.16 0.98 15.23
C GLN C 79 48.41 1.56 13.83
N HIS C 80 47.36 1.72 13.02
CA HIS C 80 47.56 2.31 11.69
C HIS C 80 47.86 3.80 11.80
N ALA C 81 47.20 4.50 12.73
CA ALA C 81 47.52 5.90 12.97
C ALA C 81 48.98 6.08 13.34
N GLU C 82 49.50 5.22 14.25
CA GLU C 82 50.92 5.26 14.59
C GLU C 82 51.79 5.12 13.36
N VAL C 83 51.48 4.14 12.50
CA VAL C 83 52.22 3.98 11.26
C VAL C 83 52.22 5.29 10.47
N LEU C 84 51.06 5.95 10.38
CA LEU C 84 50.99 7.20 9.63
C LEU C 84 51.80 8.30 10.29
N VAL C 85 51.78 8.38 11.62
CA VAL C 85 52.55 9.40 12.33
C VAL C 85 54.05 9.26 12.02
N LYS C 86 54.57 8.02 12.06
CA LYS C 86 55.99 7.83 11.80
C LYS C 86 56.34 8.10 10.34
N SER C 87 55.53 7.56 9.41
CA SER C 87 55.82 7.77 7.99
C SER C 87 55.66 9.23 7.57
N ASN C 88 54.83 9.99 8.27
CA ASN C 88 54.74 11.43 8.01
C ASN C 88 55.74 12.23 8.85
N ASN C 89 56.61 11.54 9.59
CA ASN C 89 57.67 12.20 10.39
C ASN C 89 57.09 13.26 11.31
N LEU C 90 56.04 12.88 12.04
CA LEU C 90 55.39 13.78 12.98
C LEU C 90 55.40 13.23 14.40
N THR C 91 56.37 12.37 14.72
CA THR C 91 56.48 11.80 16.06
C THR C 91 56.69 12.87 17.12
N ASP C 92 57.28 14.01 16.76
CA ASP C 92 57.52 15.06 17.74
C ASP C 92 56.24 15.82 18.12
N ARG C 93 55.11 15.54 17.47
CA ARG C 93 53.91 16.35 17.69
C ARG C 93 52.64 15.55 17.87
N ILE C 94 52.51 14.34 17.33
CA ILE C 94 51.30 13.55 17.48
C ILE C 94 51.64 12.32 18.29
N VAL C 95 50.94 12.14 19.42
CA VAL C 95 51.13 10.99 20.30
C VAL C 95 49.83 10.19 20.34
N VAL C 96 49.85 9.02 19.70
CA VAL C 96 48.69 8.14 19.74
C VAL C 96 48.56 7.52 21.14
N ILE C 97 47.37 7.56 21.69
CA ILE C 97 47.07 7.05 23.03
C ILE C 97 46.01 5.97 22.88
N PRO C 98 46.41 4.69 22.93
CA PRO C 98 45.43 3.60 22.69
C PRO C 98 44.53 3.41 23.90
N GLY C 99 43.22 3.37 23.65
CA GLY C 99 42.25 3.16 24.72
C GLY C 99 40.98 3.99 24.55
N LYS C 100 40.03 3.84 25.48
CA LYS C 100 38.84 4.68 25.49
C LYS C 100 39.14 5.98 26.22
N VAL C 101 38.58 7.09 25.71
CA VAL C 101 38.87 8.39 26.30
C VAL C 101 38.47 8.42 27.77
N GLU C 102 37.47 7.62 28.16
CA GLU C 102 37.07 7.56 29.56
C GLU C 102 38.01 6.74 30.43
N GLU C 103 38.95 5.99 29.83
CA GLU C 103 39.82 5.11 30.59
C GLU C 103 41.30 5.45 30.50
N VAL C 104 41.72 6.27 29.54
CA VAL C 104 43.14 6.57 29.38
C VAL C 104 43.57 7.60 30.40
N SER C 105 44.89 7.71 30.59
CA SER C 105 45.49 8.77 31.38
C SER C 105 46.33 9.65 30.47
N LEU C 106 46.08 10.97 30.52
CA LEU C 106 46.89 11.90 29.75
C LEU C 106 47.83 12.67 30.68
N PRO C 107 49.07 12.93 30.25
CA PRO C 107 50.02 13.59 31.15
C PRO C 107 49.65 15.02 31.55
N GLU C 108 48.91 15.75 30.73
CA GLU C 108 48.62 17.15 31.04
C GLU C 108 47.19 17.48 30.63
N GLN C 109 46.80 18.72 30.86
CA GLN C 109 45.53 19.26 30.36
C GLN C 109 45.74 19.85 28.97
N VAL C 110 44.63 19.97 28.23
CA VAL C 110 44.73 20.39 26.83
C VAL C 110 44.06 21.74 26.65
N ASP C 111 44.50 22.47 25.62
CA ASP C 111 43.92 23.76 25.28
C ASP C 111 42.68 23.64 24.41
N ILE C 112 42.55 22.54 23.67
CA ILE C 112 41.45 22.41 22.72
C ILE C 112 41.23 20.93 22.48
N ILE C 113 39.96 20.54 22.37
CA ILE C 113 39.57 19.19 22.01
C ILE C 113 38.99 19.22 20.60
N ILE C 114 39.40 18.27 19.77
CA ILE C 114 38.84 18.10 18.44
C ILE C 114 38.33 16.67 18.33
N SER C 115 37.28 16.50 17.55
CA SER C 115 36.69 15.18 17.34
C SER C 115 35.74 15.26 16.16
N GLU C 116 35.47 14.10 15.57
CA GLU C 116 34.33 13.92 14.69
C GLU C 116 33.46 12.89 15.40
N PRO C 117 32.59 13.32 16.31
CA PRO C 117 31.77 12.38 17.09
C PRO C 117 30.33 12.22 16.60
N MET C 118 29.99 12.73 15.41
CA MET C 118 28.61 12.69 14.94
C MET C 118 28.32 11.35 14.27
N GLY C 119 27.35 10.61 14.82
CA GLY C 119 26.80 9.47 14.13
C GLY C 119 25.74 9.92 13.13
N TYR C 120 25.15 8.96 12.43
CA TYR C 120 23.99 9.35 11.64
C TYR C 120 22.90 9.84 12.59
N MET C 121 22.09 10.78 12.10
CA MET C 121 21.12 11.51 12.93
C MET C 121 21.79 12.18 14.13
N LEU C 122 23.08 12.49 13.99
CA LEU C 122 23.91 13.11 15.03
C LEU C 122 24.18 12.16 16.19
N PHE C 123 23.13 11.64 16.83
CA PHE C 123 23.31 11.05 18.15
C PHE C 123 23.66 9.58 18.15
N ASN C 124 23.57 8.89 17.00
CA ASN C 124 23.48 7.43 17.00
C ASN C 124 24.52 6.77 17.89
N GLU C 125 25.80 7.07 17.72
CA GLU C 125 26.81 6.18 18.30
C GLU C 125 27.12 6.45 19.78
N ARG C 126 26.47 7.44 20.39
CA ARG C 126 26.76 7.90 21.76
C ARG C 126 28.20 8.34 21.91
N MET C 127 28.87 8.72 20.81
CA MET C 127 30.22 9.24 20.89
C MET C 127 30.25 10.67 21.41
N LEU C 128 29.13 11.39 21.29
CA LEU C 128 29.04 12.74 21.85
C LEU C 128 29.31 12.73 23.36
N GLU C 129 28.93 11.66 24.05
CA GLU C 129 29.18 11.56 25.48
C GLU C 129 30.66 11.33 25.78
N SER C 130 31.33 10.52 24.95
CA SER C 130 32.79 10.43 25.05
C SER C 130 33.43 11.79 24.83
N TYR C 131 32.97 12.51 23.80
CA TYR C 131 33.47 13.86 23.51
C TYR C 131 33.29 14.78 24.71
N LEU C 132 32.11 14.75 25.35
CA LEU C 132 31.87 15.60 26.51
C LEU C 132 32.68 15.13 27.71
N HIS C 133 32.77 13.82 27.92
CA HIS C 133 33.55 13.25 29.00
C HIS C 133 34.99 13.71 28.94
N ALA C 134 35.53 13.87 27.74
CA ALA C 134 36.92 14.29 27.56
C ALA C 134 37.18 15.68 28.10
N LYS C 135 36.13 16.46 28.39
CA LYS C 135 36.34 17.80 28.94
C LYS C 135 37.02 17.78 30.30
N LYS C 136 37.08 16.63 30.98
CA LYS C 136 37.86 16.57 32.21
C LYS C 136 39.32 16.91 31.95
N TYR C 137 39.77 16.77 30.71
CA TYR C 137 41.13 17.15 30.34
C TYR C 137 41.23 18.57 29.81
N LEU C 138 40.09 19.27 29.66
CA LEU C 138 40.09 20.57 29.01
C LEU C 138 40.43 21.66 30.02
N LYS C 139 41.46 22.44 29.72
CA LYS C 139 41.81 23.57 30.56
C LYS C 139 40.63 24.54 30.65
N PRO C 140 40.58 25.34 31.72
CA PRO C 140 39.58 26.40 31.80
C PRO C 140 39.58 27.27 30.55
N SER C 141 38.38 27.54 30.04
CA SER C 141 38.19 28.38 28.85
C SER C 141 38.83 27.79 27.60
N GLY C 142 39.15 26.49 27.62
CA GLY C 142 39.61 25.82 26.40
C GLY C 142 38.49 25.58 25.41
N ASN C 143 38.86 25.21 24.19
CA ASN C 143 37.87 25.19 23.11
C ASN C 143 37.49 23.76 22.72
N MET C 144 36.42 23.68 21.95
CA MET C 144 35.88 22.41 21.44
C MET C 144 35.60 22.58 19.96
N PHE C 145 36.14 21.67 19.15
CA PHE C 145 35.95 21.66 17.70
C PHE C 145 35.39 20.30 17.31
N PRO C 146 34.08 20.19 17.03
CA PRO C 146 33.09 21.26 16.94
C PRO C 146 32.64 21.81 18.29
N THR C 147 32.12 23.03 18.27
CA THR C 147 31.70 23.76 19.46
C THR C 147 30.23 23.53 19.79
N ILE C 148 29.37 23.58 18.77
CA ILE C 148 27.94 23.36 18.94
C ILE C 148 27.43 22.44 17.84
N GLY C 149 26.31 21.81 18.13
CA GLY C 149 25.60 21.03 17.13
C GLY C 149 24.14 21.46 17.12
N ASP C 150 23.60 21.63 15.91
CA ASP C 150 22.19 21.95 15.71
C ASP C 150 21.50 20.73 15.14
N VAL C 151 20.50 20.21 15.84
CA VAL C 151 19.65 19.21 15.21
C VAL C 151 18.44 19.91 14.60
N HIS C 152 18.08 19.51 13.39
CA HIS C 152 16.92 20.08 12.69
C HIS C 152 15.88 18.98 12.48
N LEU C 153 14.63 19.30 12.81
CA LEU C 153 13.47 18.45 12.55
C LEU C 153 12.50 19.18 11.66
N ALA C 154 11.89 18.47 10.70
CA ALA C 154 10.83 19.07 9.88
C ALA C 154 9.90 17.97 9.42
N PRO C 155 8.59 18.22 9.37
CA PRO C 155 7.68 17.20 8.84
C PRO C 155 7.82 17.08 7.34
N PHE C 156 7.61 15.86 6.84
CA PHE C 156 7.71 15.61 5.42
C PHE C 156 6.50 14.81 4.94
N THR C 157 6.27 14.90 3.63
CA THR C 157 5.32 14.06 2.94
C THR C 157 6.08 13.20 1.93
N ASP C 158 5.80 11.90 1.93
CA ASP C 158 6.46 10.98 1.01
C ASP C 158 5.68 9.68 0.94
N GLU C 159 4.58 9.70 0.20
CA GLU C 159 3.74 8.54 0.06
C GLU C 159 4.52 7.37 -0.52
N GLN C 160 5.47 7.66 -1.41
CA GLN C 160 6.32 6.62 -1.99
C GLN C 160 7.10 5.87 -0.92
N LEU C 161 7.85 6.59 -0.08
CA LEU C 161 8.64 5.91 0.96
C LEU C 161 7.72 5.18 1.94
N TYR C 162 6.59 5.80 2.29
CA TYR C 162 5.66 5.19 3.23
C TYR C 162 5.17 3.85 2.72
N MET C 163 4.69 3.81 1.47
CA MET C 163 4.20 2.57 0.90
C MET C 163 5.32 1.55 0.73
N GLU C 164 6.53 2.00 0.39
CA GLU C 164 7.66 1.09 0.28
C GLU C 164 7.82 0.28 1.56
N GLN C 165 7.80 0.96 2.71
CA GLN C 165 7.95 0.28 3.99
C GLN C 165 6.70 -0.51 4.35
N PHE C 166 5.52 0.02 4.03
CA PHE C 166 4.28 -0.65 4.38
C PHE C 166 4.14 -1.96 3.62
N THR C 167 4.53 -1.98 2.34
CA THR C 167 4.37 -3.19 1.56
C THR C 167 5.33 -4.28 1.99
N LYS C 168 6.54 -3.93 2.46
CA LYS C 168 7.41 -4.91 3.08
C LYS C 168 6.75 -5.54 4.29
N ALA C 169 6.26 -4.70 5.20
CA ALA C 169 5.55 -5.18 6.37
C ALA C 169 4.40 -6.09 5.99
N ASN C 170 3.72 -5.78 4.88
CA ASN C 170 2.50 -6.48 4.52
C ASN C 170 2.75 -7.87 3.97
N PHE C 171 4.02 -8.28 3.82
CA PHE C 171 4.31 -9.71 3.65
C PHE C 171 3.66 -10.52 4.76
N TRP C 172 3.68 -10.01 5.99
CA TRP C 172 3.18 -10.76 7.14
C TRP C 172 1.68 -10.68 7.28
N TYR C 173 1.01 -10.07 6.31
CA TYR C 173 -0.44 -10.02 6.19
C TYR C 173 -1.00 -11.20 5.38
N GLN C 174 -0.12 -11.99 4.75
CA GLN C 174 -0.54 -13.14 3.94
C GLN C 174 -1.25 -14.18 4.80
N PRO C 175 -2.45 -14.61 4.42
CA PRO C 175 -3.12 -15.71 5.13
C PRO C 175 -2.83 -17.10 4.59
N SER C 176 -2.05 -17.26 3.52
CA SER C 176 -1.75 -18.56 2.92
C SER C 176 -0.39 -18.49 2.22
N PHE C 177 0.68 -18.25 2.98
CA PHE C 177 1.98 -17.98 2.38
C PHE C 177 2.50 -19.18 1.63
N HIS C 178 2.58 -20.34 2.28
CA HIS C 178 2.68 -21.62 1.55
C HIS C 178 1.63 -22.55 2.12
N GLY C 179 0.38 -22.07 2.15
CA GLY C 179 -0.66 -22.67 2.96
C GLY C 179 -0.66 -22.25 4.41
N VAL C 180 0.18 -21.29 4.80
CA VAL C 180 0.33 -20.92 6.20
C VAL C 180 -0.20 -19.49 6.40
N ASP C 181 -0.97 -19.30 7.47
CA ASP C 181 -1.53 -17.99 7.80
C ASP C 181 -0.50 -17.20 8.60
N LEU C 182 0.11 -16.20 7.98
CA LEU C 182 1.03 -15.32 8.66
C LEU C 182 0.36 -14.14 9.36
N SER C 183 -0.94 -13.92 9.10
CA SER C 183 -1.57 -12.62 9.35
C SER C 183 -1.57 -12.21 10.82
N ALA C 184 -1.51 -13.17 11.75
CA ALA C 184 -1.43 -12.78 13.15
C ALA C 184 -0.18 -12.00 13.47
N LEU C 185 0.85 -12.08 12.62
CA LEU C 185 2.08 -11.37 12.89
C LEU C 185 2.16 -10.03 12.18
N ARG C 186 1.09 -9.57 11.53
CA ARG C 186 1.21 -8.36 10.71
C ARG C 186 1.44 -7.11 11.56
N GLY C 187 0.73 -6.99 12.68
CA GLY C 187 0.87 -5.79 13.49
C GLY C 187 2.23 -5.67 14.15
N ALA C 188 2.52 -6.62 15.04
CA ALA C 188 3.76 -6.64 15.81
C ALA C 188 4.42 -7.98 15.50
N ALA C 189 5.17 -8.00 14.42
CA ALA C 189 5.45 -6.77 13.71
C ALA C 189 4.96 -6.93 12.27
N VAL C 190 4.64 -5.84 11.58
CA VAL C 190 5.59 -4.77 11.60
C VAL C 190 5.27 -3.37 12.17
N ASP C 191 5.36 -3.38 13.49
CA ASP C 191 6.06 -2.34 14.21
C ASP C 191 7.56 -2.34 13.90
N GLU C 192 8.12 -3.48 13.47
CA GLU C 192 9.57 -3.63 13.33
C GLU C 192 10.13 -2.70 12.27
N TYR C 193 9.58 -2.74 11.05
CA TYR C 193 10.04 -1.89 9.96
C TYR C 193 9.84 -0.43 10.30
N PHE C 194 8.68 -0.07 10.86
CA PHE C 194 8.46 1.34 11.18
C PHE C 194 9.29 1.80 12.37
N ARG C 195 9.89 0.88 13.13
CA ARG C 195 10.89 1.25 14.12
C ARG C 195 12.22 1.69 13.49
N GLN C 196 12.41 1.47 12.19
CA GLN C 196 13.71 1.72 11.55
C GLN C 196 13.77 3.13 10.98
N PRO C 197 14.66 4.00 11.47
CA PRO C 197 14.88 5.27 10.77
C PRO C 197 15.37 5.01 9.36
N VAL C 198 15.06 5.91 8.44
CA VAL C 198 15.42 5.75 7.03
C VAL C 198 16.55 6.71 6.73
N VAL C 199 17.73 6.16 6.46
CA VAL C 199 18.92 6.95 6.16
C VAL C 199 19.06 7.03 4.65
N ASP C 200 18.81 8.21 4.09
CA ASP C 200 19.08 8.55 2.69
C ASP C 200 18.75 10.02 2.51
N THR C 201 18.98 10.54 1.31
CA THR C 201 18.65 11.92 1.03
C THR C 201 17.30 11.98 0.32
N PHE C 202 16.81 13.20 0.12
CA PHE C 202 15.49 13.36 -0.47
C PHE C 202 15.41 14.73 -1.12
N ASP C 203 14.42 14.90 -1.99
CA ASP C 203 14.14 16.22 -2.53
C ASP C 203 13.54 17.09 -1.43
N ILE C 204 14.00 18.35 -1.34
CA ILE C 204 13.54 19.22 -0.27
C ILE C 204 12.09 19.65 -0.43
N ARG C 205 11.49 19.43 -1.60
CA ARG C 205 10.07 19.76 -1.74
C ARG C 205 9.16 18.82 -0.96
N ILE C 206 9.69 17.75 -0.36
CA ILE C 206 8.86 16.94 0.51
C ILE C 206 8.63 17.58 1.87
N LEU C 207 9.41 18.60 2.22
CA LEU C 207 9.28 19.25 3.52
C LEU C 207 8.05 20.15 3.55
N MET C 208 7.32 20.11 4.66
CA MET C 208 6.04 20.80 4.74
C MET C 208 5.98 21.92 5.77
N ALA C 209 7.05 22.14 6.52
CA ALA C 209 7.14 23.31 7.38
C ALA C 209 8.61 23.67 7.49
N LYS C 210 8.85 24.86 8.01
CA LYS C 210 10.21 25.28 8.36
C LYS C 210 10.73 24.38 9.47
N SER C 211 12.00 23.99 9.38
CA SER C 211 12.57 23.12 10.39
C SER C 211 12.55 23.78 11.77
N VAL C 212 12.47 22.95 12.81
CA VAL C 212 12.70 23.34 14.21
C VAL C 212 14.12 22.97 14.57
N LYS C 213 14.81 23.86 15.29
CA LYS C 213 16.22 23.71 15.63
C LYS C 213 16.35 23.45 17.13
N TYR C 214 17.17 22.46 17.49
CA TYR C 214 17.53 22.19 18.86
C TYR C 214 19.04 22.15 18.95
N THR C 215 19.60 22.96 19.86
CA THR C 215 21.03 23.21 19.89
C THR C 215 21.65 22.54 21.12
N VAL C 216 22.70 21.76 20.89
CA VAL C 216 23.54 21.21 21.95
C VAL C 216 24.85 22.00 21.95
N ASN C 217 25.11 22.73 23.03
CA ASN C 217 26.36 23.44 23.22
C ASN C 217 27.38 22.50 23.85
N PHE C 218 28.42 22.12 23.08
CA PHE C 218 29.41 21.18 23.61
C PHE C 218 30.33 21.82 24.66
N LEU C 219 30.48 23.14 24.65
CA LEU C 219 31.23 23.81 25.72
C LEU C 219 30.54 23.66 27.06
N GLU C 220 29.21 23.62 27.08
CA GLU C 220 28.45 23.71 28.31
C GLU C 220 27.83 22.39 28.74
N ALA C 221 27.45 21.54 27.80
CA ALA C 221 26.72 20.33 28.13
C ALA C 221 27.56 19.37 28.97
N LYS C 222 26.92 18.74 29.95
CA LYS C 222 27.52 17.66 30.71
C LYS C 222 27.24 16.32 30.02
N GLU C 223 28.09 15.33 30.31
CA GLU C 223 27.92 14.01 29.70
C GLU C 223 26.53 13.44 29.99
N GLY C 224 26.05 13.58 31.23
CA GLY C 224 24.75 13.03 31.58
C GLY C 224 23.58 13.75 30.94
N ASP C 225 23.80 14.96 30.41
CA ASP C 225 22.73 15.67 29.71
C ASP C 225 22.28 14.91 28.46
N LEU C 226 23.08 13.97 27.97
CA LEU C 226 22.81 13.27 26.74
C LEU C 226 22.15 11.91 26.96
N HIS C 227 21.89 11.53 28.21
CA HIS C 227 21.17 10.29 28.45
C HIS C 227 19.70 10.41 28.08
N ARG C 228 19.13 11.61 28.20
CA ARG C 228 17.73 11.83 27.86
C ARG C 228 17.62 13.20 27.22
N ILE C 229 17.24 13.23 25.94
CA ILE C 229 17.18 14.45 25.16
C ILE C 229 15.71 14.68 24.79
N GLU C 230 15.11 15.73 25.33
CA GLU C 230 13.72 16.08 25.08
C GLU C 230 13.67 17.26 24.11
N ILE C 231 13.13 17.03 22.92
CA ILE C 231 13.05 18.07 21.90
C ILE C 231 11.58 18.40 21.61
N PRO C 232 11.00 19.41 22.26
CA PRO C 232 9.65 19.84 21.90
C PRO C 232 9.65 20.51 20.53
N PHE C 233 8.50 20.46 19.85
CA PHE C 233 8.41 21.12 18.55
C PHE C 233 6.99 21.63 18.30
N LYS C 234 6.90 22.69 17.51
CA LYS C 234 5.63 23.24 17.04
C LYS C 234 5.86 23.73 15.61
N PHE C 235 5.38 22.97 14.63
CA PHE C 235 5.54 23.34 13.23
C PHE C 235 4.36 24.17 12.75
N HIS C 236 4.65 25.20 11.96
CA HIS C 236 3.61 25.98 11.28
C HIS C 236 3.50 25.42 9.87
N MET C 237 2.47 24.62 9.61
CA MET C 237 2.39 23.89 8.34
C MET C 237 2.25 24.87 7.18
N LEU C 238 3.11 24.71 6.18
CA LEU C 238 3.10 25.57 5.01
C LEU C 238 2.39 24.95 3.82
N HIS C 239 2.14 23.65 3.86
CA HIS C 239 1.43 22.96 2.79
C HIS C 239 0.42 22.03 3.40
N SER C 240 -0.64 21.74 2.64
CA SER C 240 -1.65 20.77 3.02
C SER C 240 -1.27 19.39 2.50
N GLY C 241 -1.64 18.36 3.25
CA GLY C 241 -1.41 17.01 2.82
C GLY C 241 -1.09 16.10 3.99
N LEU C 242 -0.66 14.88 3.66
CA LEU C 242 -0.33 13.88 4.65
C LEU C 242 1.08 14.06 5.18
N VAL C 243 1.23 14.09 6.49
CA VAL C 243 2.54 14.11 7.14
C VAL C 243 2.92 12.65 7.40
N HIS C 244 3.91 12.16 6.68
CA HIS C 244 4.32 10.77 6.86
C HIS C 244 5.38 10.60 7.94
N GLY C 245 5.94 11.69 8.44
CA GLY C 245 6.87 11.59 9.55
C GLY C 245 7.69 12.86 9.68
N LEU C 246 8.83 12.71 10.35
CA LEU C 246 9.74 13.81 10.65
C LEU C 246 11.10 13.49 10.04
N ALA C 247 11.67 14.48 9.35
CA ALA C 247 12.99 14.37 8.76
C ALA C 247 14.00 15.05 9.66
N PHE C 248 15.21 14.48 9.73
CA PHE C 248 16.25 14.91 10.66
C PHE C 248 17.54 15.22 9.89
N TRP C 249 18.20 16.30 10.27
CA TRP C 249 19.55 16.57 9.80
C TRP C 249 20.22 17.46 10.85
N PHE C 250 21.53 17.64 10.71
CA PHE C 250 22.26 18.39 11.71
C PHE C 250 23.38 19.21 11.07
N ASP C 251 23.68 20.33 11.72
CA ASP C 251 24.86 21.14 11.42
C ASP C 251 25.72 21.21 12.68
N VAL C 252 27.03 21.22 12.51
CA VAL C 252 27.94 21.53 13.61
C VAL C 252 28.71 22.78 13.23
N ALA C 253 29.07 23.56 14.24
CA ALA C 253 29.86 24.77 14.05
C ALA C 253 31.16 24.66 14.84
N PHE C 254 32.25 25.02 14.18
CA PHE C 254 33.56 25.20 14.80
C PHE C 254 33.73 26.69 15.04
N ILE C 255 33.54 27.11 16.28
CA ILE C 255 33.54 28.53 16.63
C ILE C 255 34.96 28.84 17.09
N GLY C 256 35.79 29.29 16.14
CA GLY C 256 37.18 29.61 16.41
C GLY C 256 37.42 31.10 16.64
N SER C 257 38.68 31.41 16.93
CA SER C 257 39.06 32.79 17.19
C SER C 257 39.03 33.63 15.91
N ILE C 258 39.31 33.01 14.76
CA ILE C 258 39.38 33.73 13.48
C ILE C 258 38.04 33.74 12.78
N MET C 259 37.35 32.59 12.73
CA MET C 259 36.03 32.55 12.13
C MET C 259 35.28 31.33 12.63
N THR C 260 33.98 31.35 12.39
CA THR C 260 33.11 30.20 12.60
C THR C 260 32.96 29.48 11.27
N VAL C 261 33.25 28.19 11.28
CA VAL C 261 33.07 27.34 10.11
C VAL C 261 31.96 26.35 10.42
N TRP C 262 31.07 26.15 9.44
CA TRP C 262 29.90 25.30 9.59
C TRP C 262 30.05 24.05 8.73
N LEU C 263 29.67 22.90 9.29
CA LEU C 263 29.55 21.66 8.54
C LEU C 263 28.09 21.26 8.58
N SER C 264 27.43 21.25 7.42
CA SER C 264 26.00 20.99 7.36
C SER C 264 25.72 19.68 6.62
N THR C 265 24.80 18.88 7.19
CA THR C 265 24.26 17.73 6.48
C THR C 265 22.81 17.98 6.05
N ALA C 266 22.41 19.24 5.90
CA ALA C 266 21.07 19.59 5.47
C ALA C 266 20.79 19.13 4.03
N PRO C 267 19.54 18.81 3.72
CA PRO C 267 19.21 18.46 2.33
C PRO C 267 19.31 19.64 1.36
N THR C 268 19.45 20.85 1.87
CA THR C 268 19.71 22.01 1.01
C THR C 268 21.18 22.17 0.67
N GLU C 269 22.06 21.40 1.30
CA GLU C 269 23.50 21.51 1.12
C GLU C 269 24.05 20.30 0.38
N PRO C 270 25.28 20.39 -0.12
CA PRO C 270 25.88 19.23 -0.79
C PRO C 270 25.79 17.99 0.10
N LEU C 271 25.49 16.86 -0.55
CA LEU C 271 25.37 15.58 0.13
C LEU C 271 26.65 15.24 0.89
N THR C 272 26.49 14.64 2.07
CA THR C 272 27.58 14.07 2.85
C THR C 272 27.31 12.60 3.08
N HIS C 273 28.30 11.88 3.63
CA HIS C 273 28.10 10.45 3.88
C HIS C 273 27.13 10.18 5.04
N TRP C 274 26.71 11.23 5.77
CA TRP C 274 25.63 11.13 6.74
C TRP C 274 24.25 11.12 6.09
N TYR C 275 24.12 11.62 4.86
CA TYR C 275 22.82 11.76 4.19
C TYR C 275 21.85 12.54 5.09
N GLN C 276 20.62 12.06 5.20
CA GLN C 276 19.65 12.58 6.16
C GLN C 276 18.85 11.40 6.72
N VAL C 277 18.06 11.67 7.77
CA VAL C 277 17.34 10.58 8.45
C VAL C 277 15.85 10.94 8.54
N ARG C 278 15.00 9.99 8.19
CA ARG C 278 13.57 10.18 8.28
C ARG C 278 12.96 9.13 9.19
N CYS C 279 12.09 9.57 10.10
CA CYS C 279 11.35 8.70 11.01
C CYS C 279 9.90 8.67 10.55
N LEU C 280 9.47 7.52 10.03
CA LEU C 280 8.11 7.35 9.53
C LEU C 280 7.09 7.16 10.65
N PHE C 281 5.89 7.71 10.43
CA PHE C 281 4.72 7.41 11.24
C PHE C 281 4.03 6.16 10.68
N GLN C 282 3.54 5.30 11.58
CA GLN C 282 2.81 4.12 11.13
C GLN C 282 1.53 4.50 10.38
N SER C 283 0.90 5.59 10.78
CA SER C 283 -0.23 6.12 10.02
C SER C 283 -0.01 7.63 9.90
N PRO C 284 0.00 8.17 8.69
CA PRO C 284 0.32 9.59 8.54
C PRO C 284 -0.78 10.47 9.13
N LEU C 285 -0.41 11.70 9.45
CA LEU C 285 -1.35 12.71 9.94
C LEU C 285 -1.70 13.67 8.82
N PHE C 286 -2.99 13.98 8.67
CA PHE C 286 -3.40 15.02 7.74
C PHE C 286 -3.40 16.38 8.43
N ALA C 287 -2.87 17.38 7.74
CA ALA C 287 -2.89 18.75 8.23
C ALA C 287 -3.15 19.68 7.05
N LYS C 288 -3.74 20.83 7.35
CA LYS C 288 -3.93 21.89 6.36
C LYS C 288 -2.85 22.95 6.54
N ALA C 289 -2.54 23.64 5.44
CA ALA C 289 -1.66 24.79 5.55
C ALA C 289 -2.24 25.76 6.57
N GLY C 290 -1.39 26.25 7.47
CA GLY C 290 -1.82 27.12 8.55
C GLY C 290 -2.08 26.39 9.86
N ASP C 291 -2.27 25.07 9.82
CA ASP C 291 -2.36 24.30 11.06
C ASP C 291 -1.00 24.22 11.74
N THR C 292 -1.02 23.74 12.98
CA THR C 292 0.17 23.57 13.78
C THR C 292 0.31 22.09 14.16
N LEU C 293 1.48 21.53 13.88
CA LEU C 293 1.81 20.18 14.30
C LEU C 293 2.74 20.31 15.51
N SER C 294 2.33 19.75 16.65
CA SER C 294 3.08 19.96 17.87
C SER C 294 3.29 18.63 18.58
N GLY C 295 4.38 18.55 19.35
CA GLY C 295 4.66 17.34 20.08
C GLY C 295 6.09 17.35 20.60
N THR C 296 6.61 16.15 20.84
CA THR C 296 7.91 16.00 21.47
C THR C 296 8.69 14.87 20.81
N CYS C 297 9.97 15.12 20.56
CA CYS C 297 10.91 14.08 20.17
C CYS C 297 11.79 13.77 21.38
N LEU C 298 11.64 12.57 21.94
CA LEU C 298 12.36 12.15 23.15
C LEU C 298 13.39 11.08 22.81
N LEU C 299 14.66 11.39 23.05
CA LEU C 299 15.77 10.46 22.80
C LEU C 299 16.27 9.91 24.12
N ILE C 300 16.19 8.59 24.28
CA ILE C 300 16.59 7.90 25.50
C ILE C 300 17.77 7.01 25.16
N ALA C 301 18.95 7.34 25.70
CA ALA C 301 20.15 6.56 25.44
C ALA C 301 20.02 5.15 25.97
N ASN C 302 20.50 4.17 25.20
CA ASN C 302 20.34 2.76 25.56
C ASN C 302 21.71 2.08 25.68
N LYS C 303 21.66 0.77 25.93
CA LYS C 303 22.84 -0.04 26.19
C LYS C 303 23.53 -0.49 24.91
N ARG C 304 23.04 -0.09 23.76
CA ARG C 304 23.55 -0.57 22.48
C ARG C 304 24.18 0.58 21.71
N GLN C 305 24.79 1.49 22.44
CA GLN C 305 25.51 2.62 21.87
C GLN C 305 24.60 3.45 20.98
N SER C 306 23.34 3.60 21.39
CA SER C 306 22.37 4.34 20.57
C SER C 306 21.28 4.89 21.48
N TYR C 307 20.14 5.22 20.87
CA TYR C 307 19.03 5.86 21.55
C TYR C 307 17.72 5.17 21.14
N ASP C 308 16.75 5.21 22.06
CA ASP C 308 15.37 4.87 21.73
C ASP C 308 14.64 6.17 21.41
N ILE C 309 14.07 6.25 20.22
CA ILE C 309 13.46 7.48 19.74
C ILE C 309 11.98 7.42 20.03
N SER C 310 11.47 8.42 20.74
CA SER C 310 10.04 8.55 20.99
C SER C 310 9.56 9.83 20.32
N ILE C 311 8.65 9.69 19.37
CA ILE C 311 8.09 10.83 18.64
C ILE C 311 6.60 10.80 18.86
N VAL C 312 6.07 11.81 19.54
CA VAL C 312 4.63 12.02 19.66
C VAL C 312 4.31 13.33 18.96
N ALA C 313 3.38 13.29 18.00
CA ALA C 313 3.01 14.51 17.28
C ALA C 313 1.49 14.57 17.17
N GLN C 314 0.95 15.79 17.16
CA GLN C 314 -0.48 15.94 16.96
C GLN C 314 -0.76 17.18 16.14
N VAL C 315 -1.81 17.10 15.34
CA VAL C 315 -2.38 18.28 14.68
C VAL C 315 -3.26 18.97 15.71
N ASP C 316 -2.87 20.18 16.12
CA ASP C 316 -3.56 20.82 17.24
C ASP C 316 -5.01 21.16 16.89
N GLN C 317 -5.29 21.48 15.64
CA GLN C 317 -6.65 21.90 15.28
C GLN C 317 -7.65 20.76 15.40
N THR C 318 -7.23 19.50 15.17
CA THR C 318 -8.14 18.37 15.09
C THR C 318 -7.94 17.32 16.17
N GLY C 319 -6.88 17.41 16.97
CA GLY C 319 -6.55 16.32 17.87
C GLY C 319 -6.05 15.04 17.22
N SER C 320 -5.80 15.01 15.91
CA SER C 320 -5.22 13.81 15.31
C SER C 320 -3.79 13.62 15.85
N LYS C 321 -3.52 12.47 16.47
CA LYS C 321 -2.28 12.23 17.17
C LYS C 321 -1.55 11.03 16.59
N SER C 322 -0.22 11.06 16.66
CA SER C 322 0.61 9.94 16.24
C SER C 322 1.76 9.79 17.23
N SER C 323 1.93 8.57 17.77
CA SER C 323 3.01 8.25 18.68
C SER C 323 3.80 7.09 18.09
N ASN C 324 5.12 7.16 18.21
CA ASN C 324 6.00 6.20 17.57
C ASN C 324 7.24 6.00 18.44
N LEU C 325 7.80 4.80 18.38
CA LEU C 325 9.09 4.50 18.99
C LEU C 325 9.99 3.97 17.89
N LEU C 326 11.20 4.47 17.83
CA LEU C 326 12.13 4.09 16.79
C LEU C 326 13.43 3.63 17.43
N ASP C 327 14.08 2.69 16.75
CA ASP C 327 15.32 2.04 17.18
C ASP C 327 16.45 2.60 16.32
N LEU C 328 17.11 3.63 16.83
CA LEU C 328 18.11 4.32 16.03
C LEU C 328 19.25 3.39 15.64
N LYS C 329 19.56 2.41 16.49
CA LYS C 329 20.62 1.44 16.20
C LYS C 329 20.36 0.58 14.96
N ASN C 330 19.11 0.41 14.52
CA ASN C 330 18.81 -0.51 13.43
C ASN C 330 18.07 0.20 12.29
N PRO C 331 18.77 1.05 11.53
CA PRO C 331 18.10 1.83 10.48
C PRO C 331 17.96 1.05 9.18
N PHE C 332 17.17 1.63 8.27
CA PHE C 332 17.11 1.20 6.88
C PHE C 332 18.06 2.09 6.08
N PHE C 333 19.19 1.52 5.66
CA PHE C 333 20.21 2.25 4.89
C PHE C 333 19.79 2.29 3.42
N ARG C 334 18.72 3.04 3.16
CA ARG C 334 18.08 3.02 1.84
C ARG C 334 18.96 3.55 0.72
N TYR C 335 20.00 4.33 1.03
CA TYR C 335 20.84 4.86 -0.05
C TYR C 335 21.66 3.78 -0.74
N THR C 336 21.76 2.59 -0.15
CA THR C 336 22.58 1.53 -0.71
C THR C 336 21.85 0.78 -1.83
N GLU D 1 -36.33 -9.13 -5.36
CA GLU D 1 -36.99 -8.16 -4.48
C GLU D 1 -37.58 -7.00 -5.29
N GLU D 2 -38.68 -6.45 -4.79
CA GLU D 2 -39.44 -5.44 -5.54
C GLU D 2 -38.69 -4.12 -5.59
N SER D 3 -38.18 -3.66 -4.45
CA SER D 3 -37.47 -2.39 -4.42
C SER D 3 -36.33 -2.37 -5.44
N SER D 4 -35.52 -3.42 -5.43
CA SER D 4 -34.40 -3.48 -6.37
C SER D 4 -34.89 -3.55 -7.80
N ALA D 5 -35.96 -4.32 -8.04
CA ALA D 5 -36.49 -4.46 -9.40
C ALA D 5 -37.05 -3.14 -9.92
N VAL D 6 -37.72 -2.37 -9.05
CA VAL D 6 -38.24 -1.06 -9.44
C VAL D 6 -37.10 -0.18 -9.94
N GLN D 7 -36.00 -0.10 -9.17
CA GLN D 7 -34.88 0.72 -9.58
C GLN D 7 -34.22 0.21 -10.86
N TYR D 8 -34.18 -1.12 -11.05
CA TYR D 8 -33.61 -1.67 -12.27
C TYR D 8 -34.33 -1.14 -13.50
N PHE D 9 -35.66 -1.24 -13.51
CA PHE D 9 -36.38 -0.80 -14.70
C PHE D 9 -36.44 0.73 -14.80
N GLN D 10 -36.37 1.44 -13.68
CA GLN D 10 -36.26 2.91 -13.73
C GLN D 10 -34.97 3.33 -14.43
N PHE D 11 -33.85 2.65 -14.13
CA PHE D 11 -32.59 2.92 -14.79
C PHE D 11 -32.72 2.87 -16.30
N TYR D 12 -33.52 1.93 -16.81
CA TYR D 12 -33.68 1.76 -18.24
C TYR D 12 -34.77 2.66 -18.82
N GLY D 13 -35.39 3.52 -18.00
CA GLY D 13 -36.30 4.52 -18.52
C GLY D 13 -35.64 5.76 -19.09
N TYR D 14 -34.32 5.90 -18.95
CA TYR D 14 -33.63 7.12 -19.36
C TYR D 14 -33.10 7.00 -20.78
N LEU D 15 -33.40 8.01 -21.60
CA LEU D 15 -32.86 8.05 -22.96
C LEU D 15 -31.34 8.10 -22.96
N SER D 16 -30.73 8.70 -21.92
CA SER D 16 -29.28 8.75 -21.85
C SER D 16 -28.66 7.36 -21.74
N GLN D 17 -29.34 6.41 -21.09
CA GLN D 17 -28.81 5.05 -21.03
C GLN D 17 -28.95 4.34 -22.37
N GLN D 18 -30.08 4.53 -23.06
CA GLN D 18 -30.20 4.02 -24.43
C GLN D 18 -29.06 4.54 -25.29
N GLN D 19 -28.75 5.83 -25.15
CA GLN D 19 -27.72 6.41 -25.99
C GLN D 19 -26.36 5.80 -25.68
N ASN D 20 -26.06 5.58 -24.39
CA ASN D 20 -24.79 4.93 -24.05
C ASN D 20 -24.62 3.58 -24.75
N MET D 21 -25.68 2.77 -24.81
CA MET D 21 -25.55 1.47 -25.46
C MET D 21 -25.52 1.61 -26.99
N MET D 22 -26.43 2.42 -27.53
CA MET D 22 -26.52 2.56 -28.98
C MET D 22 -25.25 3.13 -29.58
N GLN D 23 -24.64 4.12 -28.92
CA GLN D 23 -23.42 4.75 -29.43
C GLN D 23 -22.21 3.83 -29.38
N ASP D 24 -22.26 2.71 -28.66
CA ASP D 24 -21.21 1.69 -28.75
C ASP D 24 -21.28 1.07 -30.14
N TYR D 25 -20.36 1.49 -31.03
CA TYR D 25 -20.47 1.07 -32.42
C TYR D 25 -20.12 -0.40 -32.59
N VAL D 26 -19.17 -0.91 -31.80
CA VAL D 26 -18.89 -2.34 -31.87
C VAL D 26 -20.15 -3.14 -31.54
N ARG D 27 -20.86 -2.73 -30.49
CA ARG D 27 -22.10 -3.43 -30.12
C ARG D 27 -23.15 -3.32 -31.23
N THR D 28 -23.52 -2.09 -31.59
CA THR D 28 -24.70 -1.89 -32.41
C THR D 28 -24.45 -2.27 -33.87
N GLY D 29 -23.23 -2.00 -34.36
CA GLY D 29 -22.89 -2.40 -35.72
C GLY D 29 -22.74 -3.90 -35.86
N THR D 30 -22.24 -4.57 -34.83
CA THR D 30 -22.16 -6.03 -34.91
C THR D 30 -23.54 -6.66 -34.85
N TYR D 31 -24.45 -6.13 -34.02
CA TYR D 31 -25.82 -6.64 -34.01
C TYR D 31 -26.45 -6.46 -35.39
N GLN D 32 -26.31 -5.26 -35.99
CA GLN D 32 -26.90 -5.05 -37.31
C GLN D 32 -26.27 -5.99 -38.35
N ARG D 33 -24.95 -6.18 -38.30
CA ARG D 33 -24.33 -7.05 -39.30
C ARG D 33 -24.76 -8.51 -39.13
N ALA D 34 -24.82 -8.99 -37.89
CA ALA D 34 -25.29 -10.35 -37.62
C ALA D 34 -26.67 -10.57 -38.18
N ILE D 35 -27.55 -9.59 -38.01
CA ILE D 35 -28.95 -9.69 -38.42
C ILE D 35 -29.09 -9.57 -39.94
N LEU D 36 -28.48 -8.53 -40.54
CA LEU D 36 -28.69 -8.28 -41.96
C LEU D 36 -27.95 -9.32 -42.82
N GLN D 37 -26.77 -9.75 -42.40
CA GLN D 37 -26.05 -10.76 -43.17
C GLN D 37 -26.71 -12.13 -43.07
N ASN D 38 -27.56 -12.33 -42.07
CA ASN D 38 -28.36 -13.55 -41.98
C ASN D 38 -29.81 -13.27 -42.32
N HIS D 39 -30.04 -12.56 -43.43
CA HIS D 39 -31.37 -12.05 -43.74
C HIS D 39 -32.40 -13.16 -43.91
N THR D 40 -31.97 -14.36 -44.37
CA THR D 40 -32.93 -15.45 -44.54
C THR D 40 -33.49 -15.94 -43.22
N ASP D 41 -32.74 -15.78 -42.12
CA ASP D 41 -33.26 -16.06 -40.79
C ASP D 41 -34.31 -15.05 -40.35
N PHE D 42 -34.50 -13.97 -41.08
CA PHE D 42 -35.49 -12.97 -40.70
C PHE D 42 -36.55 -12.74 -41.77
N LYS D 43 -36.19 -12.81 -43.04
CA LYS D 43 -37.11 -12.47 -44.13
C LYS D 43 -38.41 -13.24 -44.00
N ASP D 44 -39.51 -12.52 -43.81
CA ASP D 44 -40.86 -13.06 -43.69
C ASP D 44 -41.04 -13.91 -42.43
N LYS D 45 -40.21 -13.73 -41.41
CA LYS D 45 -40.31 -14.52 -40.19
C LYS D 45 -41.02 -13.72 -39.10
N ILE D 46 -41.42 -14.42 -38.05
CA ILE D 46 -41.97 -13.82 -36.84
C ILE D 46 -40.87 -13.76 -35.80
N VAL D 47 -40.60 -12.59 -35.25
CA VAL D 47 -39.50 -12.49 -34.30
C VAL D 47 -39.98 -11.87 -32.99
N LEU D 48 -39.27 -12.22 -31.92
CA LEU D 48 -39.47 -11.67 -30.58
C LEU D 48 -38.17 -10.98 -30.18
N ASP D 49 -38.26 -9.68 -29.86
CA ASP D 49 -37.14 -8.89 -29.34
C ASP D 49 -37.34 -8.70 -27.83
N VAL D 50 -36.43 -9.23 -27.03
CA VAL D 50 -36.62 -9.28 -25.58
C VAL D 50 -35.87 -8.11 -24.95
N GLY D 51 -36.62 -7.21 -24.30
CA GLY D 51 -36.04 -6.03 -23.69
C GLY D 51 -35.57 -5.04 -24.73
N CYS D 52 -36.51 -4.60 -25.59
CA CYS D 52 -36.10 -3.90 -26.80
C CYS D 52 -35.59 -2.49 -26.55
N GLY D 53 -35.83 -1.92 -25.37
CA GLY D 53 -35.40 -0.55 -25.13
C GLY D 53 -36.03 0.38 -26.14
N SER D 54 -35.21 1.23 -26.78
CA SER D 54 -35.71 2.16 -27.80
C SER D 54 -36.18 1.46 -29.08
N GLY D 55 -35.87 0.19 -29.24
CA GLY D 55 -36.35 -0.58 -30.36
C GLY D 55 -35.34 -0.87 -31.44
N ILE D 56 -34.07 -0.53 -31.25
CA ILE D 56 -33.09 -0.60 -32.35
C ILE D 56 -33.04 -2.01 -32.97
N LEU D 57 -32.97 -3.07 -32.16
CA LEU D 57 -32.85 -4.42 -32.71
C LEU D 57 -34.09 -4.80 -33.52
N SER D 58 -35.26 -4.38 -33.08
CA SER D 58 -36.46 -4.62 -33.86
C SER D 58 -36.40 -3.92 -35.20
N PHE D 59 -35.78 -2.73 -35.27
CA PHE D 59 -35.63 -2.07 -36.55
C PHE D 59 -34.69 -2.84 -37.46
N PHE D 60 -33.64 -3.44 -36.89
CA PHE D 60 -32.74 -4.26 -37.69
C PHE D 60 -33.47 -5.48 -38.25
N ALA D 61 -34.29 -6.14 -37.42
CA ALA D 61 -35.08 -7.28 -37.90
C ALA D 61 -36.01 -6.84 -39.03
N ALA D 62 -36.62 -5.66 -38.90
CA ALA D 62 -37.50 -5.15 -39.95
C ALA D 62 -36.71 -4.82 -41.21
N GLN D 63 -35.50 -4.29 -41.07
CA GLN D 63 -34.65 -4.05 -42.24
C GLN D 63 -34.38 -5.34 -42.99
N ALA D 64 -34.15 -6.45 -42.25
CA ALA D 64 -33.94 -7.78 -42.81
C ALA D 64 -35.22 -8.43 -43.33
N GLY D 65 -36.37 -7.76 -43.29
CA GLY D 65 -37.58 -8.25 -43.91
C GLY D 65 -38.48 -9.10 -43.03
N ALA D 66 -38.29 -9.07 -41.71
CA ALA D 66 -39.17 -9.81 -40.82
C ALA D 66 -40.63 -9.44 -41.08
N ARG D 67 -41.50 -10.44 -41.02
CA ARG D 67 -42.92 -10.18 -41.26
C ARG D 67 -43.57 -9.51 -40.06
N LYS D 68 -43.17 -9.90 -38.85
CA LYS D 68 -43.78 -9.36 -37.65
C LYS D 68 -42.78 -9.45 -36.52
N ILE D 69 -42.61 -8.36 -35.79
CA ILE D 69 -41.68 -8.31 -34.67
C ILE D 69 -42.44 -7.88 -33.43
N TYR D 70 -42.43 -8.73 -32.40
CA TYR D 70 -42.97 -8.40 -31.09
C TYR D 70 -41.83 -7.87 -30.23
N ALA D 71 -41.93 -6.61 -29.84
CA ALA D 71 -40.84 -5.93 -29.15
C ALA D 71 -41.29 -5.75 -27.69
N VAL D 72 -40.69 -6.51 -26.79
CA VAL D 72 -41.14 -6.55 -25.42
C VAL D 72 -40.23 -5.68 -24.56
N GLU D 73 -40.83 -4.78 -23.77
CA GLU D 73 -40.04 -3.86 -22.97
C GLU D 73 -40.85 -3.50 -21.72
N ALA D 74 -40.23 -3.64 -20.55
CA ALA D 74 -40.93 -3.43 -19.28
C ALA D 74 -40.73 -2.04 -18.69
N SER D 75 -39.69 -1.30 -19.10
CA SER D 75 -39.49 0.06 -18.61
C SER D 75 -40.40 1.02 -19.37
N THR D 76 -40.38 2.30 -18.96
CA THR D 76 -41.13 3.36 -19.64
C THR D 76 -40.56 3.66 -21.02
N MET D 77 -39.38 3.15 -21.34
CA MET D 77 -38.82 3.26 -22.69
C MET D 77 -39.75 2.69 -23.75
N ALA D 78 -40.72 1.85 -23.35
CA ALA D 78 -41.63 1.30 -24.35
C ALA D 78 -42.46 2.41 -25.01
N GLN D 79 -42.79 3.48 -24.28
CA GLN D 79 -43.49 4.60 -24.89
C GLN D 79 -42.63 5.27 -25.97
N HIS D 80 -41.31 5.38 -25.75
CA HIS D 80 -40.46 5.98 -26.76
C HIS D 80 -40.26 5.05 -27.96
N ALA D 81 -40.16 3.74 -27.72
CA ALA D 81 -40.12 2.80 -28.83
C ALA D 81 -41.33 2.98 -29.73
N GLU D 82 -42.52 3.07 -29.14
CA GLU D 82 -43.69 3.21 -30.00
C GLU D 82 -43.63 4.49 -30.83
N VAL D 83 -43.08 5.58 -30.28
CA VAL D 83 -42.92 6.81 -31.05
C VAL D 83 -42.00 6.57 -32.26
N LEU D 84 -40.88 5.87 -32.05
CA LEU D 84 -39.99 5.59 -33.17
C LEU D 84 -40.62 4.65 -34.18
N VAL D 85 -41.44 3.68 -33.72
CA VAL D 85 -42.09 2.79 -34.69
C VAL D 85 -43.02 3.59 -35.61
N LYS D 86 -43.83 4.47 -35.03
CA LYS D 86 -44.71 5.31 -35.85
C LYS D 86 -43.92 6.28 -36.75
N SER D 87 -42.88 6.92 -36.21
CA SER D 87 -42.20 7.90 -37.05
C SER D 87 -41.35 7.25 -38.13
N ASN D 88 -41.01 5.96 -37.98
CA ASN D 88 -40.32 5.23 -39.03
C ASN D 88 -41.29 4.45 -39.92
N ASN D 89 -42.60 4.70 -39.78
CA ASN D 89 -43.63 4.09 -40.64
C ASN D 89 -43.55 2.57 -40.64
N LEU D 90 -43.39 1.98 -39.45
CA LEU D 90 -43.25 0.54 -39.31
C LEU D 90 -44.33 -0.06 -38.41
N THR D 91 -45.48 0.62 -38.27
CA THR D 91 -46.57 0.12 -37.42
C THR D 91 -47.17 -1.19 -37.97
N ASP D 92 -47.04 -1.46 -39.25
CA ASP D 92 -47.52 -2.73 -39.76
C ASP D 92 -46.59 -3.90 -39.44
N ARG D 93 -45.41 -3.67 -38.86
CA ARG D 93 -44.47 -4.77 -38.67
C ARG D 93 -43.87 -4.89 -37.27
N ILE D 94 -43.69 -3.78 -36.55
CA ILE D 94 -43.14 -3.82 -35.20
C ILE D 94 -44.26 -3.56 -34.20
N VAL D 95 -44.47 -4.50 -33.27
CA VAL D 95 -45.54 -4.40 -32.29
C VAL D 95 -44.90 -4.34 -30.91
N VAL D 96 -44.91 -3.15 -30.31
CA VAL D 96 -44.40 -2.98 -28.95
C VAL D 96 -45.39 -3.60 -27.97
N ILE D 97 -44.88 -4.41 -27.05
CA ILE D 97 -45.71 -5.07 -26.06
C ILE D 97 -45.15 -4.73 -24.68
N PRO D 98 -45.80 -3.82 -23.94
CA PRO D 98 -45.23 -3.35 -22.67
C PRO D 98 -45.37 -4.40 -21.59
N GLY D 99 -44.29 -4.62 -20.85
CA GLY D 99 -44.31 -5.58 -19.75
C GLY D 99 -43.07 -6.46 -19.74
N LYS D 100 -42.92 -7.28 -18.71
CA LYS D 100 -41.83 -8.24 -18.61
C LYS D 100 -42.15 -9.46 -19.47
N VAL D 101 -41.11 -10.03 -20.07
CA VAL D 101 -41.36 -11.17 -20.96
C VAL D 101 -41.94 -12.37 -20.21
N GLU D 102 -41.70 -12.45 -18.90
CA GLU D 102 -42.34 -13.49 -18.10
C GLU D 102 -43.83 -13.27 -17.90
N GLU D 103 -44.37 -12.09 -18.23
CA GLU D 103 -45.76 -11.81 -17.91
C GLU D 103 -46.63 -11.42 -19.08
N VAL D 104 -46.07 -11.06 -20.23
CA VAL D 104 -46.87 -10.71 -21.40
C VAL D 104 -47.52 -11.93 -22.01
N SER D 105 -48.48 -11.72 -22.91
CA SER D 105 -49.02 -12.78 -23.78
C SER D 105 -48.77 -12.37 -25.22
N LEU D 106 -48.05 -13.18 -25.94
CA LEU D 106 -47.91 -12.95 -27.38
C LEU D 106 -48.97 -13.74 -28.12
N PRO D 107 -49.41 -13.28 -29.29
CA PRO D 107 -50.49 -13.99 -30.01
C PRO D 107 -50.05 -15.24 -30.76
N GLU D 108 -48.75 -15.51 -30.89
CA GLU D 108 -48.27 -16.61 -31.72
C GLU D 108 -46.85 -16.93 -31.32
N GLN D 109 -46.40 -18.12 -31.72
CA GLN D 109 -45.01 -18.54 -31.53
C GLN D 109 -44.10 -17.87 -32.56
N VAL D 110 -42.81 -17.82 -32.26
CA VAL D 110 -41.90 -17.04 -33.09
C VAL D 110 -40.83 -17.95 -33.69
N ASP D 111 -40.28 -17.49 -34.81
CA ASP D 111 -39.19 -18.18 -35.47
C ASP D 111 -37.86 -17.89 -34.82
N ILE D 112 -37.68 -16.69 -34.28
CA ILE D 112 -36.36 -16.34 -33.76
C ILE D 112 -36.55 -15.30 -32.66
N ILE D 113 -35.74 -15.42 -31.62
CA ILE D 113 -35.71 -14.47 -30.52
C ILE D 113 -34.40 -13.69 -30.64
N ILE D 114 -34.50 -12.36 -30.56
CA ILE D 114 -33.30 -11.54 -30.54
C ILE D 114 -33.28 -10.75 -29.23
N SER D 115 -32.08 -10.49 -28.74
CA SER D 115 -32.00 -9.70 -27.51
C SER D 115 -30.56 -9.25 -27.36
N GLU D 116 -30.37 -8.21 -26.56
CA GLU D 116 -29.06 -7.89 -26.03
C GLU D 116 -29.19 -8.02 -24.53
N PRO D 117 -29.01 -9.22 -23.99
CA PRO D 117 -29.24 -9.46 -22.56
C PRO D 117 -27.98 -9.46 -21.70
N MET D 118 -26.84 -8.99 -22.21
CA MET D 118 -25.58 -9.12 -21.50
C MET D 118 -25.37 -7.92 -20.58
N GLY D 119 -25.29 -8.18 -19.26
CA GLY D 119 -24.80 -7.17 -18.34
C GLY D 119 -23.29 -7.11 -18.38
N TYR D 120 -22.70 -6.22 -17.59
CA TYR D 120 -21.26 -6.30 -17.45
C TYR D 120 -20.91 -7.63 -16.79
N MET D 121 -19.73 -8.15 -17.12
CA MET D 121 -19.34 -9.49 -16.73
C MET D 121 -20.37 -10.52 -17.19
N LEU D 122 -21.08 -10.18 -18.28
CA LEU D 122 -22.12 -10.99 -18.89
C LEU D 122 -23.34 -11.17 -17.99
N PHE D 123 -23.13 -11.68 -16.77
CA PHE D 123 -24.25 -12.18 -15.98
C PHE D 123 -25.00 -11.12 -15.19
N ASN D 124 -24.50 -9.88 -15.11
CA ASN D 124 -24.95 -8.97 -14.05
C ASN D 124 -26.47 -8.81 -13.93
N GLU D 125 -27.18 -8.57 -15.01
CA GLU D 125 -28.57 -8.14 -14.71
C GLU D 125 -29.60 -9.27 -14.60
N ARG D 126 -29.15 -10.52 -14.68
CA ARG D 126 -30.02 -11.70 -14.74
C ARG D 126 -30.98 -11.63 -15.90
N MET D 127 -30.68 -10.78 -16.88
CA MET D 127 -31.48 -10.74 -18.10
C MET D 127 -31.29 -12.00 -18.96
N LEU D 128 -30.18 -12.72 -18.79
CA LEU D 128 -30.03 -13.99 -19.50
C LEU D 128 -31.20 -14.94 -19.18
N GLU D 129 -31.66 -14.92 -17.92
CA GLU D 129 -32.79 -15.76 -17.54
C GLU D 129 -34.07 -15.33 -18.23
N SER D 130 -34.29 -14.02 -18.38
CA SER D 130 -35.47 -13.58 -19.11
C SER D 130 -35.39 -14.00 -20.57
N TYR D 131 -34.20 -13.88 -21.16
CA TYR D 131 -33.96 -14.33 -22.54
C TYR D 131 -34.27 -15.81 -22.70
N LEU D 132 -33.74 -16.64 -21.79
CA LEU D 132 -34.06 -18.08 -21.82
C LEU D 132 -35.53 -18.33 -21.54
N HIS D 133 -36.14 -17.55 -20.63
CA HIS D 133 -37.58 -17.73 -20.35
C HIS D 133 -38.40 -17.54 -21.61
N ALA D 134 -37.99 -16.62 -22.48
CA ALA D 134 -38.72 -16.30 -23.70
C ALA D 134 -38.84 -17.49 -24.63
N LYS D 135 -38.01 -18.53 -24.44
CA LYS D 135 -38.08 -19.69 -25.31
C LYS D 135 -39.39 -20.45 -25.21
N LYS D 136 -40.24 -20.18 -24.22
CA LYS D 136 -41.59 -20.74 -24.27
C LYS D 136 -42.37 -20.28 -25.51
N TYR D 137 -41.92 -19.22 -26.21
CA TYR D 137 -42.56 -18.76 -27.44
C TYR D 137 -41.83 -19.21 -28.71
N LEU D 138 -40.72 -19.91 -28.58
CA LEU D 138 -39.92 -20.25 -29.75
C LEU D 138 -40.46 -21.53 -30.39
N LYS D 139 -40.66 -21.50 -31.71
CA LYS D 139 -41.08 -22.69 -32.43
C LYS D 139 -39.97 -23.74 -32.39
N PRO D 140 -40.32 -25.02 -32.56
CA PRO D 140 -39.29 -26.05 -32.66
C PRO D 140 -38.31 -25.71 -33.77
N SER D 141 -37.02 -25.83 -33.47
CA SER D 141 -35.95 -25.43 -34.39
C SER D 141 -36.04 -23.95 -34.78
N GLY D 142 -36.61 -23.12 -33.91
CA GLY D 142 -36.33 -21.70 -34.00
C GLY D 142 -34.91 -21.39 -33.55
N ASN D 143 -34.49 -20.14 -33.75
CA ASN D 143 -33.12 -19.76 -33.47
C ASN D 143 -33.11 -18.64 -32.43
N MET D 144 -31.95 -18.44 -31.81
CA MET D 144 -31.70 -17.39 -30.84
C MET D 144 -30.52 -16.55 -31.31
N PHE D 145 -30.66 -15.22 -31.21
CA PHE D 145 -29.61 -14.26 -31.59
C PHE D 145 -29.44 -13.31 -30.40
N PRO D 146 -28.37 -13.46 -29.60
CA PRO D 146 -27.25 -14.37 -29.81
C PRO D 146 -27.55 -15.82 -29.45
N THR D 147 -26.74 -16.73 -29.99
CA THR D 147 -26.95 -18.16 -29.88
C THR D 147 -26.19 -18.76 -28.71
N ILE D 148 -24.93 -18.38 -28.53
CA ILE D 148 -24.12 -18.86 -27.41
C ILE D 148 -23.36 -17.66 -26.87
N GLY D 149 -22.90 -17.81 -25.64
CA GLY D 149 -21.97 -16.86 -25.05
C GLY D 149 -20.80 -17.59 -24.41
N ASP D 150 -19.61 -17.02 -24.59
CA ASP D 150 -18.39 -17.58 -24.00
C ASP D 150 -17.90 -16.62 -22.92
N VAL D 151 -17.77 -17.11 -21.70
CA VAL D 151 -17.10 -16.39 -20.63
C VAL D 151 -15.63 -16.76 -20.62
N HIS D 152 -14.77 -15.76 -20.60
CA HIS D 152 -13.33 -15.98 -20.50
C HIS D 152 -12.86 -15.45 -19.16
N LEU D 153 -12.05 -16.22 -18.47
CA LEU D 153 -11.36 -15.72 -17.29
C LEU D 153 -9.90 -16.07 -17.38
N ALA D 154 -9.05 -15.18 -16.84
CA ALA D 154 -7.60 -15.34 -16.87
C ALA D 154 -6.99 -14.62 -15.66
N PRO D 155 -5.94 -15.17 -15.07
CA PRO D 155 -5.27 -14.47 -13.95
C PRO D 155 -4.49 -13.26 -14.45
N PHE D 156 -4.45 -12.22 -13.61
CA PHE D 156 -3.76 -10.99 -13.97
C PHE D 156 -2.85 -10.53 -12.83
N THR D 157 -1.84 -9.75 -13.18
CA THR D 157 -1.02 -9.05 -12.22
C THR D 157 -1.17 -7.55 -12.46
N ASP D 158 -1.41 -6.80 -11.38
CA ASP D 158 -1.64 -5.36 -11.54
C ASP D 158 -1.52 -4.71 -10.17
N GLU D 159 -0.27 -4.40 -9.80
CA GLU D 159 0.02 -3.89 -8.47
C GLU D 159 -0.62 -2.54 -8.22
N GLN D 160 -0.68 -1.68 -9.25
CA GLN D 160 -1.25 -0.35 -9.05
C GLN D 160 -2.74 -0.41 -8.80
N LEU D 161 -3.45 -1.36 -9.41
CA LEU D 161 -4.88 -1.48 -9.12
C LEU D 161 -5.09 -2.00 -7.70
N TYR D 162 -4.37 -3.05 -7.34
CA TYR D 162 -4.44 -3.58 -5.97
C TYR D 162 -4.16 -2.50 -4.95
N MET D 163 -3.09 -1.73 -5.16
CA MET D 163 -2.72 -0.68 -4.23
C MET D 163 -3.71 0.47 -4.26
N GLU D 164 -4.34 0.72 -5.41
CA GLU D 164 -5.40 1.72 -5.48
C GLU D 164 -6.54 1.37 -4.53
N GLN D 165 -7.03 0.13 -4.57
CA GLN D 165 -8.13 -0.28 -3.71
C GLN D 165 -7.70 -0.46 -2.27
N PHE D 166 -6.46 -0.94 -2.08
CA PHE D 166 -5.96 -1.19 -0.75
C PHE D 166 -5.76 0.11 0.03
N THR D 167 -5.32 1.16 -0.65
CA THR D 167 -5.09 2.41 0.06
C THR D 167 -6.39 3.13 0.37
N LYS D 168 -7.43 2.96 -0.46
CA LYS D 168 -8.75 3.48 -0.10
C LYS D 168 -9.22 2.87 1.21
N ALA D 169 -9.13 1.55 1.33
CA ALA D 169 -9.53 0.87 2.56
C ALA D 169 -8.67 1.29 3.74
N ASN D 170 -7.40 1.63 3.49
CA ASN D 170 -6.50 1.95 4.60
C ASN D 170 -6.86 3.26 5.28
N PHE D 171 -7.79 4.04 4.72
CA PHE D 171 -8.40 5.14 5.47
C PHE D 171 -8.89 4.63 6.81
N TRP D 172 -9.46 3.42 6.83
CA TRP D 172 -10.05 2.87 8.03
C TRP D 172 -9.02 2.20 8.93
N TYR D 173 -7.75 2.48 8.68
CA TYR D 173 -6.66 2.00 9.49
C TYR D 173 -6.13 3.08 10.44
N GLN D 174 -6.50 4.35 10.23
CA GLN D 174 -5.98 5.43 11.08
C GLN D 174 -6.40 5.23 12.53
N PRO D 175 -5.47 5.31 13.48
CA PRO D 175 -5.85 5.26 14.90
C PRO D 175 -6.36 6.57 15.45
N SER D 176 -6.33 7.67 14.71
CA SER D 176 -6.62 8.99 15.29
C SER D 176 -7.13 9.95 14.22
N PHE D 177 -8.23 9.60 13.55
CA PHE D 177 -8.90 10.49 12.60
C PHE D 177 -9.66 11.52 13.41
N HIS D 178 -9.21 12.77 13.37
CA HIS D 178 -9.61 13.76 14.36
C HIS D 178 -9.42 13.08 15.72
N GLY D 179 -10.39 13.08 16.61
CA GLY D 179 -9.83 12.34 17.75
C GLY D 179 -9.92 10.81 17.76
N VAL D 180 -10.28 10.16 16.66
CA VAL D 180 -11.00 8.89 16.73
C VAL D 180 -10.21 7.74 16.14
N ASP D 181 -10.21 6.61 16.85
CA ASP D 181 -9.56 5.40 16.39
C ASP D 181 -10.53 4.65 15.48
N LEU D 182 -10.23 4.64 14.18
CA LEU D 182 -11.03 3.94 13.19
C LEU D 182 -10.57 2.50 12.97
N SER D 183 -9.39 2.15 13.48
CA SER D 183 -8.65 0.96 13.05
C SER D 183 -9.42 -0.34 13.25
N ALA D 184 -10.39 -0.37 14.16
CA ALA D 184 -11.13 -1.62 14.34
C ALA D 184 -12.02 -1.95 13.14
N LEU D 185 -12.24 -1.00 12.23
CA LEU D 185 -12.99 -1.26 11.01
C LEU D 185 -12.11 -1.55 9.78
N ARG D 186 -10.80 -1.68 9.95
CA ARG D 186 -9.94 -1.85 8.76
C ARG D 186 -10.29 -3.14 8.02
N GLY D 187 -10.58 -4.21 8.78
CA GLY D 187 -10.93 -5.47 8.13
C GLY D 187 -12.24 -5.39 7.38
N ALA D 188 -13.24 -4.73 7.98
CA ALA D 188 -14.50 -4.49 7.29
C ALA D 188 -14.29 -3.62 6.06
N ALA D 189 -13.41 -2.63 6.14
CA ALA D 189 -13.20 -1.75 4.98
C ALA D 189 -12.50 -2.49 3.84
N VAL D 190 -11.51 -3.34 4.16
CA VAL D 190 -10.85 -4.09 3.10
C VAL D 190 -11.84 -5.03 2.43
N ASP D 191 -12.65 -5.71 3.24
CA ASP D 191 -13.69 -6.59 2.69
C ASP D 191 -14.64 -5.84 1.78
N GLU D 192 -15.10 -4.66 2.20
CA GLU D 192 -16.04 -3.89 1.38
C GLU D 192 -15.42 -3.48 0.04
N TYR D 193 -14.20 -2.97 0.06
CA TYR D 193 -13.59 -2.49 -1.18
C TYR D 193 -13.27 -3.65 -2.12
N PHE D 194 -12.80 -4.77 -1.57
CA PHE D 194 -12.43 -5.90 -2.42
C PHE D 194 -13.64 -6.77 -2.80
N ARG D 195 -14.82 -6.53 -2.23
CA ARG D 195 -16.04 -7.14 -2.72
C ARG D 195 -16.50 -6.56 -4.05
N GLN D 196 -15.88 -5.46 -4.52
CA GLN D 196 -16.34 -4.75 -5.71
C GLN D 196 -15.56 -5.21 -6.94
N PRO D 197 -16.20 -5.84 -7.93
CA PRO D 197 -15.49 -6.08 -9.18
C PRO D 197 -15.16 -4.74 -9.81
N VAL D 198 -14.06 -4.71 -10.53
CA VAL D 198 -13.55 -3.49 -11.14
C VAL D 198 -13.89 -3.52 -12.62
N VAL D 199 -14.73 -2.60 -13.05
CA VAL D 199 -15.14 -2.52 -14.44
C VAL D 199 -14.29 -1.46 -15.11
N ASP D 200 -13.39 -1.91 -15.98
CA ASP D 200 -12.68 -1.05 -16.92
C ASP D 200 -11.77 -1.90 -17.80
N THR D 201 -11.05 -1.26 -18.71
CA THR D 201 -10.17 -1.98 -19.60
C THR D 201 -8.74 -1.94 -19.07
N PHE D 202 -7.86 -2.69 -19.72
CA PHE D 202 -6.49 -2.82 -19.25
C PHE D 202 -5.61 -3.26 -20.42
N ASP D 203 -4.30 -3.12 -20.21
CA ASP D 203 -3.31 -3.66 -21.15
C ASP D 203 -3.22 -5.17 -21.01
N ILE D 204 -3.19 -5.86 -22.16
CA ILE D 204 -3.20 -7.33 -22.13
C ILE D 204 -1.91 -7.91 -21.57
N ARG D 205 -0.86 -7.10 -21.44
CA ARG D 205 0.34 -7.65 -20.84
C ARG D 205 0.19 -7.90 -19.33
N ILE D 206 -0.95 -7.55 -18.72
CA ILE D 206 -1.18 -7.93 -17.33
C ILE D 206 -1.65 -9.37 -17.20
N LEU D 207 -2.02 -10.03 -18.31
CA LEU D 207 -2.55 -11.39 -18.22
C LEU D 207 -1.40 -12.39 -18.12
N MET D 208 -1.54 -13.36 -17.22
CA MET D 208 -0.44 -14.25 -16.86
C MET D 208 -0.62 -15.67 -17.38
N ALA D 209 -1.75 -15.97 -18.00
CA ALA D 209 -2.02 -17.30 -18.50
C ALA D 209 -3.09 -17.16 -19.56
N LYS D 210 -3.16 -18.18 -20.42
CA LYS D 210 -4.21 -18.22 -21.43
C LYS D 210 -5.56 -18.40 -20.75
N SER D 211 -6.58 -17.73 -21.27
CA SER D 211 -7.88 -17.72 -20.62
C SER D 211 -8.52 -19.11 -20.64
N VAL D 212 -9.38 -19.35 -19.65
CA VAL D 212 -10.27 -20.51 -19.62
C VAL D 212 -11.63 -20.05 -20.13
N LYS D 213 -12.28 -20.88 -20.93
CA LYS D 213 -13.54 -20.51 -21.56
C LYS D 213 -14.69 -21.34 -21.00
N TYR D 214 -15.79 -20.68 -20.68
CA TYR D 214 -17.01 -21.34 -20.20
C TYR D 214 -18.15 -20.92 -21.11
N THR D 215 -18.84 -21.87 -21.72
CA THR D 215 -19.80 -21.58 -22.77
C THR D 215 -21.20 -21.83 -22.27
N VAL D 216 -22.09 -20.86 -22.49
CA VAL D 216 -23.52 -21.05 -22.24
C VAL D 216 -24.20 -21.11 -23.59
N ASN D 217 -24.92 -22.19 -23.85
CA ASN D 217 -25.63 -22.37 -25.10
C ASN D 217 -27.07 -21.91 -24.88
N PHE D 218 -27.42 -20.76 -25.46
CA PHE D 218 -28.75 -20.21 -25.22
C PHE D 218 -29.84 -21.03 -25.93
N LEU D 219 -29.51 -21.72 -27.01
CA LEU D 219 -30.49 -22.62 -27.62
C LEU D 219 -30.85 -23.78 -26.71
N GLU D 220 -29.92 -24.22 -25.86
CA GLU D 220 -30.15 -25.44 -25.09
C GLU D 220 -30.33 -25.20 -23.60
N ALA D 221 -29.78 -24.13 -23.04
CA ALA D 221 -29.88 -23.96 -21.59
C ALA D 221 -31.31 -23.63 -21.17
N LYS D 222 -31.66 -24.07 -19.97
CA LYS D 222 -32.93 -23.73 -19.36
C LYS D 222 -32.71 -22.59 -18.36
N GLU D 223 -33.79 -21.82 -18.14
CA GLU D 223 -33.75 -20.65 -17.26
C GLU D 223 -33.15 -21.01 -15.91
N GLY D 224 -33.56 -22.14 -15.33
CA GLY D 224 -33.08 -22.55 -14.03
C GLY D 224 -31.64 -22.95 -14.00
N ASP D 225 -31.04 -23.23 -15.17
CA ASP D 225 -29.61 -23.48 -15.25
C ASP D 225 -28.78 -22.26 -14.84
N LEU D 226 -29.35 -21.06 -14.86
CA LEU D 226 -28.57 -19.86 -14.52
C LEU D 226 -28.69 -19.46 -13.07
N HIS D 227 -29.42 -20.22 -12.25
CA HIS D 227 -29.50 -19.88 -10.83
C HIS D 227 -28.16 -20.11 -10.13
N ARG D 228 -27.41 -21.12 -10.57
CA ARG D 228 -26.10 -21.45 -9.99
C ARG D 228 -25.17 -21.78 -11.13
N ILE D 229 -24.05 -21.07 -11.22
CA ILE D 229 -23.13 -21.17 -12.36
C ILE D 229 -21.76 -21.48 -11.77
N GLU D 230 -21.26 -22.69 -12.01
CA GLU D 230 -20.02 -23.16 -11.41
C GLU D 230 -18.97 -23.26 -12.52
N ILE D 231 -17.95 -22.41 -12.44
CA ILE D 231 -16.92 -22.37 -13.48
C ILE D 231 -15.58 -22.83 -12.90
N PRO D 232 -15.23 -24.11 -13.04
CA PRO D 232 -13.92 -24.54 -12.59
C PRO D 232 -12.86 -24.06 -13.56
N PHE D 233 -11.64 -23.89 -13.06
CA PHE D 233 -10.56 -23.42 -13.91
C PHE D 233 -9.24 -24.03 -13.46
N LYS D 234 -8.35 -24.17 -14.42
CA LYS D 234 -6.98 -24.63 -14.18
C LYS D 234 -6.10 -23.87 -15.16
N PHE D 235 -5.32 -22.91 -14.66
CA PHE D 235 -4.47 -22.09 -15.50
C PHE D 235 -3.06 -22.66 -15.50
N HIS D 236 -2.42 -22.66 -16.66
CA HIS D 236 -1.00 -22.97 -16.76
C HIS D 236 -0.27 -21.64 -16.84
N MET D 237 0.35 -21.26 -15.72
CA MET D 237 0.93 -19.93 -15.61
C MET D 237 2.08 -19.77 -16.60
N LEU D 238 2.02 -18.71 -17.41
CA LEU D 238 3.04 -18.45 -18.40
C LEU D 238 4.10 -17.47 -17.91
N HIS D 239 3.85 -16.81 -16.78
CA HIS D 239 4.71 -15.75 -16.28
C HIS D 239 4.76 -15.88 -14.78
N SER D 240 5.94 -15.67 -14.20
CA SER D 240 6.05 -15.64 -12.76
C SER D 240 5.63 -14.28 -12.23
N GLY D 241 5.16 -14.26 -10.99
CA GLY D 241 4.85 -13.02 -10.33
C GLY D 241 3.63 -13.17 -9.44
N LEU D 242 3.06 -12.02 -9.07
CA LEU D 242 1.94 -11.99 -8.14
C LEU D 242 0.63 -11.99 -8.91
N VAL D 243 -0.27 -12.90 -8.55
CA VAL D 243 -1.60 -12.95 -9.14
C VAL D 243 -2.53 -12.14 -8.23
N HIS D 244 -2.99 -10.99 -8.74
CA HIS D 244 -3.86 -10.12 -7.97
C HIS D 244 -5.33 -10.43 -8.14
N GLY D 245 -5.71 -11.25 -9.12
CA GLY D 245 -7.10 -11.61 -9.29
C GLY D 245 -7.36 -12.25 -10.64
N LEU D 246 -8.65 -12.43 -10.93
CA LEU D 246 -9.12 -12.96 -12.21
C LEU D 246 -9.76 -11.85 -13.03
N ALA D 247 -9.43 -11.81 -14.31
CA ALA D 247 -10.02 -10.89 -15.27
C ALA D 247 -11.08 -11.62 -16.08
N PHE D 248 -12.18 -10.94 -16.37
CA PHE D 248 -13.31 -11.55 -17.04
C PHE D 248 -13.69 -10.76 -18.29
N TRP D 249 -14.02 -11.49 -19.35
CA TRP D 249 -14.65 -10.86 -20.51
C TRP D 249 -15.52 -11.92 -21.15
N PHE D 250 -16.24 -11.53 -22.21
CA PHE D 250 -17.14 -12.50 -22.84
C PHE D 250 -17.30 -12.22 -24.31
N ASP D 251 -17.60 -13.29 -25.05
CA ASP D 251 -17.99 -13.18 -26.45
C ASP D 251 -19.38 -13.80 -26.61
N VAL D 252 -20.14 -13.28 -27.57
CA VAL D 252 -21.38 -13.94 -27.95
C VAL D 252 -21.33 -14.16 -29.46
N ALA D 253 -21.91 -15.26 -29.90
CA ALA D 253 -21.93 -15.61 -31.31
C ALA D 253 -23.37 -15.63 -31.79
N PHE D 254 -23.61 -15.03 -32.95
CA PHE D 254 -24.88 -15.10 -33.65
C PHE D 254 -24.71 -16.17 -34.74
N ILE D 255 -25.28 -17.35 -34.51
CA ILE D 255 -25.03 -18.52 -35.38
C ILE D 255 -26.20 -18.58 -36.35
N GLY D 256 -26.04 -17.89 -37.47
CA GLY D 256 -27.11 -17.82 -38.44
C GLY D 256 -27.00 -18.92 -39.49
N SER D 257 -28.01 -18.96 -40.37
CA SER D 257 -28.01 -19.92 -41.46
C SER D 257 -27.01 -19.54 -42.53
N ILE D 258 -26.69 -18.25 -42.66
CA ILE D 258 -25.73 -17.84 -43.66
C ILE D 258 -24.34 -17.75 -43.08
N MET D 259 -24.19 -17.11 -41.92
CA MET D 259 -22.87 -17.03 -41.31
C MET D 259 -22.96 -16.86 -39.80
N THR D 260 -21.85 -17.16 -39.14
CA THR D 260 -21.70 -16.87 -37.73
C THR D 260 -21.01 -15.54 -37.56
N VAL D 261 -21.58 -14.66 -36.75
CA VAL D 261 -21.01 -13.35 -36.46
C VAL D 261 -20.73 -13.30 -34.97
N TRP D 262 -19.51 -12.87 -34.60
CA TRP D 262 -19.09 -12.80 -33.22
C TRP D 262 -19.09 -11.35 -32.72
N LEU D 263 -19.57 -11.16 -31.49
CA LEU D 263 -19.38 -9.90 -30.76
C LEU D 263 -18.49 -10.17 -29.55
N SER D 264 -17.32 -9.55 -29.51
CA SER D 264 -16.34 -9.81 -28.46
C SER D 264 -16.19 -8.58 -27.55
N THR D 265 -16.04 -8.81 -26.25
CA THR D 265 -15.59 -7.78 -25.33
C THR D 265 -14.18 -8.05 -24.81
N ALA D 266 -13.41 -8.85 -25.54
CA ALA D 266 -12.06 -9.22 -25.12
C ALA D 266 -11.11 -8.02 -25.09
N PRO D 267 -10.12 -8.03 -24.20
CA PRO D 267 -9.14 -6.93 -24.17
C PRO D 267 -8.20 -6.94 -25.36
N THR D 268 -8.21 -8.00 -26.16
CA THR D 268 -7.51 -8.01 -27.44
C THR D 268 -8.33 -7.39 -28.58
N GLU D 269 -9.61 -7.07 -28.34
CA GLU D 269 -10.50 -6.53 -29.37
C GLU D 269 -10.83 -5.06 -29.08
N PRO D 270 -11.37 -4.33 -30.07
CA PRO D 270 -11.71 -2.93 -29.81
C PRO D 270 -12.64 -2.80 -28.61
N LEU D 271 -12.47 -1.69 -27.90
CA LEU D 271 -13.19 -1.47 -26.65
C LEU D 271 -14.69 -1.33 -26.88
N THR D 272 -15.49 -1.89 -25.97
CA THR D 272 -16.93 -1.73 -25.97
C THR D 272 -17.37 -1.06 -24.68
N HIS D 273 -18.66 -0.69 -24.60
CA HIS D 273 -19.14 -0.06 -23.38
C HIS D 273 -19.23 -1.05 -22.21
N TRP D 274 -19.01 -2.35 -22.47
CA TRP D 274 -18.86 -3.35 -21.41
C TRP D 274 -17.47 -3.33 -20.78
N TYR D 275 -16.48 -2.76 -21.47
CA TYR D 275 -15.11 -2.83 -20.98
C TYR D 275 -14.78 -4.28 -20.65
N GLN D 276 -14.12 -4.48 -19.51
CA GLN D 276 -13.85 -5.80 -18.96
C GLN D 276 -14.03 -5.70 -17.45
N VAL D 277 -13.91 -6.84 -16.77
CA VAL D 277 -14.15 -6.90 -15.32
C VAL D 277 -13.03 -7.67 -14.64
N ARG D 278 -12.53 -7.11 -13.55
CA ARG D 278 -11.50 -7.75 -12.75
C ARG D 278 -11.99 -7.92 -11.32
N CYS D 279 -11.83 -9.13 -10.78
CA CYS D 279 -12.12 -9.45 -9.39
C CYS D 279 -10.79 -9.59 -8.67
N LEU D 280 -10.53 -8.67 -7.74
CA LEU D 280 -9.27 -8.64 -7.03
C LEU D 280 -9.27 -9.62 -5.87
N PHE D 281 -8.14 -10.28 -5.68
CA PHE D 281 -7.90 -11.04 -4.47
C PHE D 281 -7.45 -10.09 -3.36
N GLN D 282 -8.12 -10.17 -2.21
CA GLN D 282 -7.69 -9.44 -1.03
C GLN D 282 -6.24 -9.80 -0.66
N SER D 283 -5.86 -11.05 -0.88
CA SER D 283 -4.51 -11.54 -0.59
C SER D 283 -3.96 -12.18 -1.85
N PRO D 284 -3.10 -11.48 -2.59
CA PRO D 284 -2.60 -12.02 -3.86
C PRO D 284 -1.80 -13.31 -3.69
N LEU D 285 -1.72 -14.06 -4.79
CA LEU D 285 -1.02 -15.34 -4.83
C LEU D 285 0.25 -15.20 -5.66
N PHE D 286 1.36 -15.74 -5.16
CA PHE D 286 2.58 -15.81 -5.94
C PHE D 286 2.60 -17.14 -6.70
N ALA D 287 2.93 -17.09 -7.97
CA ALA D 287 3.11 -18.31 -8.73
C ALA D 287 4.31 -18.12 -9.65
N LYS D 288 4.96 -19.22 -9.99
CA LYS D 288 6.06 -19.21 -10.94
C LYS D 288 5.56 -19.72 -12.28
N ALA D 289 6.20 -19.25 -13.34
CA ALA D 289 5.90 -19.77 -14.67
C ALA D 289 5.94 -21.28 -14.65
N GLY D 290 4.92 -21.90 -15.24
CA GLY D 290 4.80 -23.34 -15.23
C GLY D 290 3.94 -23.92 -14.13
N ASP D 291 3.64 -23.17 -13.08
CA ASP D 291 2.72 -23.68 -12.06
C ASP D 291 1.29 -23.78 -12.62
N THR D 292 0.43 -24.41 -11.84
CA THR D 292 -0.99 -24.44 -12.13
C THR D 292 -1.75 -23.67 -11.05
N LEU D 293 -2.67 -22.81 -11.48
CA LEU D 293 -3.59 -22.10 -10.60
C LEU D 293 -4.99 -22.65 -10.86
N SER D 294 -5.57 -23.32 -9.89
CA SER D 294 -6.83 -24.01 -10.11
C SER D 294 -7.83 -23.58 -9.06
N GLY D 295 -9.10 -23.77 -9.37
CA GLY D 295 -10.14 -23.40 -8.43
C GLY D 295 -11.47 -23.29 -9.12
N THR D 296 -12.38 -22.54 -8.47
CA THR D 296 -13.75 -22.46 -8.94
C THR D 296 -14.23 -21.02 -8.83
N CYS D 297 -14.94 -20.57 -9.87
CA CYS D 297 -15.73 -19.35 -9.84
C CYS D 297 -17.19 -19.76 -9.76
N LEU D 298 -17.85 -19.46 -8.64
CA LEU D 298 -19.24 -19.85 -8.43
C LEU D 298 -20.11 -18.62 -8.39
N LEU D 299 -21.14 -18.58 -9.26
CA LEU D 299 -22.13 -17.50 -9.26
C LEU D 299 -23.47 -18.03 -8.76
N ILE D 300 -24.01 -17.41 -7.72
CA ILE D 300 -25.34 -17.72 -7.18
C ILE D 300 -26.22 -16.52 -7.41
N ALA D 301 -27.36 -16.72 -8.08
CA ALA D 301 -28.29 -15.63 -8.36
C ALA D 301 -28.89 -15.12 -7.06
N ASN D 302 -29.00 -13.80 -6.93
CA ASN D 302 -29.56 -13.18 -5.73
C ASN D 302 -30.82 -12.41 -6.09
N LYS D 303 -31.38 -11.72 -5.10
CA LYS D 303 -32.65 -11.02 -5.28
C LYS D 303 -32.47 -9.55 -5.63
N ARG D 304 -31.25 -9.15 -5.99
CA ARG D 304 -30.96 -7.81 -6.47
C ARG D 304 -30.53 -7.86 -7.93
N GLN D 305 -31.18 -8.76 -8.68
CA GLN D 305 -31.01 -8.88 -10.12
C GLN D 305 -29.55 -9.12 -10.49
N SER D 306 -28.84 -9.88 -9.65
CA SER D 306 -27.42 -10.05 -9.89
C SER D 306 -26.97 -11.35 -9.25
N TYR D 307 -25.67 -11.48 -8.98
CA TYR D 307 -25.07 -12.72 -8.52
C TYR D 307 -24.13 -12.46 -7.36
N ASP D 308 -24.13 -13.37 -6.37
CA ASP D 308 -23.05 -13.45 -5.39
C ASP D 308 -21.93 -14.28 -6.00
N ILE D 309 -20.71 -13.72 -6.04
CA ILE D 309 -19.58 -14.35 -6.69
C ILE D 309 -18.64 -14.88 -5.62
N SER D 310 -18.37 -16.17 -5.68
CA SER D 310 -17.37 -16.81 -4.85
C SER D 310 -16.23 -17.25 -5.77
N ILE D 311 -15.01 -16.80 -5.50
CA ILE D 311 -13.82 -17.25 -6.23
C ILE D 311 -12.85 -17.84 -5.23
N VAL D 312 -12.53 -19.12 -5.41
CA VAL D 312 -11.47 -19.77 -4.65
C VAL D 312 -10.43 -20.24 -5.66
N ALA D 313 -9.17 -19.87 -5.42
CA ALA D 313 -8.08 -20.23 -6.31
C ALA D 313 -6.91 -20.68 -5.46
N GLN D 314 -6.17 -21.67 -5.95
CA GLN D 314 -4.96 -22.09 -5.25
C GLN D 314 -3.86 -22.42 -6.24
N VAL D 315 -2.64 -22.06 -5.87
CA VAL D 315 -1.46 -22.50 -6.60
C VAL D 315 -1.20 -23.93 -6.16
N ASP D 316 -1.39 -24.88 -7.09
CA ASP D 316 -1.35 -26.29 -6.72
C ASP D 316 0.01 -26.70 -6.16
N GLN D 317 1.10 -26.06 -6.60
CA GLN D 317 2.42 -26.51 -6.17
C GLN D 317 2.69 -26.18 -4.70
N THR D 318 2.10 -25.11 -4.17
CA THR D 318 2.40 -24.69 -2.81
C THR D 318 1.20 -24.72 -1.87
N GLY D 319 0.00 -25.00 -2.37
CA GLY D 319 -1.17 -24.92 -1.51
C GLY D 319 -1.54 -23.52 -1.06
N SER D 320 -0.86 -22.50 -1.58
CA SER D 320 -1.25 -21.12 -1.31
C SER D 320 -2.64 -20.86 -1.91
N LYS D 321 -3.61 -20.55 -1.05
CA LYS D 321 -5.01 -20.45 -1.40
C LYS D 321 -5.50 -19.02 -1.20
N SER D 322 -6.44 -18.60 -2.05
CA SER D 322 -7.16 -17.34 -1.88
C SER D 322 -8.63 -17.58 -2.15
N SER D 323 -9.48 -17.17 -1.19
CA SER D 323 -10.93 -17.27 -1.32
C SER D 323 -11.52 -15.88 -1.17
N ASN D 324 -12.55 -15.61 -1.96
CA ASN D 324 -13.06 -14.26 -2.15
C ASN D 324 -14.55 -14.31 -2.45
N LEU D 325 -15.26 -13.31 -1.95
CA LEU D 325 -16.69 -13.14 -2.18
C LEU D 325 -16.90 -11.75 -2.74
N LEU D 326 -17.57 -11.65 -3.88
CA LEU D 326 -17.74 -10.36 -4.54
C LEU D 326 -19.22 -10.10 -4.80
N ASP D 327 -19.57 -8.83 -4.73
CA ASP D 327 -20.95 -8.38 -4.92
C ASP D 327 -21.03 -7.76 -6.32
N LEU D 328 -21.49 -8.57 -7.29
CA LEU D 328 -21.50 -8.15 -8.68
C LEU D 328 -22.36 -6.92 -8.90
N LYS D 329 -23.42 -6.77 -8.10
CA LYS D 329 -24.36 -5.65 -8.20
C LYS D 329 -23.72 -4.30 -7.85
N ASN D 330 -22.64 -4.28 -7.08
CA ASN D 330 -22.02 -3.01 -6.66
C ASN D 330 -20.55 -2.96 -7.06
N PRO D 331 -20.26 -2.74 -8.34
CA PRO D 331 -18.87 -2.70 -8.79
C PRO D 331 -18.27 -1.30 -8.66
N PHE D 332 -16.96 -1.24 -8.83
CA PHE D 332 -16.24 0.01 -8.96
C PHE D 332 -16.12 0.30 -10.45
N PHE D 333 -16.89 1.28 -10.94
CA PHE D 333 -16.87 1.67 -12.35
C PHE D 333 -15.71 2.63 -12.57
N ARG D 334 -14.51 2.05 -12.63
CA ARG D 334 -13.27 2.81 -12.73
C ARG D 334 -13.24 3.73 -13.96
N TYR D 335 -14.40 4.36 -14.26
CA TYR D 335 -14.78 5.15 -15.45
C TYR D 335 -13.88 5.04 -16.65
N THR D 336 -13.96 3.97 -17.44
CA THR D 336 -15.13 3.06 -17.65
C THR D 336 -16.57 3.47 -17.32
#